data_6GMN
#
_entry.id   6GMN
#
_cell.length_a   93.710
_cell.length_b   93.710
_cell.length_c   364.860
_cell.angle_alpha   90.000
_cell.angle_beta   90.000
_cell.angle_gamma   90.000
#
_symmetry.space_group_name_H-M   'P 41 2 2'
#
loop_
_entity.id
_entity.type
_entity.pdbx_description
1 polymer Elongin-B
2 polymer Elongin-C
3 polymer 'von Hippel-Lindau disease tumor suppressor'
4 polymer Elongin-B
5 polymer 'von Hippel-Lindau disease tumor suppressor'
6 non-polymer 'ACETATE ION'
7 non-polymer 'methyl 4~{H}-furo[3,2-b]pyrrole-5-carboxylate'
8 water water
#
loop_
_entity_poly.entity_id
_entity_poly.type
_entity_poly.pdbx_seq_one_letter_code
_entity_poly.pdbx_strand_id
1 'polypeptide(L)'
;MDVFLMIRRHKTTIFTDAKESSTVFELKRIVEGILKRPPDEQRLYKDDQLLDDGKTLGE(CAS)GFTSQTARPQAPATVG
LAFRADDTFEALCIEPFSSPPELPDVMK
;
A
2 'polypeptide(L)'
;MMYVKLISSDGHEFIVKREHALTSGTIKAMLSGPGQFAENETNEVNFREIPSHVLSKVCMYFTYKVRYTNSSTEIPEFPI
APEIALELLMAANFLDC
;
B,E,H,K
3 'polypeptide(L)'
;GSMEAGRPRPVLRSVNSREPSQVIF(CAS)NRSPRVVLPVWLNFDGEPQPYPTLPPGTGRRIHSYRGHLWLFRDAGTHDG
LLVNQTELFVPSLNVDGQPIFANITLPVYTLKERCLQVVRSLVKPENYRRLDIVRSLYEDLEDHPNVQKDLERLTQERIA
HQRMGD
;
C,F,L
4 'polypeptide(L)'
;MDVFLMIRRHKTTIFTDAKESSTVFELKRIVEGILKRPPDEQRLYKDDQLLDDGKTLGE(CAS)GFTSQTARPQAPATVG
LAFRADDTFEAL(CAS)IEPFSSPPELPDVMK
;
D,G,J
5 'polypeptide(L)'
;GSMEAGRPRPVLRSVNSREPSQVIFCNRSPRVVLPVWLNFDGEPQPYPTLPPGTGRRIHSYRGHLWLFRDAGTHDGLLVN
QTELFVPSLNVDGQPIFANITLPVYTLKERCLQVVRSLVKPENYRRLDIVRSLYEDLEDHPNVQKDLERLTQERIAHQRM
GD
;
I
#
# COMPACT_ATOMS: atom_id res chain seq x y z
N MET A 1 -14.42 -39.58 3.16
CA MET A 1 -14.67 -38.30 2.52
C MET A 1 -15.01 -38.56 1.06
N ASP A 2 -15.93 -37.76 0.53
CA ASP A 2 -16.35 -37.87 -0.86
C ASP A 2 -15.36 -37.19 -1.81
N VAL A 3 -15.14 -37.81 -2.96
CA VAL A 3 -14.37 -37.21 -4.04
C VAL A 3 -15.31 -37.08 -5.24
N PHE A 4 -15.20 -35.99 -5.98
CA PHE A 4 -16.10 -35.71 -7.07
C PHE A 4 -15.34 -35.79 -8.38
N LEU A 5 -15.88 -36.56 -9.32
CA LEU A 5 -15.18 -37.03 -10.49
C LEU A 5 -15.97 -36.74 -11.74
N MET A 6 -15.23 -36.65 -12.83
CA MET A 6 -15.72 -36.75 -14.20
C MET A 6 -15.03 -37.95 -14.81
N ILE A 7 -15.80 -38.98 -15.18
CA ILE A 7 -15.20 -40.14 -15.84
C ILE A 7 -15.41 -39.93 -17.34
N ARG A 8 -14.31 -39.85 -18.08
CA ARG A 8 -14.39 -39.34 -19.46
C ARG A 8 -13.78 -40.34 -20.45
N ARG A 9 -14.51 -40.58 -21.53
CA ARG A 9 -14.09 -41.38 -22.66
C ARG A 9 -14.70 -40.79 -23.92
N HIS A 10 -13.85 -40.48 -24.91
CA HIS A 10 -14.31 -39.92 -26.18
C HIS A 10 -15.16 -38.67 -25.93
N LYS A 11 -16.45 -38.74 -26.26
CA LYS A 11 -17.40 -37.65 -26.04
C LYS A 11 -18.41 -37.97 -24.93
N THR A 12 -18.05 -38.87 -24.00
CA THR A 12 -18.86 -39.26 -22.85
C THR A 12 -18.20 -38.72 -21.59
N THR A 13 -18.99 -38.13 -20.70
CA THR A 13 -18.49 -37.62 -19.42
C THR A 13 -19.50 -38.00 -18.36
N ILE A 14 -19.10 -38.82 -17.38
CA ILE A 14 -19.97 -39.20 -16.27
C ILE A 14 -19.59 -38.35 -15.07
N PHE A 15 -20.55 -37.62 -14.50
CA PHE A 15 -20.36 -36.91 -13.24
C PHE A 15 -20.80 -37.83 -12.12
N THR A 16 -19.90 -38.11 -11.18
CA THR A 16 -20.27 -38.95 -10.06
C THR A 16 -19.33 -38.67 -8.90
N ASP A 17 -19.69 -39.19 -7.73
CA ASP A 17 -18.85 -39.07 -6.55
C ASP A 17 -18.54 -40.47 -6.04
N ALA A 18 -17.51 -40.57 -5.21
CA ALA A 18 -17.10 -41.84 -4.64
C ALA A 18 -16.35 -41.54 -3.35
N LYS A 19 -16.07 -42.60 -2.59
CA LYS A 19 -15.33 -42.35 -1.37
C LYS A 19 -13.84 -42.43 -1.67
N GLU A 20 -13.06 -41.62 -0.94
CA GLU A 20 -11.62 -41.67 -1.06
C GLU A 20 -11.10 -43.08 -0.78
N SER A 21 -11.77 -43.81 0.11
CA SER A 21 -11.37 -45.17 0.46
C SER A 21 -11.88 -46.21 -0.51
N SER A 22 -12.76 -45.86 -1.44
CA SER A 22 -13.24 -46.86 -2.40
C SER A 22 -12.16 -47.17 -3.43
N THR A 23 -12.31 -48.29 -4.12
CA THR A 23 -11.23 -48.77 -4.98
C THR A 23 -11.50 -48.45 -6.44
N VAL A 24 -10.43 -48.56 -7.24
CA VAL A 24 -10.55 -48.40 -8.68
C VAL A 24 -11.54 -49.40 -9.25
N PHE A 25 -11.47 -50.64 -8.76
CA PHE A 25 -12.41 -51.64 -9.24
C PHE A 25 -13.82 -51.24 -8.92
N GLU A 26 -14.07 -50.74 -7.71
CA GLU A 26 -15.42 -50.32 -7.35
C GLU A 26 -15.90 -49.18 -8.26
N LEU A 27 -14.99 -48.34 -8.75
CA LEU A 27 -15.41 -47.31 -9.71
C LEU A 27 -15.80 -47.92 -11.04
N LYS A 28 -15.08 -48.97 -11.48
CA LYS A 28 -15.47 -49.65 -12.69
C LYS A 28 -16.85 -50.27 -12.55
N ARG A 29 -17.20 -50.71 -11.35
CA ARG A 29 -18.55 -51.24 -11.14
C ARG A 29 -19.59 -50.13 -11.31
N ILE A 30 -19.26 -48.90 -10.90
CA ILE A 30 -20.16 -47.76 -11.16
C ILE A 30 -20.30 -47.52 -12.65
N VAL A 31 -19.18 -47.46 -13.36
CA VAL A 31 -19.21 -47.29 -14.81
C VAL A 31 -20.03 -48.39 -15.46
N GLU A 32 -19.91 -49.62 -14.95
CA GLU A 32 -20.65 -50.74 -15.50
C GLU A 32 -22.15 -50.52 -15.39
N GLY A 33 -22.61 -50.06 -14.23
CA GLY A 33 -24.03 -49.81 -14.06
C GLY A 33 -24.56 -48.79 -15.04
N ILE A 34 -23.70 -47.89 -15.51
CA ILE A 34 -24.12 -46.77 -16.35
C ILE A 34 -23.95 -47.06 -17.83
N LEU A 35 -22.76 -47.50 -18.22
CA LEU A 35 -22.45 -47.72 -19.62
C LEU A 35 -22.51 -49.18 -20.05
N LYS A 36 -22.86 -50.10 -19.14
CA LYS A 36 -23.10 -51.52 -19.45
C LYS A 36 -21.89 -52.18 -20.11
N ARG A 37 -20.72 -51.97 -19.52
CA ARG A 37 -19.51 -52.69 -19.93
C ARG A 37 -18.83 -53.20 -18.67
N PRO A 38 -18.48 -54.48 -18.60
CA PRO A 38 -17.94 -55.05 -17.37
C PRO A 38 -16.58 -54.49 -17.03
N PRO A 39 -16.14 -54.62 -15.79
CA PRO A 39 -14.83 -54.07 -15.39
C PRO A 39 -13.67 -54.59 -16.21
N ASP A 40 -13.66 -55.89 -16.56
CA ASP A 40 -12.55 -56.42 -17.33
C ASP A 40 -12.51 -55.87 -18.74
N GLU A 41 -13.52 -55.11 -19.17
CA GLU A 41 -13.47 -54.42 -20.45
C GLU A 41 -13.15 -52.93 -20.29
N GLN A 42 -12.71 -52.52 -19.11
CA GLN A 42 -12.43 -51.13 -18.79
C GLN A 42 -11.00 -50.94 -18.33
N ARG A 43 -10.40 -49.83 -18.75
CA ARG A 43 -9.17 -49.31 -18.16
C ARG A 43 -9.43 -47.88 -17.67
N LEU A 44 -9.06 -47.61 -16.42
CA LEU A 44 -9.20 -46.28 -15.83
C LEU A 44 -7.83 -45.64 -15.69
N TYR A 45 -7.79 -44.33 -15.91
CA TYR A 45 -6.53 -43.59 -15.96
C TYR A 45 -6.60 -42.34 -15.11
N LYS A 46 -5.48 -42.01 -14.53
CA LYS A 46 -5.27 -40.68 -13.99
C LYS A 46 -4.22 -40.03 -14.89
N ASP A 47 -4.65 -39.06 -15.69
CA ASP A 47 -3.84 -38.56 -16.79
C ASP A 47 -3.46 -39.73 -17.68
N ASP A 48 -2.17 -39.99 -17.87
CA ASP A 48 -1.75 -41.10 -18.70
C ASP A 48 -1.48 -42.38 -17.91
N GLN A 49 -1.63 -42.36 -16.60
CA GLN A 49 -1.25 -43.50 -15.77
C GLN A 49 -2.42 -44.47 -15.61
N LEU A 50 -2.21 -45.72 -16.01
CA LEU A 50 -3.20 -46.77 -15.83
C LEU A 50 -3.38 -47.10 -14.35
N LEU A 51 -4.63 -47.15 -13.89
CA LEU A 51 -4.91 -47.32 -12.46
C LEU A 51 -5.16 -48.80 -12.15
N ASP A 52 -4.57 -49.29 -11.04
CA ASP A 52 -4.72 -50.69 -10.64
C ASP A 52 -6.00 -50.92 -9.83
N ASP A 53 -6.68 -52.04 -10.11
CA ASP A 53 -8.02 -52.31 -9.60
C ASP A 53 -8.08 -52.24 -8.07
N GLY A 54 -7.04 -52.72 -7.39
CA GLY A 54 -7.06 -52.78 -5.94
C GLY A 54 -6.70 -51.50 -5.23
N LYS A 55 -6.24 -50.49 -5.94
CA LYS A 55 -5.84 -49.29 -5.24
C LYS A 55 -7.05 -48.42 -4.89
N THR A 56 -6.93 -47.68 -3.80
CA THR A 56 -8.00 -46.76 -3.45
C THR A 56 -7.85 -45.46 -4.24
N LEU A 57 -8.97 -44.74 -4.36
CA LEU A 57 -8.95 -43.47 -5.09
C LEU A 57 -8.00 -42.50 -4.42
N GLY A 58 -7.97 -42.48 -3.08
CA GLY A 58 -7.04 -41.63 -2.37
C GLY A 58 -5.58 -41.96 -2.68
N GLU A 59 -5.23 -43.24 -2.73
CA GLU A 59 -3.84 -43.62 -3.07
C GLU A 59 -3.49 -43.18 -4.50
N GLY A 61 -4.38 -40.50 -5.79
CA GLY A 61 -4.33 -39.04 -5.79
C GLY A 61 -5.64 -38.30 -5.97
N PHE A 62 -6.78 -39.00 -5.91
CA PHE A 62 -8.07 -38.32 -5.93
C PHE A 62 -8.43 -38.05 -4.48
N THR A 63 -8.31 -36.78 -4.04
CA THR A 63 -8.54 -36.44 -2.65
C THR A 63 -9.69 -35.46 -2.53
N SER A 64 -10.36 -35.51 -1.38
CA SER A 64 -11.57 -34.70 -1.20
C SER A 64 -11.27 -33.24 -1.47
N GLN A 65 -10.05 -32.79 -1.20
CA GLN A 65 -9.79 -31.37 -1.39
C GLN A 65 -9.30 -31.02 -2.80
N THR A 66 -8.97 -32.00 -3.65
CA THR A 66 -8.68 -31.73 -5.06
C THR A 66 -9.78 -32.16 -6.01
N ALA A 67 -10.53 -33.19 -5.67
CA ALA A 67 -11.62 -33.67 -6.50
C ALA A 67 -12.89 -33.04 -5.93
N ARG A 68 -13.12 -31.73 -6.30
CA ARG A 68 -14.14 -30.93 -5.59
C ARG A 68 -15.48 -30.91 -6.36
N PRO A 69 -16.61 -30.69 -5.67
CA PRO A 69 -17.90 -30.67 -6.39
C PRO A 69 -17.94 -29.68 -7.52
N GLN A 70 -17.43 -28.48 -7.28
CA GLN A 70 -17.43 -27.45 -8.29
C GLN A 70 -16.25 -27.53 -9.24
N ALA A 71 -15.30 -28.44 -8.99
CA ALA A 71 -14.11 -28.58 -9.83
C ALA A 71 -13.64 -30.04 -9.74
N PRO A 72 -14.37 -30.97 -10.34
CA PRO A 72 -14.08 -32.39 -10.13
C PRO A 72 -12.85 -32.84 -10.89
N ALA A 73 -12.25 -33.91 -10.39
CA ALA A 73 -11.08 -34.49 -11.02
C ALA A 73 -11.50 -35.44 -12.13
N THR A 74 -10.65 -35.58 -13.14
CA THR A 74 -10.97 -36.33 -14.33
C THR A 74 -10.38 -37.73 -14.23
N VAL A 75 -11.19 -38.74 -14.52
CA VAL A 75 -10.72 -40.11 -14.63
C VAL A 75 -10.90 -40.48 -16.09
N GLY A 76 -9.79 -40.84 -16.76
CA GLY A 76 -9.91 -41.29 -18.13
C GLY A 76 -10.40 -42.73 -18.20
N LEU A 77 -11.12 -43.05 -19.26
CA LEU A 77 -11.73 -44.36 -19.41
C LEU A 77 -11.50 -44.89 -20.82
N ALA A 78 -11.05 -46.14 -20.95
CA ALA A 78 -10.87 -46.79 -22.25
C ALA A 78 -11.50 -48.18 -22.22
N PHE A 79 -12.14 -48.57 -23.33
CA PHE A 79 -12.87 -49.83 -23.43
C PHE A 79 -12.09 -50.86 -24.26
N ARG A 80 -12.31 -52.13 -23.93
CA ARG A 80 -11.88 -53.26 -24.76
C ARG A 80 -13.01 -53.64 -25.71
N ALA A 81 -12.79 -53.47 -27.02
CA ALA A 81 -13.85 -53.74 -28.00
C ALA A 81 -14.23 -55.22 -28.01
N ASP A 82 -13.23 -56.10 -28.09
CA ASP A 82 -13.41 -57.54 -27.96
C ASP A 82 -12.05 -58.13 -27.60
N ASP A 83 -11.11 -58.05 -28.55
CA ASP A 83 -9.69 -58.17 -28.25
C ASP A 83 -9.06 -56.78 -28.28
N THR A 84 -8.00 -56.62 -27.49
CA THR A 84 -7.21 -55.39 -27.31
C THR A 84 -8.01 -54.14 -26.90
N PHE A 85 -7.41 -53.34 -26.03
CA PHE A 85 -8.01 -52.09 -25.56
C PHE A 85 -7.75 -50.97 -26.56
N GLU A 86 -8.77 -50.17 -26.82
CA GLU A 86 -8.53 -48.96 -27.58
C GLU A 86 -7.52 -48.10 -26.82
N ALA A 87 -6.90 -47.17 -27.53
CA ALA A 87 -6.06 -46.22 -26.84
C ALA A 87 -6.97 -45.24 -26.10
N LEU A 88 -6.46 -44.66 -25.02
CA LEU A 88 -7.22 -43.67 -24.27
C LEU A 88 -7.41 -42.43 -25.12
N CYS A 89 -8.66 -42.08 -25.44
CA CYS A 89 -8.96 -40.82 -26.12
C CYS A 89 -10.06 -40.07 -25.38
N ILE A 90 -9.82 -38.81 -25.08
CA ILE A 90 -10.80 -37.91 -24.48
C ILE A 90 -10.93 -36.69 -25.38
N GLU A 91 -12.11 -36.50 -25.96
CA GLU A 91 -12.35 -35.33 -26.81
C GLU A 91 -12.47 -34.08 -25.95
N PRO A 92 -11.72 -33.02 -26.23
CA PRO A 92 -11.84 -31.83 -25.41
C PRO A 92 -13.21 -31.18 -25.60
N PHE A 93 -13.64 -30.47 -24.56
CA PHE A 93 -14.84 -29.66 -24.71
C PHE A 93 -14.58 -28.54 -25.70
N SER A 94 -15.66 -27.92 -26.15
CA SER A 94 -15.59 -26.82 -27.10
C SER A 94 -14.76 -25.66 -26.52
N SER A 95 -14.27 -24.80 -27.43
CA SER A 95 -13.49 -23.64 -27.01
C SER A 95 -14.40 -22.42 -26.85
N PRO A 96 -14.23 -21.64 -25.79
CA PRO A 96 -15.05 -20.44 -25.64
C PRO A 96 -14.68 -19.43 -26.71
N PRO A 97 -15.63 -18.58 -27.13
CA PRO A 97 -15.28 -17.53 -28.10
C PRO A 97 -14.38 -16.49 -27.47
N GLU A 98 -13.90 -15.57 -28.31
CA GLU A 98 -13.07 -14.49 -27.80
C GLU A 98 -13.90 -13.62 -26.85
N LEU A 99 -13.23 -13.04 -25.86
CA LEU A 99 -13.92 -12.18 -24.91
C LEU A 99 -14.46 -10.97 -25.68
N PRO A 100 -15.75 -10.64 -25.54
CA PRO A 100 -16.26 -9.44 -26.23
C PRO A 100 -15.47 -8.21 -25.82
N ASP A 101 -15.48 -7.20 -26.70
CA ASP A 101 -14.62 -6.04 -26.45
C ASP A 101 -14.92 -5.44 -25.08
N VAL A 102 -16.19 -5.41 -24.68
CA VAL A 102 -16.54 -4.99 -23.34
C VAL A 102 -16.35 -6.18 -22.39
N MET A 103 -15.16 -6.31 -21.84
CA MET A 103 -14.83 -7.29 -20.78
C MET A 103 -13.34 -7.26 -20.53
N MET B 2 -32.23 -43.31 -12.44
CA MET B 2 -30.96 -43.19 -11.73
C MET B 2 -30.08 -42.07 -12.35
N TYR B 3 -29.71 -42.23 -13.61
CA TYR B 3 -28.92 -41.25 -14.33
C TYR B 3 -29.67 -40.79 -15.58
N VAL B 4 -29.39 -39.57 -16.03
CA VAL B 4 -29.93 -39.06 -17.28
C VAL B 4 -28.77 -38.55 -18.10
N LYS B 5 -28.99 -38.44 -19.40
CA LYS B 5 -27.96 -38.02 -20.33
C LYS B 5 -28.31 -36.65 -20.89
N LEU B 6 -27.40 -35.70 -20.72
CA LEU B 6 -27.60 -34.36 -21.26
C LEU B 6 -26.59 -34.14 -22.39
N ILE B 7 -27.08 -33.86 -23.60
CA ILE B 7 -26.22 -33.80 -24.79
C ILE B 7 -26.08 -32.36 -25.26
N SER B 8 -24.84 -31.92 -25.40
CA SER B 8 -24.55 -30.54 -25.79
C SER B 8 -24.71 -30.35 -27.30
N SER B 9 -24.63 -29.09 -27.73
CA SER B 9 -24.83 -28.79 -29.15
C SER B 9 -23.77 -29.44 -30.01
N ASP B 10 -22.55 -29.56 -29.51
CA ASP B 10 -21.45 -30.18 -30.22
C ASP B 10 -21.32 -31.68 -29.96
N GLY B 11 -22.36 -32.31 -29.42
CA GLY B 11 -22.41 -33.77 -29.30
C GLY B 11 -21.74 -34.39 -28.08
N HIS B 12 -21.25 -33.60 -27.13
CA HIS B 12 -20.75 -34.23 -25.89
C HIS B 12 -21.93 -34.71 -25.07
N GLU B 13 -21.79 -35.91 -24.52
CA GLU B 13 -22.85 -36.51 -23.72
C GLU B 13 -22.46 -36.45 -22.25
N PHE B 14 -23.27 -35.76 -21.45
CA PHE B 14 -23.02 -35.63 -20.01
C PHE B 14 -24.03 -36.50 -19.29
N ILE B 15 -23.52 -37.40 -18.45
CA ILE B 15 -24.35 -38.34 -17.71
C ILE B 15 -24.29 -37.92 -16.25
N VAL B 16 -25.43 -37.51 -15.71
CA VAL B 16 -25.52 -36.96 -14.36
C VAL B 16 -26.64 -37.70 -13.64
N LYS B 17 -26.59 -37.65 -12.30
CA LYS B 17 -27.67 -38.29 -11.53
C LYS B 17 -29.01 -37.63 -11.86
N ARG B 18 -30.05 -38.46 -11.98
CA ARG B 18 -31.38 -37.93 -12.31
C ARG B 18 -31.82 -36.87 -11.30
N GLU B 19 -31.56 -37.12 -9.99
CA GLU B 19 -31.94 -36.12 -8.99
C GLU B 19 -31.23 -34.80 -9.21
N HIS B 20 -29.97 -34.82 -9.67
CA HIS B 20 -29.26 -33.55 -9.86
C HIS B 20 -29.84 -32.80 -11.05
N ALA B 21 -30.24 -33.51 -12.10
CA ALA B 21 -30.77 -32.85 -13.29
C ALA B 21 -32.14 -32.24 -13.03
N LEU B 22 -32.99 -32.89 -12.23
CA LEU B 22 -34.31 -32.35 -11.94
C LEU B 22 -34.27 -31.10 -11.06
N THR B 23 -33.09 -30.66 -10.63
CA THR B 23 -32.96 -29.34 -10.04
C THR B 23 -33.47 -28.26 -10.99
N SER B 24 -33.21 -28.44 -12.28
CA SER B 24 -33.70 -27.50 -13.30
C SER B 24 -35.13 -27.84 -13.66
N GLY B 25 -36.04 -26.88 -13.46
CA GLY B 25 -37.42 -27.08 -13.89
C GLY B 25 -37.53 -27.28 -15.38
N THR B 26 -36.70 -26.57 -16.15
CA THR B 26 -36.70 -26.75 -17.59
C THR B 26 -36.30 -28.17 -17.97
N ILE B 27 -35.28 -28.74 -17.31
CA ILE B 27 -34.87 -30.11 -17.64
C ILE B 27 -35.95 -31.12 -17.26
N LYS B 28 -36.58 -30.92 -16.09
CA LYS B 28 -37.69 -31.78 -15.69
C LYS B 28 -38.77 -31.83 -16.77
N ALA B 29 -39.09 -30.68 -17.35
CA ALA B 29 -40.09 -30.63 -18.43
C ALA B 29 -39.59 -31.30 -19.70
N MET B 30 -38.30 -31.11 -20.05
CA MET B 30 -37.78 -31.77 -21.24
C MET B 30 -37.71 -33.28 -21.05
N LEU B 31 -37.52 -33.74 -19.82
CA LEU B 31 -37.49 -35.17 -19.56
C LEU B 31 -38.90 -35.75 -19.47
N SER B 32 -39.85 -34.94 -18.99
CA SER B 32 -41.21 -35.40 -18.69
C SER B 32 -42.24 -34.34 -19.03
N THR B 42 -38.42 -39.97 -21.32
CA THR B 42 -37.07 -39.99 -21.84
C THR B 42 -36.01 -39.87 -20.74
N ASN B 43 -34.84 -40.50 -20.96
CA ASN B 43 -33.69 -40.30 -20.09
C ASN B 43 -32.60 -39.50 -20.77
N GLU B 44 -32.94 -38.78 -21.83
CA GLU B 44 -31.96 -38.11 -22.67
C GLU B 44 -32.52 -36.76 -23.11
N VAL B 45 -31.74 -35.69 -22.96
CA VAL B 45 -32.14 -34.35 -23.37
C VAL B 45 -31.06 -33.79 -24.29
N ASN B 46 -31.46 -33.27 -25.45
CA ASN B 46 -30.53 -32.63 -26.39
C ASN B 46 -30.66 -31.11 -26.27
N PHE B 47 -29.53 -30.43 -26.16
CA PHE B 47 -29.50 -28.97 -26.09
C PHE B 47 -28.82 -28.41 -27.34
N ARG B 48 -29.62 -28.03 -28.33
CA ARG B 48 -29.09 -27.53 -29.60
C ARG B 48 -28.30 -26.24 -29.44
N GLU B 49 -28.51 -25.52 -28.35
CA GLU B 49 -27.94 -24.20 -28.17
C GLU B 49 -26.83 -24.12 -27.13
N ILE B 50 -26.61 -25.19 -26.36
CA ILE B 50 -25.66 -25.09 -25.26
C ILE B 50 -24.43 -25.93 -25.61
N PRO B 51 -23.29 -25.32 -25.81
CA PRO B 51 -22.06 -26.09 -26.12
C PRO B 51 -21.46 -26.70 -24.87
N SER B 52 -20.54 -27.64 -25.11
CA SER B 52 -20.01 -28.50 -24.04
C SER B 52 -19.23 -27.71 -22.99
N HIS B 53 -18.50 -26.65 -23.39
CA HIS B 53 -17.79 -25.85 -22.38
C HIS B 53 -18.74 -25.10 -21.45
N VAL B 54 -20.01 -25.00 -21.80
CA VAL B 54 -21.03 -24.43 -20.93
C VAL B 54 -21.78 -25.50 -20.16
N LEU B 55 -22.22 -26.56 -20.86
CA LEU B 55 -23.01 -27.59 -20.21
C LEU B 55 -22.19 -28.36 -19.17
N SER B 56 -20.89 -28.55 -19.38
CA SER B 56 -20.10 -29.18 -18.34
C SER B 56 -20.12 -28.36 -17.05
N LYS B 57 -20.07 -27.03 -17.19
CA LYS B 57 -20.12 -26.16 -16.02
C LYS B 57 -21.49 -26.23 -15.34
N VAL B 58 -22.55 -26.33 -16.14
CA VAL B 58 -23.89 -26.52 -15.58
C VAL B 58 -23.92 -27.76 -14.71
N CYS B 59 -23.35 -28.85 -15.21
CA CYS B 59 -23.32 -30.09 -14.42
C CYS B 59 -22.50 -29.92 -13.14
N MET B 60 -21.36 -29.22 -13.20
CA MET B 60 -20.64 -28.97 -11.95
C MET B 60 -21.45 -28.09 -11.01
N TYR B 61 -22.29 -27.18 -11.53
CA TYR B 61 -23.12 -26.40 -10.61
C TYR B 61 -24.11 -27.31 -9.86
N PHE B 62 -24.75 -28.26 -10.57
CA PHE B 62 -25.64 -29.22 -9.92
C PHE B 62 -24.96 -29.89 -8.73
N THR B 63 -23.76 -30.42 -8.96
CA THR B 63 -23.04 -31.10 -7.89
C THR B 63 -22.76 -30.16 -6.73
N TYR B 64 -22.30 -28.95 -7.04
CA TYR B 64 -22.01 -27.97 -6.01
C TYR B 64 -23.25 -27.59 -5.20
N LYS B 65 -24.36 -27.37 -5.91
CA LYS B 65 -25.61 -26.99 -5.26
C LYS B 65 -26.11 -28.06 -4.30
N VAL B 66 -26.15 -29.31 -4.79
CA VAL B 66 -26.61 -30.42 -3.96
C VAL B 66 -25.68 -30.61 -2.78
N ARG B 67 -24.37 -30.47 -2.99
CA ARG B 67 -23.42 -30.67 -1.90
C ARG B 67 -23.55 -29.60 -0.82
N TYR B 68 -23.70 -28.33 -1.21
CA TYR B 68 -23.56 -27.25 -0.23
C TYR B 68 -24.88 -26.63 0.20
N THR B 69 -26.01 -27.02 -0.37
CA THR B 69 -27.28 -26.53 0.15
C THR B 69 -27.58 -27.18 1.49
N ASN B 70 -27.97 -26.36 2.47
CA ASN B 70 -28.26 -26.82 3.83
C ASN B 70 -27.01 -27.43 4.48
N SER B 71 -25.92 -26.67 4.44
CA SER B 71 -24.68 -27.06 5.12
C SER B 71 -24.22 -25.81 5.86
N SER B 72 -23.97 -25.96 7.17
CA SER B 72 -23.61 -24.83 8.00
C SER B 72 -22.12 -24.74 8.19
N THR B 73 -21.38 -25.36 7.29
CA THR B 73 -19.94 -25.24 7.18
C THR B 73 -19.62 -24.02 6.31
N GLU B 74 -18.41 -23.96 5.78
CA GLU B 74 -18.01 -22.86 4.91
C GLU B 74 -18.21 -23.28 3.46
N ILE B 75 -18.92 -22.44 2.71
CA ILE B 75 -19.26 -22.67 1.32
C ILE B 75 -18.21 -21.98 0.47
N PRO B 76 -17.59 -22.65 -0.50
CA PRO B 76 -16.66 -21.94 -1.39
C PRO B 76 -17.43 -21.21 -2.49
N GLU B 77 -16.76 -20.24 -3.09
CA GLU B 77 -17.32 -19.55 -4.25
C GLU B 77 -17.45 -20.50 -5.43
N PHE B 78 -18.53 -20.37 -6.19
CA PHE B 78 -18.64 -21.10 -7.44
C PHE B 78 -17.86 -20.36 -8.53
N PRO B 79 -16.82 -20.96 -9.10
CA PRO B 79 -15.96 -20.24 -10.04
C PRO B 79 -16.53 -20.24 -11.44
N ILE B 80 -16.38 -19.09 -12.12
CA ILE B 80 -16.83 -18.95 -13.50
C ILE B 80 -15.76 -18.15 -14.23
N ALA B 81 -15.06 -18.78 -15.17
CA ALA B 81 -14.05 -18.09 -15.95
C ALA B 81 -14.71 -16.97 -16.75
N PRO B 82 -14.03 -15.83 -16.95
CA PRO B 82 -14.65 -14.73 -17.71
C PRO B 82 -15.06 -15.13 -19.12
N GLU B 83 -14.29 -15.97 -19.79
CA GLU B 83 -14.54 -16.31 -21.18
C GLU B 83 -15.81 -17.12 -21.39
N ILE B 84 -16.37 -17.73 -20.35
CA ILE B 84 -17.58 -18.52 -20.47
C ILE B 84 -18.77 -17.87 -19.83
N ALA B 85 -18.55 -16.79 -19.06
CA ALA B 85 -19.60 -16.22 -18.21
C ALA B 85 -20.85 -15.83 -19.01
N LEU B 86 -20.65 -15.20 -20.16
CA LEU B 86 -21.81 -14.72 -20.92
C LEU B 86 -22.68 -15.88 -21.40
N GLU B 87 -22.06 -16.91 -21.99
CA GLU B 87 -22.87 -18.04 -22.45
C GLU B 87 -23.45 -18.83 -21.28
N LEU B 88 -22.71 -18.95 -20.18
CA LEU B 88 -23.26 -19.62 -19.00
C LEU B 88 -24.48 -18.87 -18.47
N LEU B 89 -24.44 -17.53 -18.48
CA LEU B 89 -25.59 -16.74 -18.07
C LEU B 89 -26.80 -17.05 -18.95
N MET B 90 -26.59 -17.11 -20.26
CA MET B 90 -27.68 -17.42 -21.16
C MET B 90 -28.27 -18.78 -20.84
N ALA B 91 -27.41 -19.79 -20.64
CA ALA B 91 -27.92 -21.12 -20.32
C ALA B 91 -28.64 -21.13 -18.99
N ALA B 92 -28.06 -20.46 -17.96
CA ALA B 92 -28.73 -20.44 -16.66
C ALA B 92 -30.07 -19.71 -16.77
N ASN B 93 -30.13 -18.64 -17.54
CA ASN B 93 -31.39 -17.93 -17.73
C ASN B 93 -32.44 -18.85 -18.36
N PHE B 94 -32.03 -19.60 -19.39
CA PHE B 94 -32.97 -20.48 -20.09
C PHE B 94 -33.42 -21.63 -19.21
N LEU B 95 -32.48 -22.27 -18.50
CA LEU B 95 -32.78 -23.44 -17.67
C LEU B 95 -33.38 -23.04 -16.34
N ASP B 96 -33.42 -21.75 -16.02
CA ASP B 96 -33.87 -21.23 -14.72
C ASP B 96 -33.11 -21.91 -13.58
N CYS B 97 -31.79 -21.80 -13.65
CA CYS B 97 -30.82 -22.52 -12.82
C CYS B 97 -30.19 -21.54 -11.80
N VAL C 11 -41.31 -1.31 9.56
CA VAL C 11 -41.49 -2.72 9.92
C VAL C 11 -40.17 -3.38 10.34
N LEU C 12 -39.16 -3.33 9.47
CA LEU C 12 -37.83 -3.87 9.75
C LEU C 12 -37.05 -2.80 10.52
N ARG C 13 -36.99 -2.95 11.83
CA ARG C 13 -36.60 -1.87 12.72
C ARG C 13 -35.85 -2.47 13.90
N SER C 14 -34.75 -1.84 14.32
CA SER C 14 -34.12 -2.28 15.56
C SER C 14 -35.04 -1.89 16.71
N VAL C 15 -35.08 -2.73 17.72
CA VAL C 15 -35.80 -2.40 18.96
C VAL C 15 -34.86 -1.65 19.90
N ASN C 16 -35.31 -0.51 20.43
CA ASN C 16 -34.45 0.31 21.31
C ASN C 16 -34.46 -0.27 22.74
N SER C 17 -33.83 -1.44 22.88
CA SER C 17 -33.83 -2.13 24.17
C SER C 17 -32.89 -1.52 25.19
N ARG C 18 -31.79 -0.89 24.74
CA ARG C 18 -30.74 -0.37 25.61
C ARG C 18 -30.14 -1.46 26.51
N GLU C 19 -30.24 -2.72 26.10
CA GLU C 19 -29.62 -3.83 26.83
C GLU C 19 -28.41 -4.30 26.03
N PRO C 20 -27.18 -4.06 26.50
CA PRO C 20 -26.01 -4.41 25.68
C PRO C 20 -25.99 -5.89 25.36
N SER C 21 -25.49 -6.19 24.16
CA SER C 21 -25.27 -7.56 23.74
C SER C 21 -24.00 -7.56 22.92
N GLN C 22 -22.98 -8.26 23.41
CA GLN C 22 -21.69 -8.30 22.75
C GLN C 22 -21.70 -9.40 21.69
N VAL C 23 -21.15 -9.08 20.52
CA VAL C 23 -21.22 -9.96 19.36
C VAL C 23 -19.89 -9.94 18.64
N ILE C 24 -19.55 -11.06 17.99
CA ILE C 24 -18.39 -11.16 17.10
C ILE C 24 -18.92 -11.40 15.68
N PHE C 25 -18.60 -10.49 14.77
CA PHE C 25 -18.84 -10.67 13.35
C PHE C 25 -17.69 -11.54 12.85
N ASN C 27 -16.30 -13.16 9.47
CA ASN C 27 -16.46 -13.20 8.02
C ASN C 27 -15.80 -14.47 7.46
N ARG C 28 -16.63 -15.50 7.37
CA ARG C 28 -16.27 -16.81 6.84
C ARG C 28 -16.60 -16.92 5.35
N SER C 29 -16.36 -15.85 4.60
CA SER C 29 -16.66 -15.73 3.19
C SER C 29 -15.43 -15.17 2.51
N PRO C 30 -15.32 -15.31 1.19
CA PRO C 30 -14.22 -14.69 0.45
C PRO C 30 -14.47 -13.24 0.04
N ARG C 31 -15.59 -12.64 0.46
CA ARG C 31 -15.94 -11.27 0.12
C ARG C 31 -15.50 -10.33 1.23
N VAL C 32 -15.24 -9.07 0.88
CA VAL C 32 -15.19 -8.00 1.87
C VAL C 32 -16.61 -7.71 2.31
N VAL C 33 -16.88 -7.79 3.60
CA VAL C 33 -18.24 -7.76 4.11
C VAL C 33 -18.56 -6.37 4.66
N LEU C 34 -19.71 -5.82 4.24
CA LEU C 34 -20.29 -4.59 4.77
C LEU C 34 -21.38 -4.96 5.77
N PRO C 35 -21.17 -4.73 7.06
CA PRO C 35 -22.25 -4.91 8.03
C PRO C 35 -23.18 -3.72 7.96
N VAL C 36 -24.47 -3.98 8.10
CA VAL C 36 -25.49 -2.94 7.98
C VAL C 36 -26.43 -3.05 9.18
N TRP C 37 -26.47 -1.99 9.98
CA TRP C 37 -27.39 -1.91 11.11
C TRP C 37 -28.65 -1.21 10.65
N LEU C 38 -29.81 -1.79 10.96
CA LEU C 38 -31.09 -1.15 10.70
C LEU C 38 -31.44 -0.32 11.93
N ASN C 39 -31.48 1.00 11.78
CA ASN C 39 -31.64 1.85 12.95
C ASN C 39 -33.10 1.82 13.43
N PHE C 40 -33.41 2.66 14.43
CA PHE C 40 -34.73 2.63 15.05
C PHE C 40 -35.82 3.14 14.11
N ASP C 41 -35.46 3.85 13.05
CA ASP C 41 -36.40 4.25 12.01
C ASP C 41 -36.40 3.30 10.82
N GLY C 42 -35.66 2.19 10.89
CA GLY C 42 -35.55 1.28 9.77
C GLY C 42 -34.58 1.69 8.69
N GLU C 43 -33.79 2.74 8.90
CA GLU C 43 -32.83 3.17 7.89
C GLU C 43 -31.55 2.34 7.98
N PRO C 44 -31.04 1.81 6.87
CA PRO C 44 -29.80 1.03 6.94
C PRO C 44 -28.60 1.92 7.25
N GLN C 45 -27.79 1.52 8.22
CA GLN C 45 -26.60 2.24 8.60
C GLN C 45 -25.36 1.39 8.36
N PRO C 46 -24.46 1.79 7.47
CA PRO C 46 -23.27 0.96 7.19
C PRO C 46 -22.24 1.07 8.30
N TYR C 47 -21.51 -0.03 8.50
CA TYR C 47 -20.45 -0.07 9.51
C TYR C 47 -19.12 -0.40 8.84
N PRO C 48 -17.97 -0.28 9.52
CA PRO C 48 -16.70 -0.57 8.85
C PRO C 48 -16.67 -2.00 8.29
N THR C 49 -16.07 -2.14 7.12
CA THR C 49 -16.04 -3.40 6.38
C THR C 49 -15.07 -4.40 7.03
N LEU C 50 -15.28 -5.67 6.72
CA LEU C 50 -14.48 -6.79 7.25
C LEU C 50 -13.76 -7.49 6.12
N PRO C 51 -12.43 -7.59 6.15
CA PRO C 51 -11.74 -8.38 5.14
C PRO C 51 -12.15 -9.84 5.21
N PRO C 52 -11.99 -10.57 4.11
CA PRO C 52 -12.31 -11.99 4.12
C PRO C 52 -11.54 -12.73 5.20
N GLY C 53 -12.21 -13.68 5.84
CA GLY C 53 -11.57 -14.50 6.85
C GLY C 53 -11.19 -13.78 8.12
N THR C 54 -11.71 -12.59 8.35
CA THR C 54 -11.38 -11.82 9.55
C THR C 54 -12.61 -11.66 10.42
N GLY C 55 -12.36 -11.33 11.70
CA GLY C 55 -13.41 -11.14 12.67
C GLY C 55 -13.29 -9.78 13.33
N ARG C 56 -14.36 -9.41 14.05
CA ARG C 56 -14.41 -8.14 14.76
C ARG C 56 -15.38 -8.25 15.93
N ARG C 57 -14.96 -7.73 17.09
CA ARG C 57 -15.80 -7.65 18.27
C ARG C 57 -16.60 -6.34 18.24
N ILE C 58 -17.92 -6.47 18.39
CA ILE C 58 -18.86 -5.38 18.23
C ILE C 58 -19.71 -5.30 19.47
N HIS C 59 -19.95 -4.08 19.95
CA HIS C 59 -20.87 -3.82 21.03
C HIS C 59 -22.22 -3.48 20.43
N SER C 60 -23.19 -4.38 20.57
CA SER C 60 -24.54 -4.15 20.06
C SER C 60 -25.54 -4.27 21.19
N TYR C 61 -26.81 -4.49 20.86
CA TYR C 61 -27.88 -4.49 21.83
C TYR C 61 -28.89 -5.57 21.47
N ARG C 62 -29.51 -6.13 22.48
CA ARG C 62 -30.57 -7.12 22.26
C ARG C 62 -31.68 -6.53 21.41
N GLY C 63 -32.16 -7.32 20.44
CA GLY C 63 -33.24 -6.88 19.58
C GLY C 63 -32.81 -5.96 18.46
N HIS C 64 -31.53 -5.64 18.36
CA HIS C 64 -31.10 -4.88 17.20
C HIS C 64 -31.05 -5.80 15.97
N LEU C 65 -31.04 -5.17 14.81
CA LEU C 65 -31.16 -5.89 13.54
C LEU C 65 -29.99 -5.58 12.63
N TRP C 66 -29.35 -6.63 12.11
CA TRP C 66 -28.18 -6.49 11.24
C TRP C 66 -28.36 -7.36 10.02
N LEU C 67 -27.85 -6.89 8.89
CA LEU C 67 -27.71 -7.71 7.71
C LEU C 67 -26.33 -7.48 7.13
N PHE C 68 -25.91 -8.32 6.19
CA PHE C 68 -24.53 -8.31 5.70
C PHE C 68 -24.48 -8.45 4.19
N ARG C 69 -23.61 -7.67 3.57
CA ARG C 69 -23.54 -7.59 2.13
C ARG C 69 -22.08 -7.58 1.71
N ASP C 70 -21.83 -8.03 0.48
CA ASP C 70 -20.55 -7.75 -0.16
C ASP C 70 -20.38 -6.24 -0.24
N ALA C 71 -19.25 -5.74 0.28
CA ALA C 71 -19.03 -4.31 0.39
C ALA C 71 -18.93 -3.64 -0.98
N GLY C 72 -18.45 -4.35 -1.99
CA GLY C 72 -18.26 -3.72 -3.28
C GLY C 72 -19.46 -3.77 -4.20
N THR C 73 -20.22 -4.86 -4.15
CA THR C 73 -21.30 -5.14 -5.08
C THR C 73 -22.67 -5.19 -4.43
N HIS C 74 -22.72 -5.28 -3.10
CA HIS C 74 -23.94 -5.45 -2.32
C HIS C 74 -24.65 -6.77 -2.56
N ASP C 75 -23.95 -7.79 -3.08
CA ASP C 75 -24.52 -9.13 -3.11
C ASP C 75 -24.92 -9.53 -1.71
N GLY C 76 -26.05 -10.24 -1.58
CA GLY C 76 -26.50 -10.67 -0.26
C GLY C 76 -25.61 -11.76 0.31
N LEU C 77 -25.43 -11.73 1.64
CA LEU C 77 -24.70 -12.78 2.34
C LEU C 77 -25.58 -13.34 3.44
N LEU C 78 -25.21 -14.52 3.92
CA LEU C 78 -25.93 -15.13 5.02
C LEU C 78 -25.17 -14.85 6.31
N VAL C 79 -25.91 -14.83 7.41
CA VAL C 79 -25.34 -14.74 8.74
C VAL C 79 -26.08 -15.77 9.58
N ASN C 80 -25.33 -16.72 10.15
CA ASN C 80 -25.91 -17.88 10.83
C ASN C 80 -27.00 -18.51 9.97
N GLN C 81 -26.69 -18.65 8.67
CA GLN C 81 -27.53 -19.32 7.68
C GLN C 81 -28.85 -18.62 7.42
N THR C 82 -29.03 -17.35 7.81
CA THR C 82 -30.24 -16.61 7.45
C THR C 82 -29.86 -15.21 6.98
N GLU C 83 -30.87 -14.37 6.72
CA GLU C 83 -30.57 -13.06 6.15
C GLU C 83 -30.38 -11.98 7.21
N LEU C 84 -30.99 -12.14 8.38
CA LEU C 84 -30.90 -11.14 9.44
C LEU C 84 -30.27 -11.74 10.69
N PHE C 85 -29.52 -10.91 11.41
CA PHE C 85 -28.91 -11.32 12.67
C PHE C 85 -29.43 -10.41 13.79
N VAL C 86 -29.98 -11.02 14.84
CA VAL C 86 -30.51 -10.24 15.95
C VAL C 86 -29.75 -10.62 17.21
N PRO C 87 -28.89 -9.73 17.74
CA PRO C 87 -28.20 -10.06 18.99
C PRO C 87 -29.21 -10.41 20.08
N SER C 88 -28.87 -11.43 20.85
CA SER C 88 -29.71 -11.96 21.92
C SER C 88 -28.97 -11.84 23.26
N LEU C 89 -29.54 -12.46 24.29
CA LEU C 89 -28.95 -12.41 25.62
C LEU C 89 -27.63 -13.17 25.65
N ASN C 90 -26.59 -12.53 26.21
CA ASN C 90 -25.30 -13.19 26.38
C ASN C 90 -25.40 -14.16 27.55
N VAL C 91 -25.33 -15.46 27.27
CA VAL C 91 -25.43 -16.47 28.32
C VAL C 91 -24.11 -16.64 29.06
N PRO C 95 -20.15 -13.78 24.45
CA PRO C 95 -20.58 -13.05 23.25
C PRO C 95 -21.26 -13.94 22.20
N ILE C 96 -22.11 -13.35 21.38
CA ILE C 96 -22.84 -14.06 20.32
C ILE C 96 -22.00 -14.07 19.04
N PHE C 97 -21.91 -15.26 18.42
CA PHE C 97 -21.21 -15.44 17.15
C PHE C 97 -22.15 -15.18 15.97
N ALA C 98 -21.74 -14.26 15.07
CA ALA C 98 -22.43 -13.99 13.80
C ALA C 98 -21.56 -14.51 12.66
N ASN C 99 -21.86 -15.72 12.21
CA ASN C 99 -21.07 -16.38 11.17
C ASN C 99 -21.54 -15.92 9.82
N ILE C 100 -20.72 -15.12 9.13
CA ILE C 100 -21.11 -14.57 7.84
C ILE C 100 -20.58 -15.48 6.75
N THR C 101 -21.47 -15.95 5.86
CA THR C 101 -21.05 -16.89 4.81
C THR C 101 -21.66 -16.54 3.46
N LEU C 102 -21.07 -17.14 2.41
CA LEU C 102 -21.70 -17.11 1.10
C LEU C 102 -22.97 -17.95 1.14
N PRO C 103 -24.06 -17.47 0.55
CA PRO C 103 -25.17 -18.36 0.21
C PRO C 103 -24.76 -19.23 -0.98
N VAL C 104 -25.56 -20.28 -1.20
CA VAL C 104 -25.52 -20.96 -2.49
C VAL C 104 -26.34 -20.11 -3.45
N TYR C 105 -25.68 -19.21 -4.20
CA TYR C 105 -26.39 -18.44 -5.22
C TYR C 105 -26.92 -19.35 -6.31
N THR C 106 -28.06 -18.96 -6.90
CA THR C 106 -28.48 -19.57 -8.14
C THR C 106 -27.38 -19.39 -9.18
N LEU C 107 -27.28 -20.35 -10.10
CA LEU C 107 -26.30 -20.20 -11.16
C LEU C 107 -26.53 -18.90 -11.92
N LYS C 108 -27.79 -18.54 -12.14
CA LYS C 108 -28.08 -17.28 -12.84
C LYS C 108 -27.56 -16.08 -12.06
N GLU C 109 -27.90 -16.00 -10.77
CA GLU C 109 -27.42 -14.84 -10.00
C GLU C 109 -25.89 -14.80 -9.98
N ARG C 110 -25.25 -15.97 -9.86
CA ARG C 110 -23.79 -16.01 -9.85
C ARG C 110 -23.21 -15.53 -11.18
N CYS C 111 -23.80 -15.92 -12.31
CA CYS C 111 -23.34 -15.42 -13.60
C CYS C 111 -23.53 -13.90 -13.71
N LEU C 112 -24.69 -13.40 -13.27
CA LEU C 112 -24.89 -11.95 -13.24
C LEU C 112 -23.80 -11.28 -12.42
N GLN C 113 -23.43 -11.87 -11.28
CA GLN C 113 -22.34 -11.32 -10.48
C GLN C 113 -21.05 -11.23 -11.29
N VAL C 114 -20.70 -12.30 -12.01
CA VAL C 114 -19.43 -12.28 -12.74
C VAL C 114 -19.50 -11.31 -13.92
N VAL C 115 -20.63 -11.29 -14.64
CA VAL C 115 -20.74 -10.37 -15.77
C VAL C 115 -20.72 -8.91 -15.28
N ARG C 116 -21.42 -8.60 -14.19
CA ARG C 116 -21.37 -7.23 -13.64
C ARG C 116 -19.95 -6.83 -13.28
N SER C 117 -19.17 -7.77 -12.73
CA SER C 117 -17.78 -7.48 -12.35
C SER C 117 -16.90 -7.22 -13.56
N LEU C 118 -17.33 -7.59 -14.76
CA LEU C 118 -16.48 -7.44 -15.94
C LEU C 118 -16.92 -6.35 -16.90
N VAL C 119 -18.19 -5.96 -16.90
CA VAL C 119 -18.74 -5.05 -17.90
C VAL C 119 -19.22 -3.79 -17.19
N LYS C 120 -18.85 -2.63 -17.75
CA LYS C 120 -19.31 -1.36 -17.19
C LYS C 120 -20.82 -1.23 -17.38
N PRO C 121 -21.53 -0.66 -16.40
CA PRO C 121 -23.00 -0.63 -16.51
C PRO C 121 -23.51 0.11 -17.74
N GLU C 122 -22.77 1.10 -18.24
CA GLU C 122 -23.11 1.74 -19.52
C GLU C 122 -23.19 0.72 -20.66
N ASN C 123 -22.36 -0.33 -20.60
CA ASN C 123 -22.17 -1.22 -21.73
C ASN C 123 -22.96 -2.52 -21.61
N TYR C 124 -23.86 -2.63 -20.64
CA TYR C 124 -24.71 -3.81 -20.55
C TYR C 124 -25.50 -4.01 -21.84
N ARG C 125 -25.96 -2.92 -22.45
CA ARG C 125 -26.78 -2.99 -23.65
C ARG C 125 -25.98 -3.35 -24.89
N ARG C 126 -24.65 -3.28 -24.81
CA ARG C 126 -23.79 -3.67 -25.93
C ARG C 126 -23.47 -5.17 -25.94
N LEU C 127 -24.09 -5.95 -25.07
CA LEU C 127 -23.88 -7.40 -25.02
C LEU C 127 -24.99 -8.14 -25.76
N ASP C 128 -24.61 -9.22 -26.45
CA ASP C 128 -25.54 -9.94 -27.33
C ASP C 128 -26.27 -11.02 -26.54
N ILE C 129 -27.36 -10.60 -25.88
CA ILE C 129 -28.18 -11.45 -25.04
C ILE C 129 -29.64 -10.99 -25.12
N VAL C 130 -30.55 -11.86 -24.67
CA VAL C 130 -31.97 -11.50 -24.71
C VAL C 130 -32.22 -10.32 -23.78
N ARG C 131 -33.18 -9.47 -24.18
CA ARG C 131 -33.39 -8.19 -23.52
C ARG C 131 -33.75 -8.34 -22.04
N SER C 132 -34.46 -9.41 -21.67
CA SER C 132 -34.77 -9.58 -20.25
C SER C 132 -33.50 -9.68 -19.41
N LEU C 133 -32.40 -10.15 -20.00
CA LEU C 133 -31.12 -10.22 -19.29
C LEU C 133 -30.47 -8.86 -19.13
N TYR C 134 -30.78 -7.91 -20.03
CA TYR C 134 -30.43 -6.51 -19.78
C TYR C 134 -30.95 -6.01 -18.45
N GLU C 135 -32.22 -6.28 -18.17
CA GLU C 135 -32.85 -5.75 -16.98
C GLU C 135 -32.35 -6.46 -15.74
N ASP C 136 -32.09 -7.76 -15.85
CA ASP C 136 -31.47 -8.50 -14.76
C ASP C 136 -30.11 -7.91 -14.40
N LEU C 137 -29.27 -7.62 -15.39
CA LEU C 137 -27.95 -7.05 -15.13
C LEU C 137 -28.05 -5.69 -14.47
N GLU C 138 -28.98 -4.87 -14.94
CA GLU C 138 -29.13 -3.53 -14.38
C GLU C 138 -29.78 -3.53 -13.02
N ASP C 139 -30.63 -4.52 -12.76
CA ASP C 139 -31.29 -4.61 -11.47
C ASP C 139 -30.29 -5.22 -10.48
N HIS C 140 -29.24 -4.45 -10.19
CA HIS C 140 -28.19 -4.94 -9.31
C HIS C 140 -28.71 -5.05 -7.87
N PRO C 141 -28.09 -5.89 -7.04
CA PRO C 141 -28.51 -5.98 -5.64
C PRO C 141 -28.38 -4.65 -4.91
N ASN C 142 -29.29 -4.43 -3.96
CA ASN C 142 -29.33 -3.21 -3.14
C ASN C 142 -30.16 -3.50 -1.90
N VAL C 143 -29.65 -3.08 -0.74
CA VAL C 143 -30.33 -3.33 0.52
C VAL C 143 -31.72 -2.73 0.45
N GLN C 144 -31.82 -1.66 -0.30
CA GLN C 144 -33.05 -0.93 -0.36
C GLN C 144 -34.19 -1.76 -0.95
N LYS C 145 -33.96 -2.47 -2.05
CA LYS C 145 -34.94 -3.43 -2.55
C LYS C 145 -35.16 -4.59 -1.58
N ASP C 146 -34.08 -5.16 -1.04
CA ASP C 146 -34.20 -6.31 -0.13
C ASP C 146 -35.04 -5.99 1.09
N LEU C 147 -34.94 -4.77 1.63
CA LEU C 147 -35.70 -4.43 2.83
C LEU C 147 -37.20 -4.53 2.58
N GLU C 148 -37.66 -4.10 1.43
CA GLU C 148 -39.05 -4.35 1.04
C GLU C 148 -39.29 -5.86 0.82
N ARG C 149 -40.06 -6.51 1.71
CA ARG C 149 -40.72 -7.76 1.34
C ARG C 149 -41.79 -8.13 2.38
N LEU C 150 -41.77 -7.43 3.53
CA LEU C 150 -42.72 -7.55 4.63
C LEU C 150 -43.93 -8.48 4.46
N MET D 1 7.12 -1.64 -21.90
CA MET D 1 6.98 -3.07 -22.19
C MET D 1 6.37 -3.34 -23.58
N ASP D 2 5.47 -2.48 -24.04
CA ASP D 2 4.91 -2.59 -25.39
C ASP D 2 5.81 -1.96 -26.44
N VAL D 3 5.96 -2.63 -27.58
CA VAL D 3 6.65 -2.05 -28.71
C VAL D 3 5.66 -2.00 -29.86
N PHE D 4 5.75 -0.94 -30.64
CA PHE D 4 4.81 -0.67 -31.71
C PHE D 4 5.58 -0.78 -33.02
N LEU D 5 5.04 -1.58 -33.93
CA LEU D 5 5.74 -2.06 -35.09
C LEU D 5 4.95 -1.84 -36.37
N MET D 6 5.70 -1.75 -37.46
CA MET D 6 5.20 -1.91 -38.81
C MET D 6 5.93 -3.12 -39.40
N ILE D 7 5.17 -4.16 -39.75
CA ILE D 7 5.75 -5.34 -40.42
C ILE D 7 5.51 -5.18 -41.91
N ARG D 8 6.59 -5.06 -42.68
CA ARG D 8 6.48 -4.58 -44.07
C ARG D 8 7.11 -5.57 -45.05
N ARG D 9 6.37 -5.83 -46.14
CA ARG D 9 6.84 -6.63 -47.27
C ARG D 9 6.23 -6.07 -48.54
N HIS D 10 7.10 -5.75 -49.52
CA HIS D 10 6.64 -5.20 -50.78
C HIS D 10 5.77 -3.97 -50.52
N LYS D 11 4.47 -4.07 -50.84
CA LYS D 11 3.51 -3.00 -50.62
C LYS D 11 2.51 -3.32 -49.50
N THR D 12 2.87 -4.23 -48.61
CA THR D 12 2.05 -4.58 -47.46
C THR D 12 2.73 -4.06 -46.20
N THR D 13 1.95 -3.41 -45.35
CA THR D 13 2.42 -2.89 -44.06
C THR D 13 1.37 -3.23 -43.02
N ILE D 14 1.76 -4.03 -42.04
CA ILE D 14 0.91 -4.39 -40.91
C ILE D 14 1.28 -3.51 -39.73
N PHE D 15 0.30 -2.82 -39.15
CA PHE D 15 0.49 -2.11 -37.89
C PHE D 15 0.07 -2.99 -36.73
N THR D 16 0.99 -3.26 -35.80
CA THR D 16 0.68 -4.10 -34.65
C THR D 16 1.64 -3.77 -33.52
N ASP D 17 1.31 -4.25 -32.33
CA ASP D 17 2.15 -4.09 -31.15
C ASP D 17 2.49 -5.46 -30.55
N ALA D 18 3.52 -5.47 -29.70
CA ALA D 18 3.97 -6.66 -28.99
C ALA D 18 4.74 -6.24 -27.76
N LYS D 19 5.11 -7.22 -26.95
CA LYS D 19 5.89 -6.96 -25.75
C LYS D 19 7.38 -7.07 -26.07
N GLU D 20 8.19 -6.31 -25.34
CA GLU D 20 9.63 -6.43 -25.50
C GLU D 20 10.10 -7.85 -25.21
N SER D 21 9.42 -8.54 -24.29
CA SER D 21 9.77 -9.90 -23.89
C SER D 21 9.21 -10.96 -24.82
N SER D 22 8.35 -10.61 -25.76
CA SER D 22 7.85 -11.61 -26.69
C SER D 22 8.92 -11.97 -27.71
N THR D 23 8.79 -13.15 -28.31
CA THR D 23 9.85 -13.68 -29.15
C THR D 23 9.54 -13.44 -30.62
N VAL D 24 10.58 -13.53 -31.44
CA VAL D 24 10.41 -13.43 -32.88
C VAL D 24 9.42 -14.47 -33.38
N PHE D 25 9.45 -15.67 -32.81
CA PHE D 25 8.53 -16.72 -33.24
C PHE D 25 7.08 -16.32 -33.02
N GLU D 26 6.76 -15.78 -31.84
CA GLU D 26 5.40 -15.33 -31.58
C GLU D 26 5.00 -14.20 -32.52
N LEU D 27 5.94 -13.37 -32.95
CA LEU D 27 5.60 -12.35 -33.92
C LEU D 27 5.25 -12.99 -35.26
N LYS D 28 5.95 -14.07 -35.61
CA LYS D 28 5.59 -14.80 -36.82
C LYS D 28 4.20 -15.41 -36.71
N ARG D 29 3.80 -15.84 -35.51
CA ARG D 29 2.45 -16.35 -35.33
C ARG D 29 1.42 -15.24 -35.54
N ILE D 30 1.74 -14.02 -35.10
CA ILE D 30 0.85 -12.89 -35.33
C ILE D 30 0.68 -12.65 -36.82
N VAL D 31 1.80 -12.66 -37.57
CA VAL D 31 1.76 -12.47 -39.02
C VAL D 31 0.92 -13.56 -39.68
N GLU D 32 0.99 -14.78 -39.16
CA GLU D 32 0.25 -15.89 -39.75
C GLU D 32 -1.25 -15.66 -39.70
N GLY D 33 -1.76 -15.23 -38.54
CA GLY D 33 -3.18 -14.96 -38.39
C GLY D 33 -3.69 -13.91 -39.36
N ILE D 34 -2.82 -13.05 -39.85
CA ILE D 34 -3.20 -11.96 -40.75
C ILE D 34 -2.94 -12.32 -42.21
N LEU D 35 -1.74 -12.79 -42.54
CA LEU D 35 -1.40 -13.02 -43.94
C LEU D 35 -1.48 -14.48 -44.35
N LYS D 36 -1.87 -15.39 -43.45
CA LYS D 36 -2.13 -16.79 -43.76
C LYS D 36 -0.90 -17.47 -44.38
N ARG D 37 0.26 -17.29 -43.74
CA ARG D 37 1.50 -17.97 -44.12
C ARG D 37 2.19 -18.48 -42.86
N PRO D 38 2.62 -19.73 -42.81
CA PRO D 38 3.16 -20.30 -41.55
C PRO D 38 4.48 -19.67 -41.14
N PRO D 39 4.84 -19.78 -39.85
CA PRO D 39 6.14 -19.26 -39.41
C PRO D 39 7.30 -19.79 -40.23
N ASP D 40 7.29 -21.09 -40.55
CA ASP D 40 8.39 -21.67 -41.32
C ASP D 40 8.44 -21.15 -42.75
N GLU D 41 7.42 -20.41 -43.20
CA GLU D 41 7.46 -19.73 -44.49
C GLU D 41 7.76 -18.24 -44.33
N GLN D 42 8.17 -17.82 -43.13
CA GLN D 42 8.45 -16.43 -42.85
C GLN D 42 9.89 -16.23 -42.40
N ARG D 43 10.51 -15.15 -42.87
CA ARG D 43 11.74 -14.63 -42.29
C ARG D 43 11.51 -13.16 -41.90
N LEU D 44 11.85 -12.81 -40.66
CA LEU D 44 11.71 -11.45 -40.17
C LEU D 44 13.09 -10.80 -40.07
N TYR D 45 13.14 -9.52 -40.40
CA TYR D 45 14.40 -8.79 -40.46
C TYR D 45 14.30 -7.52 -39.66
N LYS D 46 15.42 -7.17 -39.03
CA LYS D 46 15.65 -5.83 -38.55
C LYS D 46 16.72 -5.23 -39.45
N ASP D 47 16.31 -4.27 -40.28
CA ASP D 47 17.13 -3.79 -41.40
C ASP D 47 17.52 -4.99 -42.24
N ASP D 48 18.82 -5.25 -42.38
CA ASP D 48 19.25 -6.41 -43.16
C ASP D 48 19.48 -7.64 -42.31
N GLN D 49 19.32 -7.56 -40.99
CA GLN D 49 19.68 -8.67 -40.11
C GLN D 49 18.51 -9.64 -39.93
N LEU D 50 18.73 -10.91 -40.25
CA LEU D 50 17.73 -11.96 -40.06
C LEU D 50 17.52 -12.26 -38.59
N LEU D 51 16.26 -12.34 -38.16
CA LEU D 51 15.96 -12.49 -36.73
C LEU D 51 15.71 -13.96 -36.41
N ASP D 52 16.36 -14.45 -35.36
CA ASP D 52 16.19 -15.84 -34.95
C ASP D 52 14.94 -15.99 -34.09
N ASP D 53 14.21 -17.07 -34.36
CA ASP D 53 12.88 -17.26 -33.78
C ASP D 53 12.89 -17.18 -32.27
N GLY D 54 13.92 -17.70 -31.62
CA GLY D 54 13.92 -17.74 -30.17
C GLY D 54 14.29 -16.46 -29.47
N LYS D 55 14.78 -15.46 -30.21
CA LYS D 55 15.19 -14.22 -29.56
C LYS D 55 13.99 -13.33 -29.25
N THR D 56 14.12 -12.53 -28.19
CA THR D 56 13.08 -11.58 -27.87
C THR D 56 13.25 -10.29 -28.67
N LEU D 57 12.14 -9.57 -28.83
CA LEU D 57 12.17 -8.33 -29.59
C LEU D 57 13.11 -7.32 -28.94
N GLY D 58 13.11 -7.26 -27.61
CA GLY D 58 14.04 -6.38 -26.90
C GLY D 58 15.50 -6.70 -27.18
N GLU D 59 15.86 -7.98 -27.22
CA GLU D 59 17.25 -8.40 -27.54
C GLU D 59 17.64 -7.97 -28.94
N GLY D 61 16.67 -5.35 -30.25
CA GLY D 61 16.67 -3.89 -30.32
C GLY D 61 15.35 -3.18 -30.56
N PHE D 62 14.25 -3.91 -30.46
CA PHE D 62 12.93 -3.28 -30.49
C PHE D 62 12.61 -2.91 -29.06
N THR D 63 12.72 -1.63 -28.72
CA THR D 63 12.50 -1.19 -27.35
C THR D 63 11.32 -0.21 -27.31
N SER D 64 10.67 -0.15 -26.14
CA SER D 64 9.46 0.66 -26.03
C SER D 64 9.74 2.12 -26.35
N GLN D 65 10.94 2.60 -26.10
CA GLN D 65 11.17 4.02 -26.32
C GLN D 65 11.63 4.34 -27.74
N THR D 66 11.94 3.33 -28.56
CA THR D 66 12.18 3.58 -29.98
C THR D 66 11.08 3.06 -30.89
N ALA D 67 10.39 1.99 -30.51
CA ALA D 67 9.27 1.48 -31.30
C ALA D 67 8.01 2.09 -30.71
N ARG D 68 7.73 3.35 -31.11
CA ARG D 68 6.72 4.18 -30.45
C ARG D 68 5.39 4.16 -31.21
N PRO D 69 4.25 4.37 -30.51
CA PRO D 69 2.96 4.35 -31.20
C PRO D 69 2.89 5.31 -32.37
N GLN D 70 3.36 6.53 -32.17
CA GLN D 70 3.32 7.54 -33.22
C GLN D 70 4.53 7.45 -34.15
N ALA D 71 5.48 6.53 -33.90
CA ALA D 71 6.67 6.36 -34.75
C ALA D 71 7.15 4.91 -34.61
N PRO D 72 6.41 3.97 -35.20
CA PRO D 72 6.67 2.55 -34.93
C PRO D 72 7.94 2.08 -35.66
N ALA D 73 8.54 1.03 -35.11
CA ALA D 73 9.74 0.47 -35.73
C ALA D 73 9.36 -0.54 -36.81
N THR D 74 10.22 -0.65 -37.82
CA THR D 74 9.90 -1.48 -38.98
C THR D 74 10.52 -2.84 -38.86
N VAL D 75 9.72 -3.87 -39.10
CA VAL D 75 10.19 -5.26 -39.18
C VAL D 75 10.01 -5.68 -40.62
N GLY D 76 11.11 -6.08 -41.27
CA GLY D 76 11.01 -6.57 -42.63
C GLY D 76 10.51 -8.00 -42.67
N LEU D 77 9.84 -8.34 -43.75
CA LEU D 77 9.25 -9.66 -43.87
C LEU D 77 9.48 -10.15 -45.28
N ALA D 78 9.93 -11.39 -45.41
CA ALA D 78 10.16 -12.04 -46.71
C ALA D 78 9.52 -13.41 -46.69
N PHE D 79 8.89 -13.78 -47.81
CA PHE D 79 8.13 -15.02 -47.95
C PHE D 79 8.91 -16.06 -48.75
N ARG D 80 8.69 -17.34 -48.45
CA ARG D 80 9.19 -18.45 -49.29
C ARG D 80 8.17 -18.73 -50.39
N ASP D 83 9.68 -23.19 -51.78
CA ASP D 83 10.98 -23.84 -51.94
C ASP D 83 12.13 -22.96 -51.45
N THR D 84 12.21 -21.73 -51.96
CA THR D 84 13.28 -20.81 -51.62
C THR D 84 12.69 -19.46 -51.23
N PHE D 85 13.35 -18.78 -50.29
CA PHE D 85 12.87 -17.49 -49.81
C PHE D 85 13.24 -16.38 -50.79
N GLU D 86 12.27 -15.52 -51.07
CA GLU D 86 12.52 -14.31 -51.85
C GLU D 86 13.50 -13.41 -51.10
N ALA D 87 14.11 -12.49 -51.83
CA ALA D 87 14.93 -11.47 -51.19
C ALA D 87 14.04 -10.47 -50.47
N LEU D 88 14.58 -9.85 -49.43
CA LEU D 88 13.84 -8.85 -48.68
C LEU D 88 13.61 -7.60 -49.52
N ILE D 90 11.17 -4.12 -49.74
CA ILE D 90 10.17 -3.22 -49.16
C ILE D 90 10.01 -2.02 -50.07
N GLU D 91 8.81 -1.84 -50.63
CA GLU D 91 8.54 -0.71 -51.51
C GLU D 91 8.42 0.57 -50.70
N PRO D 92 9.14 1.63 -51.05
CA PRO D 92 9.02 2.88 -50.29
C PRO D 92 7.64 3.52 -50.46
N PHE D 93 7.25 4.29 -49.44
CA PHE D 93 6.06 5.12 -49.54
C PHE D 93 6.29 6.24 -50.56
N SER D 94 5.18 6.86 -51.00
CA SER D 94 5.24 7.95 -51.97
C SER D 94 6.06 9.12 -51.41
N SER D 95 6.50 10.00 -52.32
CA SER D 95 7.28 11.17 -51.93
C SER D 95 6.40 12.41 -51.79
N PRO D 96 6.60 13.21 -50.74
CA PRO D 96 5.80 14.44 -50.59
C PRO D 96 6.16 15.47 -51.65
N PRO D 97 5.19 16.32 -52.04
CA PRO D 97 5.49 17.44 -52.94
C PRO D 97 6.37 18.50 -52.30
N GLU D 98 6.68 19.57 -53.02
CA GLU D 98 7.48 20.67 -52.51
C GLU D 98 6.83 21.36 -51.30
N LEU D 99 6.60 22.67 -51.37
CA LEU D 99 6.00 23.37 -50.25
C LEU D 99 5.21 24.62 -50.63
N PRO D 100 5.91 25.60 -51.21
CA PRO D 100 5.42 26.88 -51.77
C PRO D 100 5.48 28.04 -50.78
N ASP D 101 4.88 27.89 -49.61
CA ASP D 101 4.83 29.01 -48.66
C ASP D 101 4.50 28.50 -47.27
N VAL D 102 4.24 27.19 -47.13
CA VAL D 102 3.97 26.57 -45.84
C VAL D 102 5.30 26.41 -45.09
N MET E 2 -10.12 -8.65 -35.00
CA MET E 2 -9.73 -8.81 -36.39
C MET E 2 -9.13 -7.53 -36.97
N TYR E 3 -8.76 -7.58 -38.25
CA TYR E 3 -8.08 -6.49 -38.94
C TYR E 3 -8.85 -6.07 -40.19
N VAL E 4 -8.56 -4.85 -40.64
CA VAL E 4 -9.05 -4.34 -41.91
C VAL E 4 -7.87 -3.84 -42.72
N LYS E 5 -8.07 -3.70 -44.02
CA LYS E 5 -7.04 -3.27 -44.95
C LYS E 5 -7.41 -1.93 -45.55
N LEU E 6 -6.52 -0.95 -45.44
CA LEU E 6 -6.68 0.37 -46.01
C LEU E 6 -5.67 0.54 -47.14
N ILE E 7 -6.14 0.83 -48.34
CA ILE E 7 -5.29 0.88 -49.52
C ILE E 7 -5.16 2.30 -50.03
N SER E 8 -3.93 2.77 -50.16
CA SER E 8 -3.68 4.12 -50.62
C SER E 8 -3.84 4.22 -52.14
N SER E 9 -3.79 5.46 -52.64
CA SER E 9 -3.99 5.72 -54.05
C SER E 9 -2.91 5.05 -54.91
N ASP E 10 -1.69 4.93 -54.38
CA ASP E 10 -0.58 4.28 -55.08
C ASP E 10 -0.48 2.79 -54.76
N GLY E 11 -1.51 2.20 -54.17
CA GLY E 11 -1.61 0.76 -54.01
C GLY E 11 -0.94 0.16 -52.78
N HIS E 12 -0.38 0.97 -51.87
CA HIS E 12 0.12 0.42 -50.62
C HIS E 12 -1.04 -0.04 -49.75
N GLU E 13 -0.90 -1.23 -49.17
CA GLU E 13 -1.94 -1.83 -48.36
C GLU E 13 -1.54 -1.79 -46.89
N PHE E 14 -2.34 -1.10 -46.09
CA PHE E 14 -2.11 -0.96 -44.66
C PHE E 14 -3.13 -1.80 -43.92
N ILE E 15 -2.66 -2.67 -43.04
CA ILE E 15 -3.51 -3.57 -42.28
C ILE E 15 -3.46 -3.13 -40.83
N VAL E 16 -4.62 -2.69 -40.30
CA VAL E 16 -4.71 -2.19 -38.93
C VAL E 16 -5.87 -2.87 -38.19
N LYS E 17 -5.80 -2.84 -36.86
CA LYS E 17 -6.85 -3.40 -36.00
C LYS E 17 -8.20 -2.74 -36.29
N ARG E 18 -9.26 -3.54 -36.20
CA ARG E 18 -10.61 -3.04 -36.51
C ARG E 18 -11.01 -1.87 -35.61
N GLU E 19 -10.63 -1.88 -34.31
CA GLU E 19 -10.92 -0.72 -33.47
C GLU E 19 -10.30 0.55 -34.05
N HIS E 20 -9.05 0.44 -34.51
CA HIS E 20 -8.29 1.63 -34.89
C HIS E 20 -8.90 2.25 -36.15
N ALA E 21 -9.33 1.43 -37.10
CA ALA E 21 -9.99 1.99 -38.28
C ALA E 21 -11.38 2.53 -37.96
N LEU E 22 -12.09 1.88 -37.03
CA LEU E 22 -13.45 2.31 -36.69
C LEU E 22 -13.50 3.62 -35.90
N THR E 23 -12.34 4.15 -35.52
CA THR E 23 -12.27 5.51 -34.98
C THR E 23 -12.84 6.52 -35.98
N SER E 24 -12.61 6.31 -37.28
CA SER E 24 -13.13 7.19 -38.31
C SER E 24 -14.56 6.79 -38.68
N GLY E 25 -15.49 7.74 -38.54
CA GLY E 25 -16.85 7.48 -38.99
C GLY E 25 -16.94 7.28 -40.49
N THR E 26 -16.12 8.02 -41.24
CA THR E 26 -16.09 7.86 -42.69
C THR E 26 -15.66 6.45 -43.07
N ILE E 27 -14.62 5.92 -42.40
CA ILE E 27 -14.16 4.56 -42.71
C ILE E 27 -15.23 3.55 -42.31
N LYS E 28 -15.82 3.72 -41.12
CA LYS E 28 -16.92 2.87 -40.69
C LYS E 28 -18.04 2.82 -41.74
N ALA E 29 -18.36 3.97 -42.34
CA ALA E 29 -19.38 3.99 -43.39
C ALA E 29 -18.88 3.27 -44.63
N MET E 30 -17.60 3.47 -44.97
CA MET E 30 -17.02 2.77 -46.11
C MET E 30 -16.95 1.27 -45.88
N LEU E 31 -16.90 0.84 -44.62
CA LEU E 31 -16.89 -0.58 -44.28
C LEU E 31 -18.28 -1.20 -44.33
N SER E 32 -19.33 -0.41 -44.15
CA SER E 32 -20.68 -0.93 -44.18
C SER E 32 -21.72 0.14 -43.90
N THR E 42 -15.87 -8.23 -46.99
CA THR E 42 -14.60 -7.71 -47.50
C THR E 42 -14.11 -6.51 -46.71
N ASN E 43 -13.44 -6.78 -45.59
CA ASN E 43 -12.85 -5.81 -44.68
C ASN E 43 -11.81 -4.90 -45.34
N GLU E 44 -12.13 -4.25 -46.46
CA GLU E 44 -11.12 -3.59 -47.27
C GLU E 44 -11.62 -2.26 -47.85
N VAL E 45 -10.81 -1.19 -47.74
CA VAL E 45 -11.19 0.15 -48.22
C VAL E 45 -10.10 0.73 -49.11
N ASN E 46 -10.50 1.22 -50.29
CA ASN E 46 -9.60 1.87 -51.24
C ASN E 46 -9.76 3.40 -51.13
N PHE E 47 -8.64 4.12 -51.06
CA PHE E 47 -8.61 5.58 -50.98
C PHE E 47 -7.92 6.12 -52.24
N ARG E 48 -8.74 6.45 -53.25
CA ARG E 48 -8.22 6.94 -54.51
C ARG E 48 -7.51 8.28 -54.37
N GLU E 49 -7.72 9.00 -53.28
CA GLU E 49 -7.16 10.34 -53.12
C GLU E 49 -6.04 10.41 -52.08
N ILE E 50 -5.81 9.37 -51.30
CA ILE E 50 -4.86 9.47 -50.20
C ILE E 50 -3.63 8.62 -50.56
N PRO E 51 -2.48 9.24 -50.78
CA PRO E 51 -1.27 8.47 -51.11
C PRO E 51 -0.61 7.89 -49.85
N SER E 52 0.35 6.99 -50.10
CA SER E 52 0.93 6.19 -49.03
C SER E 52 1.65 7.04 -47.97
N HIS E 53 2.28 8.15 -48.37
CA HIS E 53 2.97 8.96 -47.38
C HIS E 53 2.01 9.69 -46.44
N VAL E 54 0.74 9.78 -46.80
CA VAL E 54 -0.28 10.35 -45.93
C VAL E 54 -0.99 9.27 -45.15
N LEU E 55 -1.40 8.19 -45.82
CA LEU E 55 -2.18 7.16 -45.17
C LEU E 55 -1.39 6.43 -44.11
N SER E 56 -0.08 6.24 -44.32
CA SER E 56 0.72 5.62 -43.27
C SER E 56 0.69 6.46 -42.00
N LYS E 57 0.73 7.78 -42.16
CA LYS E 57 0.66 8.67 -41.00
C LYS E 57 -0.71 8.55 -40.32
N VAL E 58 -1.77 8.38 -41.12
CA VAL E 58 -3.11 8.18 -40.55
C VAL E 58 -3.13 6.95 -39.66
N CYS E 59 -2.54 5.85 -40.12
CA CYS E 59 -2.52 4.64 -39.31
C CYS E 59 -1.72 4.80 -38.03
N MET E 60 -0.60 5.55 -38.07
CA MET E 60 0.14 5.83 -36.83
C MET E 60 -0.68 6.69 -35.86
N TYR E 61 -1.54 7.56 -36.39
CA TYR E 61 -2.42 8.35 -35.53
C TYR E 61 -3.39 7.43 -34.78
N PHE E 62 -3.96 6.45 -35.48
CA PHE E 62 -4.83 5.47 -34.84
C PHE E 62 -4.15 4.84 -33.64
N THR E 63 -2.92 4.34 -33.84
CA THR E 63 -2.18 3.72 -32.75
C THR E 63 -1.94 4.70 -31.63
N TYR E 64 -1.56 5.92 -31.97
CA TYR E 64 -1.29 6.93 -30.95
C TYR E 64 -2.56 7.25 -30.15
N LYS E 65 -3.67 7.45 -30.85
CA LYS E 65 -4.92 7.83 -30.20
C LYS E 65 -5.38 6.75 -29.24
N VAL E 66 -5.40 5.49 -29.71
CA VAL E 66 -5.83 4.40 -28.85
C VAL E 66 -4.92 4.27 -27.64
N ARG E 67 -3.60 4.43 -27.83
N ARG E 67 -3.61 4.44 -27.83
CA ARG E 67 -2.68 4.23 -26.71
CA ARG E 67 -2.66 4.25 -26.74
C ARG E 67 -2.78 5.34 -25.68
C ARG E 67 -2.76 5.35 -25.70
N TYR E 68 -2.97 6.60 -26.11
CA TYR E 68 -2.81 7.72 -25.17
C TYR E 68 -4.11 8.39 -24.73
N THR E 69 -5.25 8.03 -25.29
CA THR E 69 -6.51 8.61 -24.82
C THR E 69 -6.87 8.03 -23.46
N ASN E 70 -7.26 8.90 -22.51
CA ASN E 70 -7.57 8.48 -21.14
C ASN E 70 -6.32 7.90 -20.46
N SER E 71 -5.26 8.69 -20.44
CA SER E 71 -4.03 8.31 -19.78
C SER E 71 -3.58 9.46 -18.88
N SER E 72 -3.01 9.12 -17.72
CA SER E 72 -2.60 10.10 -16.73
C SER E 72 -1.09 10.27 -16.68
N THR E 73 -0.42 9.94 -17.76
CA THR E 73 1.01 10.05 -17.93
C THR E 73 1.31 11.14 -18.94
N GLU E 74 2.59 11.40 -19.16
CA GLU E 74 2.96 12.42 -20.13
C GLU E 74 2.69 11.88 -21.53
N ILE E 75 1.91 12.63 -22.29
CA ILE E 75 1.54 12.28 -23.65
C ILE E 75 2.55 12.97 -24.56
N PRO E 76 3.17 12.28 -25.52
CA PRO E 76 4.07 12.98 -26.44
C PRO E 76 3.30 13.68 -27.54
N GLU E 77 3.94 14.66 -28.15
CA GLU E 77 3.35 15.35 -29.30
C GLU E 77 3.19 14.36 -30.46
N PHE E 78 2.10 14.48 -31.22
CA PHE E 78 1.99 13.73 -32.45
C PHE E 78 2.76 14.46 -33.55
N PRO E 79 3.80 13.85 -34.13
CA PRO E 79 4.65 14.61 -35.06
C PRO E 79 4.09 14.62 -36.47
N ILE E 80 4.21 15.79 -37.13
CA ILE E 80 3.77 15.96 -38.51
C ILE E 80 4.84 16.78 -39.24
N ALA E 81 5.54 16.16 -40.18
CA ALA E 81 6.52 16.91 -40.96
C ALA E 81 5.82 17.99 -41.78
N PRO E 82 6.46 19.16 -41.96
CA PRO E 82 5.82 20.23 -42.73
C PRO E 82 5.42 19.81 -44.13
N GLU E 83 6.19 18.89 -44.72
CA GLU E 83 5.95 18.49 -46.10
C GLU E 83 4.67 17.70 -46.27
N ILE E 84 4.13 17.09 -45.20
CA ILE E 84 2.88 16.32 -45.30
C ILE E 84 1.71 17.07 -44.73
N ALA E 85 1.95 18.19 -44.03
CA ALA E 85 0.90 18.81 -43.23
C ALA E 85 -0.34 19.10 -44.05
N LEU E 86 -0.18 19.71 -45.23
CA LEU E 86 -1.34 20.10 -46.01
C LEU E 86 -2.14 18.89 -46.46
N GLU E 87 -1.48 17.87 -47.04
CA GLU E 87 -2.22 16.71 -47.51
C GLU E 87 -2.82 15.92 -46.35
N LEU E 88 -2.10 15.81 -45.24
CA LEU E 88 -2.63 15.10 -44.09
C LEU E 88 -3.85 15.82 -43.54
N LEU E 89 -3.81 17.16 -43.54
CA LEU E 89 -4.95 17.96 -43.13
C LEU E 89 -6.19 17.66 -44.00
N MET E 90 -5.99 17.59 -45.32
CA MET E 90 -7.09 17.27 -46.22
C MET E 90 -7.63 15.88 -45.94
N ALA E 91 -6.76 14.90 -45.72
CA ALA E 91 -7.25 13.55 -45.41
C ALA E 91 -7.98 13.53 -44.08
N ALA E 92 -7.45 14.24 -43.08
CA ALA E 92 -8.08 14.25 -41.77
C ALA E 92 -9.46 14.92 -41.83
N ASN E 93 -9.57 15.99 -42.59
CA ASN E 93 -10.85 16.66 -42.77
C ASN E 93 -11.88 15.71 -43.39
N PHE E 94 -11.48 14.99 -44.42
CA PHE E 94 -12.37 14.07 -45.12
C PHE E 94 -12.76 12.90 -44.23
N LEU E 95 -11.80 12.33 -43.50
CA LEU E 95 -12.06 11.15 -42.68
C LEU E 95 -12.72 11.50 -41.35
N ASP E 96 -12.80 12.79 -41.03
CA ASP E 96 -13.34 13.32 -39.76
C ASP E 96 -12.67 12.69 -38.54
N CYS E 97 -11.34 12.69 -38.52
CA CYS E 97 -10.61 12.09 -37.40
C CYS E 97 -9.64 13.07 -36.70
N LEU F 12 -18.97 30.77 -15.34
CA LEU F 12 -17.60 30.34 -15.02
C LEU F 12 -16.79 31.47 -14.40
N ARG F 13 -16.71 31.44 -13.07
CA ARG F 13 -16.07 32.50 -12.30
C ARG F 13 -15.50 31.85 -11.05
N SER F 14 -14.40 32.40 -10.54
CA SER F 14 -13.84 31.90 -9.30
C SER F 14 -14.80 32.17 -8.15
N VAL F 15 -14.86 31.23 -7.20
CA VAL F 15 -15.62 31.42 -5.98
C VAL F 15 -14.72 32.15 -4.98
N ASN F 16 -15.22 33.25 -4.42
CA ASN F 16 -14.42 34.06 -3.49
C ASN F 16 -14.46 33.46 -2.08
N SER F 17 -13.86 32.27 -1.96
CA SER F 17 -13.87 31.53 -0.70
C SER F 17 -12.92 32.12 0.34
N ARG F 18 -11.82 32.75 -0.10
CA ARG F 18 -10.76 33.23 0.78
C ARG F 18 -10.18 32.11 1.64
N GLU F 19 -10.28 30.85 1.17
CA GLU F 19 -9.75 29.69 1.87
C GLU F 19 -8.50 29.17 1.15
N PRO F 20 -7.31 29.36 1.72
CA PRO F 20 -6.07 29.04 0.99
C PRO F 20 -5.98 27.58 0.57
N SER F 21 -5.41 27.37 -0.61
CA SER F 21 -5.15 26.03 -1.13
C SER F 21 -3.85 26.10 -1.90
N GLN F 22 -2.87 25.31 -1.45
CA GLN F 22 -1.54 25.30 -2.04
C GLN F 22 -1.53 24.37 -3.24
N VAL F 23 -0.98 24.85 -4.35
CA VAL F 23 -1.05 24.15 -5.64
C VAL F 23 0.31 24.18 -6.29
N ILE F 24 0.65 23.10 -7.00
CA ILE F 24 1.85 23.02 -7.84
C ILE F 24 1.40 22.87 -9.29
N PHE F 25 1.72 23.85 -10.12
CA PHE F 25 1.55 23.73 -11.56
C PHE F 25 2.74 22.94 -12.08
N ASN F 27 4.19 21.40 -15.58
CA ASN F 27 3.99 21.44 -17.02
C ASN F 27 4.44 20.14 -17.62
N ARG F 28 3.56 19.16 -17.80
CA ARG F 28 4.22 18.00 -18.35
C ARG F 28 3.98 17.85 -19.83
N SER F 29 4.19 18.93 -20.54
CA SER F 29 3.92 19.01 -21.96
C SER F 29 5.17 19.55 -22.60
N PRO F 30 5.30 19.41 -23.92
CA PRO F 30 6.39 20.07 -24.63
C PRO F 30 6.13 21.51 -24.99
N ARG F 31 5.00 22.08 -24.56
CA ARG F 31 4.64 23.46 -24.89
C ARG F 31 5.02 24.39 -23.75
N VAL F 32 5.30 25.65 -24.10
CA VAL F 32 5.33 26.69 -23.08
C VAL F 32 3.89 26.96 -22.65
N VAL F 33 3.62 26.85 -21.35
CA VAL F 33 2.25 26.84 -20.85
C VAL F 33 1.90 28.20 -20.27
N LEU F 34 0.75 28.76 -20.67
CA LEU F 34 0.19 29.97 -20.09
C LEU F 34 -0.91 29.56 -19.12
N PRO F 35 -0.72 29.71 -17.82
CA PRO F 35 -1.83 29.50 -16.88
C PRO F 35 -2.77 30.69 -16.92
N VAL F 36 -4.06 30.40 -16.82
CA VAL F 36 -5.09 31.44 -16.91
C VAL F 36 -6.02 31.27 -15.71
N TRP F 37 -6.08 32.28 -14.85
CA TRP F 37 -7.02 32.30 -13.73
C TRP F 37 -8.28 33.04 -14.17
N LEU F 38 -9.45 32.45 -13.90
CA LEU F 38 -10.71 33.14 -14.17
C LEU F 38 -11.08 33.96 -12.93
N ASN F 39 -11.09 35.28 -13.05
CA ASN F 39 -11.31 36.09 -11.86
C ASN F 39 -12.79 36.06 -11.46
N PHE F 40 -13.11 36.83 -10.42
CA PHE F 40 -14.43 36.79 -9.81
C PHE F 40 -15.53 37.34 -10.72
N ASP F 41 -15.14 38.09 -11.75
CA ASP F 41 -16.06 38.52 -12.80
C ASP F 41 -16.04 37.57 -13.99
N GLY F 42 -15.30 36.47 -13.91
CA GLY F 42 -15.21 35.59 -15.05
C GLY F 42 -14.25 36.05 -16.12
N GLU F 43 -13.46 37.08 -15.85
CA GLU F 43 -12.48 37.54 -16.84
C GLU F 43 -11.21 36.68 -16.76
N PRO F 44 -10.69 36.19 -17.88
CA PRO F 44 -9.46 35.39 -17.83
C PRO F 44 -8.28 36.28 -17.48
N GLN F 45 -7.49 35.86 -16.51
CA GLN F 45 -6.32 36.63 -16.11
C GLN F 45 -5.07 35.78 -16.37
N PRO F 46 -4.19 36.21 -17.26
CA PRO F 46 -2.98 35.43 -17.56
C PRO F 46 -1.96 35.52 -16.43
N TYR F 47 -1.19 34.43 -16.26
CA TYR F 47 -0.14 34.36 -15.25
C TYR F 47 1.21 34.05 -15.92
N PRO F 48 2.34 34.18 -15.21
CA PRO F 48 3.64 33.93 -15.86
C PRO F 48 3.73 32.53 -16.45
N THR F 49 4.37 32.43 -17.62
CA THR F 49 4.40 31.18 -18.38
C THR F 49 5.32 30.16 -17.72
N LEU F 50 5.11 28.88 -18.08
CA LEU F 50 5.90 27.78 -17.56
C LEU F 50 6.65 27.11 -18.69
N PRO F 51 7.98 27.09 -18.67
CA PRO F 51 8.71 26.34 -19.70
C PRO F 51 8.34 24.86 -19.63
N PRO F 52 8.52 24.12 -20.71
CA PRO F 52 8.21 22.70 -20.70
C PRO F 52 9.00 21.96 -19.62
N GLY F 53 8.33 21.04 -18.95
CA GLY F 53 8.97 20.23 -17.93
C GLY F 53 9.38 20.95 -16.67
N THR F 54 8.84 22.16 -16.43
CA THR F 54 9.15 22.94 -15.25
C THR F 54 7.89 23.09 -14.41
N GLY F 55 8.10 23.39 -13.12
CA GLY F 55 7.01 23.54 -12.18
C GLY F 55 7.07 24.88 -11.46
N ARG F 56 5.98 25.17 -10.74
CA ARG F 56 5.90 26.39 -9.95
C ARG F 56 4.92 26.18 -8.81
N ARG F 57 5.29 26.63 -7.61
N ARG F 57 5.30 26.62 -7.61
CA ARG F 57 4.39 26.63 -6.47
CA ARG F 57 4.40 26.64 -6.47
C ARG F 57 3.47 27.84 -6.56
C ARG F 57 3.47 27.85 -6.58
N ILE F 58 2.17 27.62 -6.36
CA ILE F 58 1.16 28.66 -6.49
C ILE F 58 0.31 28.70 -5.23
N HIS F 59 0.06 29.91 -4.73
CA HIS F 59 -0.87 30.15 -3.63
C HIS F 59 -2.21 30.49 -4.26
N SER F 60 -3.16 29.57 -4.16
CA SER F 60 -4.48 29.79 -4.73
C SER F 60 -5.50 29.57 -3.63
N TYR F 61 -6.77 29.36 -4.00
CA TYR F 61 -7.85 29.29 -3.05
C TYR F 61 -8.86 28.26 -3.48
N ARG F 62 -9.51 27.64 -2.49
CA ARG F 62 -10.53 26.64 -2.77
C ARG F 62 -11.62 27.25 -3.63
N GLY F 63 -12.04 26.53 -4.67
CA GLY F 63 -13.09 27.01 -5.54
C GLY F 63 -12.66 28.01 -6.61
N HIS F 64 -11.38 28.37 -6.67
CA HIS F 64 -10.89 29.16 -7.80
C HIS F 64 -10.79 28.29 -9.05
N LEU F 65 -10.72 28.95 -10.20
CA LEU F 65 -10.82 28.30 -11.52
C LEU F 65 -9.63 28.62 -12.39
N TRP F 66 -8.99 27.58 -12.94
CA TRP F 66 -7.81 27.75 -13.76
C TRP F 66 -7.93 26.95 -15.03
N LEU F 67 -7.40 27.48 -16.12
CA LEU F 67 -7.22 26.68 -17.32
C LEU F 67 -5.84 26.95 -17.87
N PHE F 68 -5.40 26.12 -18.82
CA PHE F 68 -4.02 26.20 -19.29
C PHE F 68 -3.96 26.11 -20.80
N ARG F 69 -3.18 26.99 -21.40
N ARG F 69 -3.18 26.98 -21.42
CA ARG F 69 -3.04 27.12 -22.84
CA ARG F 69 -3.09 27.06 -22.86
C ARG F 69 -1.58 27.03 -23.23
C ARG F 69 -1.64 27.18 -23.28
N ASP F 70 -1.34 26.73 -24.50
CA ASP F 70 -0.05 26.99 -25.10
C ASP F 70 0.15 28.50 -25.19
N ALA F 71 1.26 29.00 -24.66
CA ALA F 71 1.46 30.45 -24.56
C ALA F 71 1.59 31.11 -25.93
N GLY F 72 2.08 30.40 -26.93
CA GLY F 72 2.24 31.06 -28.21
C GLY F 72 1.00 30.99 -29.08
N THR F 73 0.29 29.87 -29.05
CA THR F 73 -0.79 29.65 -30.00
C THR F 73 -2.17 29.61 -29.35
N HIS F 74 -2.25 29.49 -28.03
CA HIS F 74 -3.47 29.33 -27.26
C HIS F 74 -4.17 28.00 -27.52
N ASP F 75 -3.47 27.01 -28.08
CA ASP F 75 -3.99 25.64 -28.13
C ASP F 75 -4.40 25.22 -26.74
N GLY F 76 -5.49 24.47 -26.65
CA GLY F 76 -5.96 24.02 -25.35
C GLY F 76 -5.08 22.91 -24.78
N LEU F 77 -4.91 22.92 -23.46
CA LEU F 77 -4.18 21.87 -22.76
C LEU F 77 -5.07 21.26 -21.70
N LEU F 78 -4.69 20.07 -21.24
CA LEU F 78 -5.41 19.40 -20.17
C LEU F 78 -4.68 19.61 -18.85
N VAL F 79 -5.45 19.59 -17.77
CA VAL F 79 -4.92 19.66 -16.41
C VAL F 79 -5.63 18.58 -15.60
N ASN F 80 -4.85 17.63 -15.09
CA ASN F 80 -5.41 16.43 -14.46
C ASN F 80 -6.49 15.78 -15.34
N GLN F 81 -6.23 15.72 -16.65
CA GLN F 81 -7.03 15.06 -17.68
C GLN F 81 -8.35 15.75 -17.94
N THR F 82 -8.51 16.98 -17.46
CA THR F 82 -9.71 17.71 -17.82
C THR F 82 -9.34 19.15 -18.14
N GLU F 83 -10.40 19.91 -18.32
CA GLU F 83 -10.32 21.10 -19.09
C GLU F 83 -10.15 22.29 -18.14
N LEU F 84 -10.72 22.21 -16.91
CA LEU F 84 -10.62 23.24 -15.83
C LEU F 84 -9.98 22.63 -14.58
N PHE F 85 -9.25 23.41 -13.80
CA PHE F 85 -8.65 22.96 -12.53
C PHE F 85 -9.18 23.80 -11.39
N VAL F 86 -9.76 23.14 -10.37
CA VAL F 86 -10.29 23.82 -9.19
C VAL F 86 -9.52 23.35 -7.96
N PRO F 87 -8.72 24.22 -7.35
CA PRO F 87 -7.98 23.83 -6.14
C PRO F 87 -8.93 23.35 -5.04
N SER F 88 -8.51 22.28 -4.36
CA SER F 88 -9.31 21.64 -3.32
C SER F 88 -8.56 21.69 -1.98
N LEU F 89 -9.10 20.95 -1.02
CA LEU F 89 -8.56 20.92 0.32
C LEU F 89 -7.19 20.24 0.36
N ASN F 90 -6.23 20.89 1.02
CA ASN F 90 -4.89 20.30 1.23
C ASN F 90 -4.98 19.30 2.38
N VAL F 91 -5.19 18.03 2.07
CA VAL F 91 -5.23 17.02 3.12
C VAL F 91 -3.84 16.85 3.71
N ASP F 92 -3.73 17.05 5.03
CA ASP F 92 -2.48 16.88 5.77
C ASP F 92 -1.39 17.83 5.27
N GLY F 93 -1.79 19.04 4.85
CA GLY F 93 -0.86 20.04 4.39
C GLY F 93 -0.20 19.76 3.05
N GLN F 94 -0.57 18.67 2.37
CA GLN F 94 0.04 18.34 1.07
C GLN F 94 -0.51 19.25 -0.01
N PRO F 95 0.35 19.84 -0.84
CA PRO F 95 -0.14 20.69 -1.93
C PRO F 95 -0.80 19.84 -3.01
N ILE F 96 -1.69 20.48 -3.76
CA ILE F 96 -2.42 19.81 -4.84
C ILE F 96 -1.61 19.91 -6.13
N PHE F 97 -1.46 18.79 -6.82
CA PHE F 97 -0.74 18.79 -8.08
C PHE F 97 -1.70 19.10 -9.25
N ALA F 98 -1.33 20.10 -10.05
CA ALA F 98 -2.01 20.40 -11.31
C ALA F 98 -1.08 19.92 -12.43
N ASN F 99 -1.31 18.71 -12.92
CA ASN F 99 -0.47 18.13 -13.97
C ASN F 99 -1.03 18.55 -15.33
N ILE F 100 -0.31 19.41 -16.02
CA ILE F 100 -0.70 19.96 -17.30
C ILE F 100 -0.12 19.09 -18.41
N THR F 101 -0.96 18.58 -19.31
CA THR F 101 -0.48 17.71 -20.38
C THR F 101 -1.10 18.11 -21.71
N LEU F 102 -0.52 17.58 -22.78
CA LEU F 102 -1.18 17.67 -24.07
C LEU F 102 -2.45 16.82 -24.04
N PRO F 103 -3.54 17.32 -24.62
CA PRO F 103 -4.64 16.41 -24.96
C PRO F 103 -4.18 15.56 -26.12
N VAL F 104 -4.94 14.49 -26.36
CA VAL F 104 -4.89 13.83 -27.65
C VAL F 104 -5.73 14.66 -28.61
N TYR F 105 -5.10 15.58 -29.33
CA TYR F 105 -5.82 16.35 -30.33
C TYR F 105 -6.37 15.43 -31.43
N THR F 106 -7.50 15.81 -32.01
CA THR F 106 -7.93 15.15 -33.23
C THR F 106 -6.85 15.34 -34.30
N LEU F 107 -6.74 14.39 -35.22
CA LEU F 107 -5.74 14.53 -36.29
C LEU F 107 -5.93 15.85 -37.03
N LYS F 108 -7.18 16.21 -37.31
CA LYS F 108 -7.47 17.47 -38.00
C LYS F 108 -6.96 18.67 -37.22
N GLU F 109 -7.29 18.75 -35.93
CA GLU F 109 -6.82 19.88 -35.15
C GLU F 109 -5.29 19.93 -35.10
N ARG F 110 -4.65 18.77 -34.98
CA ARG F 110 -3.19 18.72 -34.96
C ARG F 110 -2.60 19.19 -36.29
N CYS F 111 -3.21 18.79 -37.41
CA CYS F 111 -2.77 19.30 -38.70
C CYS F 111 -2.97 20.81 -38.80
N LEU F 112 -4.12 21.32 -38.33
CA LEU F 112 -4.33 22.77 -38.33
C LEU F 112 -3.26 23.48 -37.50
N GLN F 113 -2.90 22.91 -36.36
CA GLN F 113 -1.85 23.52 -35.56
C GLN F 113 -0.56 23.64 -36.37
N VAL F 114 -0.19 22.57 -37.07
CA VAL F 114 1.08 22.59 -37.79
C VAL F 114 1.03 23.58 -38.95
N VAL F 115 -0.08 23.59 -39.69
CA VAL F 115 -0.18 24.53 -40.81
C VAL F 115 -0.17 25.97 -40.29
N ARG F 116 -0.89 26.25 -39.20
CA ARG F 116 -0.88 27.60 -38.63
C ARG F 116 0.52 28.03 -38.23
N SER F 117 1.32 27.10 -37.71
CA SER F 117 2.69 27.43 -37.31
C SER F 117 3.59 27.72 -38.50
N LEU F 118 3.22 27.29 -39.70
CA LEU F 118 4.09 27.47 -40.86
C LEU F 118 3.65 28.55 -41.82
N VAL F 119 2.37 28.95 -41.81
CA VAL F 119 1.82 29.89 -42.78
C VAL F 119 1.32 31.12 -42.06
N LYS F 120 1.69 32.29 -42.56
CA LYS F 120 1.20 33.53 -41.99
C LYS F 120 -0.30 33.67 -42.26
N PRO F 121 -1.07 34.17 -41.29
CA PRO F 121 -2.53 34.20 -41.46
C PRO F 121 -3.01 34.98 -42.68
N GLU F 122 -2.26 36.01 -43.10
CA GLU F 122 -2.55 36.69 -44.36
C GLU F 122 -2.60 35.72 -45.54
N ASN F 123 -1.79 34.65 -45.49
CA ASN F 123 -1.57 33.77 -46.62
C ASN F 123 -2.36 32.47 -46.54
N TYR F 124 -3.29 32.34 -45.60
CA TYR F 124 -4.08 31.11 -45.50
C TYR F 124 -4.82 30.81 -46.79
N ARG F 125 -5.39 31.84 -47.43
CA ARG F 125 -6.19 31.63 -48.62
C ARG F 125 -5.35 31.35 -49.86
N ARG F 126 -4.02 31.48 -49.81
CA ARG F 126 -3.15 31.14 -50.93
C ARG F 126 -2.77 29.67 -50.95
N LEU F 127 -3.32 28.85 -50.06
CA LEU F 127 -3.12 27.42 -50.05
C LEU F 127 -4.30 26.85 -50.82
N ASP F 128 -4.05 25.98 -51.79
CA ASP F 128 -5.18 25.53 -52.59
C ASP F 128 -5.67 24.23 -51.92
N ILE F 129 -6.63 24.41 -51.02
CA ILE F 129 -7.29 23.40 -50.23
C ILE F 129 -8.76 23.82 -50.26
N VAL F 130 -9.66 22.93 -49.83
CA VAL F 130 -11.09 23.28 -49.93
C VAL F 130 -11.39 24.54 -49.08
N ARG F 131 -12.39 25.29 -49.53
CA ARG F 131 -12.62 26.62 -48.96
C ARG F 131 -12.92 26.55 -47.46
N SER F 132 -13.63 25.50 -47.03
CA SER F 132 -13.97 25.35 -45.63
C SER F 132 -12.74 25.21 -44.73
N LEU F 133 -11.62 24.70 -45.28
CA LEU F 133 -10.41 24.57 -44.46
C LEU F 133 -9.78 25.92 -44.15
N TYR F 134 -9.94 26.91 -45.04
CA TYR F 134 -9.44 28.26 -44.75
C TYR F 134 -10.04 28.81 -43.50
N GLU F 135 -11.29 28.52 -43.30
CA GLU F 135 -12.11 28.95 -42.21
C GLU F 135 -11.74 28.23 -40.91
N ASP F 136 -11.49 26.92 -40.97
CA ASP F 136 -10.95 26.18 -39.82
C ASP F 136 -9.61 26.76 -39.36
N LEU F 137 -8.76 27.10 -40.33
CA LEU F 137 -7.46 27.72 -40.05
C LEU F 137 -7.63 29.08 -39.37
N GLU F 138 -8.55 29.93 -39.85
CA GLU F 138 -8.69 31.26 -39.28
C GLU F 138 -9.38 31.25 -37.92
N ASP F 139 -10.16 30.21 -37.63
CA ASP F 139 -10.83 30.07 -36.34
C ASP F 139 -9.84 29.51 -35.31
N HIS F 140 -8.83 30.34 -35.01
N HIS F 140 -8.83 30.33 -35.01
CA HIS F 140 -7.75 29.97 -34.11
CA HIS F 140 -7.75 29.86 -34.17
C HIS F 140 -8.31 29.65 -32.73
C HIS F 140 -8.21 29.73 -32.71
N PRO F 141 -7.61 28.82 -31.95
CA PRO F 141 -8.01 28.63 -30.55
C PRO F 141 -7.91 29.93 -29.78
N ASN F 142 -8.83 30.13 -28.84
CA ASN F 142 -8.88 31.34 -28.04
C ASN F 142 -9.73 31.06 -26.81
N VAL F 143 -9.31 31.56 -25.65
CA VAL F 143 -9.93 31.18 -24.38
C VAL F 143 -11.42 31.52 -24.34
N GLN F 144 -11.78 32.75 -24.68
CA GLN F 144 -13.14 33.16 -24.37
C GLN F 144 -14.16 32.43 -25.25
N LYS F 145 -13.78 32.06 -26.46
CA LYS F 145 -14.62 31.16 -27.24
C LYS F 145 -14.84 29.85 -26.47
N ASP F 146 -13.76 29.28 -25.92
CA ASP F 146 -13.90 28.08 -25.10
C ASP F 146 -14.74 28.35 -23.86
N LEU F 147 -14.60 29.54 -23.25
CA LEU F 147 -15.38 29.86 -22.07
C LEU F 147 -16.88 29.89 -22.37
N GLU F 148 -17.25 30.43 -23.53
CA GLU F 148 -18.64 30.38 -23.97
C GLU F 148 -19.10 28.93 -24.15
N ARG F 149 -18.27 28.11 -24.79
CA ARG F 149 -18.66 26.71 -25.05
C ARG F 149 -18.86 25.95 -23.75
N LEU F 150 -17.84 25.90 -22.90
CA LEU F 150 -17.97 25.32 -21.57
C LEU F 150 -19.21 25.80 -20.83
N THR F 151 -19.59 27.07 -20.98
CA THR F 151 -20.77 27.58 -20.30
C THR F 151 -22.03 26.84 -20.76
N GLN F 152 -22.05 26.35 -21.99
CA GLN F 152 -23.14 25.50 -22.44
C GLN F 152 -23.18 24.23 -21.61
N GLU F 153 -24.18 24.12 -20.73
CA GLU F 153 -24.32 22.95 -19.88
C GLU F 153 -25.78 22.77 -19.46
N MET G 1 30.42 6.70 15.44
CA MET G 1 30.32 8.03 14.84
C MET G 1 29.82 7.93 13.40
N ASP G 2 28.89 8.81 13.03
CA ASP G 2 28.37 8.84 11.68
C ASP G 2 29.29 9.62 10.74
N VAL G 3 29.48 9.08 9.53
CA VAL G 3 30.21 9.75 8.47
C VAL G 3 29.28 9.92 7.27
N PHE G 4 29.40 11.05 6.58
CA PHE G 4 28.48 11.37 5.49
C PHE G 4 29.23 11.42 4.17
N LEU G 5 28.70 10.68 3.19
CA LEU G 5 29.45 10.33 2.00
C LEU G 5 28.66 10.67 0.75
N MET G 6 29.43 10.90 -0.30
CA MET G 6 29.00 10.91 -1.69
C MET G 6 29.78 9.82 -2.40
N ILE G 7 29.09 8.79 -2.88
CA ILE G 7 29.68 7.74 -3.68
C ILE G 7 29.43 8.09 -5.13
N ARG G 8 30.49 8.35 -5.89
CA ARG G 8 30.40 9.02 -7.18
C ARG G 8 31.03 8.18 -8.27
N ARG G 9 30.31 8.04 -9.39
CA ARG G 9 30.82 7.37 -10.59
C ARG G 9 30.24 8.05 -11.82
N HIS G 10 31.11 8.48 -12.75
CA HIS G 10 30.65 9.16 -13.96
C HIS G 10 29.69 10.28 -13.57
N LYS G 11 28.41 10.18 -13.95
CA LYS G 11 27.44 11.22 -13.57
C LYS G 11 26.45 10.74 -12.51
N THR G 12 26.83 9.73 -11.73
CA THR G 12 26.02 9.18 -10.65
C THR G 12 26.65 9.57 -9.32
N THR G 13 25.82 10.05 -8.38
CA THR G 13 26.27 10.41 -7.04
C THR G 13 25.25 9.86 -6.04
N ILE G 14 25.70 8.98 -5.15
CA ILE G 14 24.85 8.44 -4.09
C ILE G 14 25.16 9.20 -2.82
N PHE G 15 24.14 9.81 -2.20
CA PHE G 15 24.29 10.39 -0.88
C PHE G 15 23.92 9.33 0.15
N THR G 16 24.83 9.02 1.07
CA THR G 16 24.51 8.04 2.12
C THR G 16 25.42 8.28 3.31
N ASP G 17 25.05 7.66 4.42
CA ASP G 17 25.84 7.75 5.64
C ASP G 17 26.20 6.37 6.13
N ALA G 18 27.20 6.31 7.01
CA ALA G 18 27.69 5.07 7.58
C ALA G 18 28.41 5.41 8.88
N LYS G 19 28.83 4.36 9.60
CA LYS G 19 29.58 4.52 10.83
C LYS G 19 31.08 4.50 10.57
N GLU G 20 31.84 5.23 11.41
CA GLU G 20 33.29 5.19 11.30
C GLU G 20 33.81 3.77 11.48
N SER G 21 33.12 2.95 12.26
CA SER G 21 33.53 1.57 12.48
C SER G 21 33.06 0.62 11.39
N SER G 22 32.16 1.05 10.50
CA SER G 22 31.72 0.17 9.43
C SER G 22 32.82 -0.02 8.39
N THR G 23 32.72 -1.10 7.61
CA THR G 23 33.79 -1.52 6.73
C THR G 23 33.53 -1.11 5.29
N VAL G 24 34.60 -1.13 4.50
CA VAL G 24 34.49 -0.84 3.07
C VAL G 24 33.54 -1.81 2.40
N PHE G 25 33.59 -3.10 2.80
CA PHE G 25 32.68 -4.09 2.24
C PHE G 25 31.23 -3.76 2.54
N GLU G 26 30.93 -3.36 3.78
CA GLU G 26 29.56 -3.00 4.10
C GLU G 26 29.08 -1.82 3.25
N LEU G 27 30.00 -0.94 2.87
CA LEU G 27 29.65 0.15 1.95
C LEU G 27 29.35 -0.39 0.55
N LYS G 28 30.09 -1.42 0.10
CA LYS G 28 29.80 -2.01 -1.20
C LYS G 28 28.44 -2.69 -1.27
N ARG G 29 28.00 -3.34 -0.20
CA ARG G 29 26.64 -3.91 -0.17
C ARG G 29 25.56 -2.81 -0.18
N ILE G 30 25.85 -1.61 0.36
CA ILE G 30 24.91 -0.51 0.19
C ILE G 30 24.82 -0.13 -1.28
N VAL G 31 25.97 -0.01 -1.96
CA VAL G 31 25.97 0.29 -3.39
C VAL G 31 25.22 -0.80 -4.14
N GLU G 32 25.35 -2.05 -3.68
CA GLU G 32 24.67 -3.17 -4.33
C GLU G 32 23.17 -2.98 -4.32
N GLY G 33 22.61 -2.60 -3.16
CA GLY G 33 21.19 -2.37 -3.06
C GLY G 33 20.68 -1.26 -3.98
N ILE G 34 21.54 -0.32 -4.36
CA ILE G 34 21.12 0.83 -5.15
C ILE G 34 21.37 0.63 -6.63
N LEU G 35 22.58 0.26 -7.02
CA LEU G 35 22.93 0.17 -8.43
C LEU G 35 22.93 -1.27 -8.94
N LYS G 36 22.54 -2.23 -8.09
CA LYS G 36 22.34 -3.62 -8.50
C LYS G 36 23.61 -4.23 -9.10
N ARG G 37 24.73 -4.03 -8.38
CA ARG G 37 25.98 -4.64 -8.74
C ARG G 37 26.62 -5.18 -7.47
N PRO G 38 27.03 -6.44 -7.45
CA PRO G 38 27.58 -7.05 -6.21
C PRO G 38 28.95 -6.49 -5.85
N PRO G 39 29.38 -6.67 -4.61
CA PRO G 39 30.68 -6.10 -4.18
C PRO G 39 31.86 -6.50 -5.05
N ASP G 40 31.94 -7.75 -5.49
CA ASP G 40 33.10 -8.20 -6.27
C ASP G 40 33.16 -7.55 -7.65
N GLU G 41 32.12 -6.83 -8.06
CA GLU G 41 32.14 -6.06 -9.29
C GLU G 41 32.34 -4.57 -9.05
N GLN G 42 32.74 -4.17 -7.84
CA GLN G 42 32.93 -2.78 -7.44
C GLN G 42 34.35 -2.52 -6.98
N ARG G 43 34.89 -1.35 -7.32
CA ARG G 43 36.08 -0.82 -6.68
C ARG G 43 35.72 0.52 -6.08
N LEU G 44 36.06 0.73 -4.80
CA LEU G 44 35.84 1.99 -4.10
C LEU G 44 37.15 2.68 -3.81
N TYR G 45 37.18 4.00 -3.94
CA TYR G 45 38.43 4.75 -3.83
C TYR G 45 38.29 5.91 -2.86
N LYS G 46 39.37 6.20 -2.14
CA LYS G 46 39.53 7.47 -1.47
C LYS G 46 40.59 8.20 -2.27
N ASP G 47 40.16 9.25 -2.98
CA ASP G 47 40.98 9.87 -4.01
C ASP G 47 41.43 8.78 -4.96
N ASP G 48 42.74 8.56 -5.12
CA ASP G 48 43.23 7.51 -6.01
C ASP G 48 43.48 6.21 -5.28
N GLN G 49 43.29 6.14 -3.97
CA GLN G 49 43.66 4.96 -3.21
C GLN G 49 42.50 3.97 -3.22
N LEU G 50 42.76 2.78 -3.74
CA LEU G 50 41.78 1.71 -3.72
C LEU G 50 41.56 1.23 -2.29
N LEU G 51 40.29 1.05 -1.91
CA LEU G 51 39.92 0.74 -0.54
C LEU G 51 39.77 -0.76 -0.37
N ASP G 52 40.38 -1.31 0.67
CA ASP G 52 40.33 -2.75 0.95
C ASP G 52 39.07 -3.10 1.72
N ASP G 53 38.45 -4.21 1.34
CA ASP G 53 37.13 -4.56 1.85
C ASP G 53 37.10 -4.64 3.37
N GLY G 54 38.17 -5.15 3.99
CA GLY G 54 38.15 -5.37 5.42
C GLY G 54 38.43 -4.18 6.30
N LYS G 55 38.90 -3.07 5.73
CA LYS G 55 39.24 -1.90 6.51
C LYS G 55 37.98 -1.12 6.87
N THR G 56 38.03 -0.44 8.02
CA THR G 56 36.93 0.42 8.42
C THR G 56 37.07 1.80 7.77
N LEU G 57 35.95 2.50 7.63
CA LEU G 57 35.98 3.83 7.04
C LEU G 57 36.84 4.78 7.87
N GLY G 58 36.77 4.65 9.19
CA GLY G 58 37.59 5.50 10.05
C GLY G 58 39.07 5.34 9.79
N GLU G 59 39.55 4.09 9.71
CA GLU G 59 40.98 3.92 9.45
C GLU G 59 41.35 4.40 8.06
N GLY G 61 40.38 7.02 6.94
CA GLY G 61 40.43 8.45 7.04
C GLY G 61 39.11 9.18 6.85
N PHE G 62 37.98 8.47 6.82
CA PHE G 62 36.66 9.11 6.82
C PHE G 62 36.24 9.30 8.27
N THR G 63 36.34 10.54 8.75
CA THR G 63 36.08 10.88 10.14
C THR G 63 34.88 11.83 10.25
N SER G 64 34.17 11.75 11.37
CA SER G 64 32.96 12.53 11.57
C SER G 64 33.17 14.02 11.33
N GLN G 65 34.37 14.52 11.59
CA GLN G 65 34.60 15.94 11.40
C GLN G 65 35.06 16.32 9.99
N THR G 66 35.39 15.34 9.14
CA THR G 66 35.66 15.67 7.74
C THR G 66 34.56 15.23 6.80
N ALA G 67 33.84 14.16 7.11
CA ALA G 67 32.73 13.66 6.29
C ALA G 67 31.44 14.14 6.92
N ARG G 68 31.11 15.42 6.66
CA ARG G 68 30.06 16.10 7.37
C ARG G 68 28.75 16.05 6.58
N PRO G 69 27.59 16.08 7.25
CA PRO G 69 26.32 16.06 6.51
C PRO G 69 26.23 17.18 5.48
N GLN G 70 26.65 18.38 5.85
CA GLN G 70 26.58 19.53 4.96
C GLN G 70 27.77 19.63 4.03
N ALA G 71 28.77 18.74 4.16
CA ALA G 71 29.94 18.77 3.30
C ALA G 71 30.52 17.37 3.27
N PRO G 72 29.83 16.44 2.60
CA PRO G 72 30.17 15.02 2.73
C PRO G 72 31.45 14.68 2.00
N ALA G 73 32.09 13.60 2.44
CA ALA G 73 33.32 13.12 1.82
C ALA G 73 33.01 12.29 0.58
N THR G 74 33.93 12.30 -0.37
CA THR G 74 33.70 11.66 -1.66
C THR G 74 34.39 10.30 -1.70
N VAL G 75 33.64 9.28 -2.10
CA VAL G 75 34.16 7.95 -2.36
C VAL G 75 33.99 7.69 -3.85
N GLY G 76 35.09 7.41 -4.53
CA GLY G 76 35.03 7.05 -5.95
C GLY G 76 34.58 5.62 -6.14
N LEU G 77 33.92 5.37 -7.28
CA LEU G 77 33.36 4.05 -7.56
C LEU G 77 33.65 3.65 -9.00
N ALA G 78 34.11 2.42 -9.19
CA ALA G 78 34.35 1.87 -10.52
C ALA G 78 33.76 0.48 -10.61
N PHE G 79 33.17 0.16 -11.77
CA PHE G 79 32.49 -1.11 -11.98
C PHE G 79 33.35 -2.04 -12.83
N ARG G 80 33.22 -3.34 -12.55
CA ARG G 80 33.80 -4.36 -13.43
C ARG G 80 32.78 -4.64 -14.53
N ALA G 81 33.11 -4.24 -15.75
CA ALA G 81 32.28 -4.50 -16.93
C ALA G 81 32.88 -5.70 -17.66
N ASP G 82 32.10 -6.78 -17.75
CA ASP G 82 32.54 -8.03 -18.34
C ASP G 82 33.79 -8.52 -17.60
N ASP G 83 34.95 -8.50 -18.25
CA ASP G 83 36.14 -9.11 -17.69
C ASP G 83 37.11 -8.12 -17.05
N THR G 84 36.92 -6.81 -17.22
CA THR G 84 37.86 -5.81 -16.72
C THR G 84 37.16 -4.68 -15.99
N PHE G 85 37.85 -4.11 -14.99
CA PHE G 85 37.34 -2.96 -14.27
C PHE G 85 37.57 -1.71 -15.10
N GLU G 86 36.54 -0.88 -15.23
CA GLU G 86 36.74 0.42 -15.83
C GLU G 86 37.67 1.27 -14.97
N ALA G 87 38.24 2.30 -15.58
CA ALA G 87 39.03 3.26 -14.82
C ALA G 87 38.11 4.11 -13.95
N LEU G 88 38.66 4.59 -12.84
CA LEU G 88 37.90 5.49 -11.97
C LEU G 88 37.66 6.79 -12.76
N ILE G 90 35.03 10.39 -12.61
CA ILE G 90 33.95 11.17 -11.93
C ILE G 90 33.75 12.46 -12.72
N GLU G 91 32.55 12.66 -13.28
CA GLU G 91 32.28 13.90 -14.01
C GLU G 91 32.10 15.03 -13.01
N PRO G 92 32.80 16.14 -13.17
CA PRO G 92 32.60 17.27 -12.25
C PRO G 92 31.20 17.84 -12.40
N PHE G 93 30.72 18.46 -11.33
CA PHE G 93 29.47 19.19 -11.43
C PHE G 93 29.67 20.39 -12.36
N SER G 94 28.55 20.96 -12.79
CA SER G 94 28.60 22.10 -13.69
C SER G 94 29.35 23.25 -13.03
N SER G 95 29.76 24.20 -13.87
CA SER G 95 30.49 25.35 -13.31
C SER G 95 29.54 26.50 -13.06
N PRO G 96 29.66 27.14 -11.90
CA PRO G 96 28.81 28.29 -11.61
C PRO G 96 29.19 29.47 -12.52
N PRO G 97 28.22 30.31 -12.88
CA PRO G 97 28.56 31.48 -13.70
C PRO G 97 29.41 32.46 -12.93
N GLU G 98 29.89 33.48 -13.65
CA GLU G 98 30.69 34.51 -13.03
C GLU G 98 29.83 35.25 -12.00
N LEU G 99 30.48 35.79 -10.95
CA LEU G 99 29.70 36.52 -9.96
C LEU G 99 29.16 37.80 -10.56
N PRO G 100 27.87 38.06 -10.44
CA PRO G 100 27.34 39.35 -10.89
C PRO G 100 28.08 40.50 -10.24
N ASP G 101 28.16 41.62 -10.98
CA ASP G 101 28.90 42.79 -10.50
C ASP G 101 28.37 43.27 -9.15
N VAL G 102 27.07 43.09 -8.91
CA VAL G 102 26.44 43.51 -7.66
C VAL G 102 26.76 42.57 -6.50
N MET G 103 27.71 41.65 -6.70
CA MET G 103 28.13 40.74 -5.62
C MET G 103 29.64 40.80 -5.32
N MET H 2 13.16 3.25 -0.48
CA MET H 2 14.36 3.52 0.30
C MET H 2 15.12 4.70 -0.31
N TYR H 3 15.38 4.68 -1.62
CA TYR H 3 16.09 5.74 -2.31
C TYR H 3 15.29 6.29 -3.47
N VAL H 4 15.56 7.55 -3.83
CA VAL H 4 14.99 8.21 -5.00
C VAL H 4 16.11 8.88 -5.79
N LYS H 5 15.81 9.16 -7.07
CA LYS H 5 16.79 9.71 -7.99
C LYS H 5 16.35 11.10 -8.44
N LEU H 6 17.20 12.09 -8.22
CA LEU H 6 16.96 13.46 -8.62
C LEU H 6 17.96 13.84 -9.71
N ILE H 7 17.47 14.25 -10.87
CA ILE H 7 18.31 14.46 -12.03
C ILE H 7 18.37 15.94 -12.35
N SER H 8 19.60 16.47 -12.47
CA SER H 8 19.82 17.87 -12.78
C SER H 8 19.68 18.17 -14.26
N SER H 9 19.69 19.46 -14.58
CA SER H 9 19.53 19.90 -15.96
C SER H 9 20.67 19.40 -16.83
N ASP H 10 21.87 19.30 -16.28
CA ASP H 10 23.03 18.81 -17.02
C ASP H 10 23.24 17.31 -16.87
N GLY H 11 22.23 16.59 -16.40
CA GLY H 11 22.24 15.14 -16.44
C GLY H 11 22.94 14.43 -15.29
N HIS H 12 23.39 15.14 -14.27
CA HIS H 12 23.88 14.43 -13.09
C HIS H 12 22.71 13.79 -12.35
N GLU H 13 22.89 12.55 -11.93
CA GLU H 13 21.87 11.77 -11.23
C GLU H 13 22.28 11.67 -9.77
N PHE H 14 21.43 12.21 -8.89
CA PHE H 14 21.69 12.20 -7.46
C PHE H 14 20.74 11.21 -6.79
N ILE H 15 21.30 10.24 -6.07
CA ILE H 15 20.50 9.21 -5.44
C ILE H 15 20.57 9.45 -3.93
N VAL H 16 19.42 9.79 -3.32
CA VAL H 16 19.32 10.15 -1.91
C VAL H 16 18.26 9.28 -1.25
N LYS H 17 18.34 9.14 0.08
CA LYS H 17 17.32 8.37 0.78
C LYS H 17 15.95 9.02 0.58
N ARG H 18 14.93 8.20 0.39
CA ARG H 18 13.60 8.73 0.17
C ARG H 18 13.14 9.61 1.33
N GLU H 19 13.43 9.18 2.56
CA GLU H 19 13.06 9.98 3.72
C GLU H 19 13.72 11.36 3.67
N HIS H 20 14.95 11.43 3.17
CA HIS H 20 15.64 12.72 3.12
C HIS H 20 15.04 13.62 2.06
N ALA H 21 14.64 13.04 0.93
CA ALA H 21 14.04 13.82 -0.13
C ALA H 21 12.69 14.39 0.29
N LEU H 22 11.98 13.68 1.17
CA LEU H 22 10.70 14.17 1.66
C LEU H 22 10.84 15.40 2.54
N THR H 23 12.09 15.80 2.84
CA THR H 23 12.34 17.11 3.44
C THR H 23 11.78 18.21 2.56
N SER H 24 11.85 18.02 1.25
CA SER H 24 11.25 18.95 0.30
C SER H 24 9.76 18.64 0.19
N GLY H 25 8.92 19.62 0.54
CA GLY H 25 7.49 19.43 0.39
C GLY H 25 7.07 19.23 -1.06
N THR H 26 7.73 19.95 -1.97
CA THR H 26 7.44 19.77 -3.39
C THR H 26 7.76 18.34 -3.83
N ILE H 27 8.95 17.84 -3.47
CA ILE H 27 9.34 16.48 -3.85
C ILE H 27 8.46 15.46 -3.17
N LYS H 28 8.17 15.68 -1.87
CA LYS H 28 7.23 14.81 -1.17
C LYS H 28 5.92 14.71 -1.94
N ALA H 29 5.45 15.83 -2.49
CA ALA H 29 4.25 15.83 -3.31
C ALA H 29 4.49 15.12 -4.64
N MET H 30 5.65 15.36 -5.27
CA MET H 30 5.91 14.72 -6.56
C MET H 30 5.99 13.22 -6.46
N LEU H 31 6.46 12.69 -5.33
CA LEU H 31 6.56 11.24 -5.19
C LEU H 31 5.21 10.62 -4.87
N SER H 32 4.32 11.40 -4.26
CA SER H 32 3.03 10.90 -3.83
C SER H 32 2.05 10.80 -5.01
N ASN H 43 10.19 6.96 -8.86
CA ASN H 43 11.32 7.22 -7.97
C ASN H 43 12.35 8.10 -8.63
N GLU H 44 11.93 8.83 -9.66
CA GLU H 44 12.84 9.63 -10.47
C GLU H 44 12.18 10.97 -10.71
N VAL H 45 12.94 12.04 -10.47
CA VAL H 45 12.46 13.40 -10.68
C VAL H 45 13.50 14.14 -11.52
N ASN H 46 13.06 14.74 -12.63
CA ASN H 46 13.95 15.48 -13.51
C ASN H 46 13.78 16.97 -13.26
N PHE H 47 14.89 17.68 -13.08
CA PHE H 47 14.86 19.13 -12.88
C PHE H 47 15.54 19.79 -14.06
N ARG H 48 14.75 20.13 -15.08
CA ARG H 48 15.30 20.73 -16.30
C ARG H 48 15.95 22.09 -16.07
N GLU H 49 15.64 22.74 -14.96
CA GLU H 49 16.13 24.09 -14.70
C GLU H 49 17.16 24.16 -13.58
N ILE H 50 17.44 23.05 -12.89
CA ILE H 50 18.36 23.08 -11.76
C ILE H 50 19.64 22.35 -12.15
N PRO H 51 20.76 23.04 -12.27
CA PRO H 51 22.03 22.40 -12.63
C PRO H 51 22.65 21.66 -11.45
N SER H 52 23.65 20.83 -11.77
CA SER H 52 24.25 19.94 -10.79
C SER H 52 24.97 20.71 -9.68
N HIS H 53 25.59 21.84 -10.00
CA HIS H 53 26.28 22.56 -8.93
C HIS H 53 25.30 23.15 -7.92
N VAL H 54 24.02 23.20 -8.24
CA VAL H 54 22.98 23.59 -7.29
C VAL H 54 22.31 22.38 -6.69
N LEU H 55 21.96 21.40 -7.53
CA LEU H 55 21.19 20.27 -7.03
C LEU H 55 22.01 19.46 -6.04
N SER H 56 23.33 19.37 -6.24
CA SER H 56 24.13 18.63 -5.26
C SER H 56 24.04 19.30 -3.89
N LYS H 57 24.08 20.63 -3.86
CA LYS H 57 23.97 21.38 -2.60
C LYS H 57 22.60 21.19 -1.97
N VAL H 58 21.55 21.11 -2.78
CA VAL H 58 20.23 20.81 -2.24
C VAL H 58 20.26 19.47 -1.51
N CYS H 59 20.90 18.46 -2.11
CA CYS H 59 20.96 17.15 -1.43
C CYS H 59 21.75 17.23 -0.12
N MET H 60 22.81 18.04 -0.09
CA MET H 60 23.54 18.17 1.18
C MET H 60 22.65 18.85 2.22
N TYR H 61 21.77 19.75 1.78
CA TYR H 61 20.83 20.37 2.72
C TYR H 61 19.88 19.33 3.32
N PHE H 62 19.34 18.42 2.49
CA PHE H 62 18.51 17.34 3.02
C PHE H 62 19.21 16.60 4.15
N THR H 63 20.47 16.20 3.91
CA THR H 63 21.22 15.47 4.94
C THR H 63 21.41 16.30 6.19
N TYR H 64 21.77 17.56 5.99
CA TYR H 64 21.97 18.47 7.12
C TYR H 64 20.67 18.65 7.91
N LYS H 65 19.55 18.82 7.21
CA LYS H 65 18.27 19.04 7.87
C LYS H 65 17.89 17.82 8.71
N VAL H 66 17.95 16.62 8.13
CA VAL H 66 17.56 15.42 8.86
C VAL H 66 18.49 15.18 10.05
N ARG H 67 19.78 15.49 9.88
CA ARG H 67 20.72 15.21 10.95
C ARG H 67 20.49 16.13 12.15
N TYR H 68 20.15 17.39 11.91
CA TYR H 68 20.20 18.40 12.96
C TYR H 68 18.85 18.89 13.44
N THR H 69 17.76 18.50 12.80
CA THR H 69 16.44 18.84 13.30
C THR H 69 16.13 18.02 14.53
N ASN H 70 15.68 18.69 15.59
CA ASN H 70 15.33 18.06 16.87
C ASN H 70 16.51 17.28 17.45
N SER H 71 17.68 17.91 17.42
CA SER H 71 18.88 17.44 18.08
C SER H 71 19.51 18.65 18.73
N SER H 72 20.09 18.47 19.91
CA SER H 72 20.79 19.60 20.54
C SER H 72 22.29 19.39 20.62
N THR H 73 22.84 18.55 19.75
CA THR H 73 24.22 18.75 19.33
C THR H 73 24.31 20.15 18.73
N GLU H 74 25.39 20.85 18.99
CA GLU H 74 25.50 22.22 18.50
C GLU H 74 25.41 22.19 16.98
N ILE H 75 24.53 23.02 16.43
CA ILE H 75 24.28 22.98 15.00
C ILE H 75 25.29 23.89 14.31
N PRO H 76 26.02 23.38 13.31
CA PRO H 76 26.92 24.24 12.53
C PRO H 76 26.16 24.98 11.45
N GLU H 77 26.80 26.01 10.88
CA GLU H 77 26.24 26.78 9.78
C GLU H 77 26.12 25.91 8.51
N PHE H 78 25.06 26.14 7.74
CA PHE H 78 24.99 25.54 6.42
C PHE H 78 25.77 26.39 5.44
N PRO H 79 26.85 25.89 4.82
CA PRO H 79 27.68 26.76 3.97
C PRO H 79 27.13 26.87 2.57
N ILE H 80 27.22 28.06 2.00
CA ILE H 80 26.76 28.32 0.65
C ILE H 80 27.77 29.25 0.00
N ALA H 81 28.48 28.75 -1.01
CA ALA H 81 29.45 29.57 -1.72
C ALA H 81 28.76 30.74 -2.40
N PRO H 82 29.42 31.91 -2.44
CA PRO H 82 28.78 33.07 -3.10
C PRO H 82 28.41 32.78 -4.55
N GLU H 83 29.20 31.95 -5.25
CA GLU H 83 28.97 31.75 -6.68
C GLU H 83 27.69 31.00 -6.97
N ILE H 84 27.15 30.28 -6.00
CA ILE H 84 25.94 29.49 -6.22
C ILE H 84 24.70 30.05 -5.52
N ALA H 85 24.84 31.05 -4.65
CA ALA H 85 23.74 31.48 -3.77
C ALA H 85 22.47 31.81 -4.54
N LEU H 86 22.62 32.58 -5.63
CA LEU H 86 21.45 33.07 -6.38
C LEU H 86 20.64 31.91 -6.96
N GLU H 87 21.32 30.98 -7.63
CA GLU H 87 20.62 29.85 -8.24
C GLU H 87 20.09 28.90 -7.18
N LEU H 88 20.82 28.72 -6.08
CA LEU H 88 20.33 27.88 -4.99
C LEU H 88 19.06 28.46 -4.39
N LEU H 89 19.00 29.80 -4.30
CA LEU H 89 17.79 30.48 -3.83
C LEU H 89 16.58 30.13 -4.68
N MET H 90 16.73 30.18 -6.02
CA MET H 90 15.63 29.82 -6.91
C MET H 90 15.21 28.37 -6.71
N ALA H 91 16.18 27.47 -6.61
CA ALA H 91 15.87 26.06 -6.41
C ALA H 91 15.12 25.86 -5.09
N ALA H 92 15.58 26.53 -4.04
CA ALA H 92 14.96 26.37 -2.72
C ALA H 92 13.52 26.87 -2.73
N ASN H 93 13.27 27.98 -3.43
CA ASN H 93 11.91 28.49 -3.55
C ASN H 93 10.95 27.44 -4.10
N PHE H 94 11.34 26.82 -5.22
CA PHE H 94 10.49 25.86 -5.87
C PHE H 94 10.34 24.59 -5.05
N LEU H 95 11.44 24.12 -4.44
CA LEU H 95 11.38 22.84 -3.75
C LEU H 95 10.70 22.94 -2.38
N ASP H 96 10.44 24.14 -1.87
CA ASP H 96 9.91 24.32 -0.52
C ASP H 96 10.83 23.69 0.52
N CYS H 97 12.10 24.16 0.53
CA CYS H 97 13.12 23.64 1.45
C CYS H 97 13.52 24.68 2.45
N VAL I 11 1.44 42.41 25.40
CA VAL I 11 1.28 41.05 25.92
C VAL I 11 2.62 40.32 26.12
N LEU I 12 3.53 40.41 25.14
CA LEU I 12 4.88 39.87 25.30
C LEU I 12 5.77 40.93 25.94
N ARG I 13 5.91 40.86 27.27
CA ARG I 13 6.63 41.85 28.05
C ARG I 13 7.17 41.18 29.32
N SER I 14 8.21 41.77 29.88
CA SER I 14 8.74 41.29 31.14
C SER I 14 7.77 41.59 32.28
N VAL I 15 7.70 40.66 33.22
CA VAL I 15 6.97 40.83 34.47
C VAL I 15 7.88 41.54 35.45
N ASN I 16 7.39 42.61 36.07
CA ASN I 16 8.21 43.38 37.00
C ASN I 16 8.18 42.71 38.37
N SER I 17 8.79 41.53 38.41
CA SER I 17 8.80 40.72 39.62
C SER I 17 9.73 41.27 40.69
N ARG I 18 10.78 41.99 40.27
CA ARG I 18 11.84 42.44 41.18
C ARG I 18 12.45 41.28 41.94
N GLU I 19 12.43 40.08 41.35
CA GLU I 19 13.04 38.92 41.99
C GLU I 19 14.30 38.55 41.23
N PRO I 20 15.49 38.77 41.76
CA PRO I 20 16.71 38.47 41.00
C PRO I 20 16.76 37.01 40.56
N SER I 21 17.32 36.81 39.37
CA SER I 21 17.55 35.48 38.81
C SER I 21 18.87 35.52 38.06
N GLN I 22 19.81 34.67 38.46
CA GLN I 22 21.12 34.63 37.83
C GLN I 22 21.07 33.71 36.62
N VAL I 23 21.66 34.16 35.52
CA VAL I 23 21.56 33.49 34.23
C VAL I 23 22.94 33.45 33.57
N ILE I 24 23.22 32.36 32.86
CA ILE I 24 24.38 32.26 31.98
C ILE I 24 23.88 32.25 30.55
N PHE I 25 24.22 33.28 29.77
CA PHE I 25 24.09 33.29 28.33
C PHE I 25 25.28 32.52 27.76
N CYS I 26 25.10 31.34 27.17
CA CYS I 26 26.23 30.68 26.49
C CYS I 26 25.90 30.60 25.01
N ASN I 27 26.70 31.28 24.19
CA ASN I 27 26.54 31.38 22.74
C ASN I 27 27.15 30.15 22.10
N ARG I 28 26.32 29.12 21.92
CA ARG I 28 26.73 27.91 21.21
C ARG I 28 26.39 27.99 19.73
N SER I 29 26.61 29.14 19.11
CA SER I 29 26.35 29.40 17.71
C SER I 29 27.59 30.00 17.08
N PRO I 30 27.70 29.99 15.76
CA PRO I 30 28.81 30.68 15.10
C PRO I 30 28.59 32.16 14.88
N ARG I 31 27.48 32.71 15.36
CA ARG I 31 27.13 34.11 15.14
C ARG I 31 27.51 34.95 16.36
N VAL I 32 27.79 36.24 16.10
CA VAL I 32 27.83 37.21 17.17
C VAL I 32 26.37 37.45 17.59
N VAL I 33 26.10 37.26 18.87
CA VAL I 33 24.71 37.20 19.36
C VAL I 33 24.35 38.52 20.03
N LEU I 34 23.19 39.06 19.66
CA LEU I 34 22.63 40.22 20.33
C LEU I 34 21.56 39.73 21.27
N PRO I 35 21.75 39.80 22.59
CA PRO I 35 20.66 39.52 23.53
C PRO I 35 19.73 40.72 23.56
N VAL I 36 18.43 40.43 23.62
CA VAL I 36 17.41 41.46 23.55
C VAL I 36 16.46 41.25 24.71
N TRP I 37 16.36 42.25 25.58
CA TRP I 37 15.42 42.19 26.71
C TRP I 37 14.13 42.90 26.31
N LEU I 38 12.99 42.26 26.58
CA LEU I 38 11.69 42.89 26.39
C LEU I 38 11.32 43.63 27.68
N ASN I 39 11.26 44.97 27.63
CA ASN I 39 11.07 45.72 28.86
C ASN I 39 9.61 45.64 29.33
N PHE I 40 9.29 46.38 30.40
CA PHE I 40 7.97 46.25 31.02
C PHE I 40 6.85 46.79 30.15
N ASP I 41 7.18 47.59 29.13
CA ASP I 41 6.23 48.00 28.10
C ASP I 41 6.28 47.12 26.86
N GLY I 42 7.10 46.06 26.85
CA GLY I 42 7.22 45.22 25.68
C GLY I 42 8.14 45.74 24.60
N GLU I 43 8.88 46.79 24.86
CA GLU I 43 9.81 47.35 23.90
C GLU I 43 11.14 46.60 23.98
N PRO I 44 11.70 46.16 22.84
CA PRO I 44 12.97 45.41 22.89
C PRO I 44 14.13 46.33 23.26
N GLN I 45 14.95 45.87 24.19
CA GLN I 45 16.12 46.63 24.63
C GLN I 45 17.38 45.80 24.39
N PRO I 46 18.30 46.25 23.53
CA PRO I 46 19.52 45.46 23.28
C PRO I 46 20.51 45.55 24.44
N TYR I 47 21.24 44.46 24.63
CA TYR I 47 22.29 44.29 25.62
C TYR I 47 23.61 43.95 24.91
N PRO I 48 24.75 43.97 25.59
CA PRO I 48 26.03 43.77 24.91
C PRO I 48 26.12 42.43 24.17
N THR I 49 26.74 42.46 23.00
CA THR I 49 26.79 41.25 22.18
C THR I 49 27.75 40.22 22.77
N LEU I 50 27.55 38.96 22.37
CA LEU I 50 28.35 37.81 22.79
C LEU I 50 29.07 37.26 21.57
N PRO I 51 30.39 37.22 21.56
CA PRO I 51 31.10 36.58 20.45
C PRO I 51 30.75 35.10 20.37
N PRO I 52 30.96 34.48 19.20
CA PRO I 52 30.70 33.05 19.07
C PRO I 52 31.49 32.24 20.09
N GLY I 53 30.88 31.17 20.58
CA GLY I 53 31.51 30.26 21.51
C GLY I 53 31.81 30.80 22.88
N THR I 54 31.22 31.94 23.26
CA THR I 54 31.51 32.51 24.56
C THR I 54 30.26 32.47 25.44
N GLY I 55 30.49 32.60 26.75
CA GLY I 55 29.42 32.62 27.72
C GLY I 55 29.50 33.87 28.57
N ARG I 56 28.41 34.24 29.27
CA ARG I 56 28.46 35.43 30.09
C ARG I 56 27.45 35.31 31.21
N ARG I 57 27.87 35.59 32.44
CA ARG I 57 26.96 35.54 33.58
C ARG I 57 26.17 36.83 33.65
N ILE I 58 24.85 36.71 33.84
CA ILE I 58 23.90 37.81 33.66
C ILE I 58 23.03 37.91 34.90
N HIS I 59 22.80 39.14 35.38
CA HIS I 59 21.87 39.38 36.48
C HIS I 59 20.52 39.79 35.88
N SER I 60 19.54 38.89 35.93
CA SER I 60 18.19 39.19 35.42
C SER I 60 17.18 38.97 36.54
N TYR I 61 15.91 38.76 36.18
CA TYR I 61 14.82 38.67 37.14
C TYR I 61 13.83 37.61 36.69
N ARG I 62 13.18 36.97 37.65
CA ARG I 62 12.17 35.98 37.33
C ARG I 62 11.06 36.60 36.48
N GLY I 63 10.64 35.88 35.44
CA GLY I 63 9.58 36.37 34.60
C GLY I 63 9.98 37.41 33.58
N HIS I 64 11.25 37.78 33.51
CA HIS I 64 11.68 38.66 32.45
C HIS I 64 11.72 37.88 31.13
N LEU I 65 11.70 38.59 30.00
CA LEU I 65 11.63 37.96 28.69
C LEU I 65 12.83 38.37 27.85
N TRP I 66 13.48 37.37 27.23
CA TRP I 66 14.67 37.59 26.44
C TRP I 66 14.53 36.88 25.11
N LEU I 67 15.03 37.48 24.05
CA LEU I 67 15.24 36.76 22.80
C LEU I 67 16.64 37.07 22.30
N PHE I 68 17.08 36.31 21.28
CA PHE I 68 18.47 36.35 20.84
C PHE I 68 18.57 36.36 19.33
N ARG I 69 19.36 37.29 18.80
CA ARG I 69 19.43 37.54 17.37
C ARG I 69 20.90 37.57 16.95
N ASP I 70 21.14 37.32 15.67
CA ASP I 70 22.42 37.67 15.09
C ASP I 70 22.60 39.19 15.15
N ALA I 71 23.72 39.63 15.73
CA ALA I 71 23.92 41.05 16.01
C ALA I 71 24.02 41.89 14.74
N GLY I 72 24.53 41.31 13.66
CA GLY I 72 24.73 42.06 12.43
C GLY I 72 23.53 42.07 11.48
N THR I 73 22.82 40.94 11.40
CA THR I 73 21.76 40.74 10.42
C THR I 73 20.38 40.61 11.04
N HIS I 74 20.30 40.43 12.36
CA HIS I 74 19.06 40.17 13.10
C HIS I 74 18.41 38.86 12.71
N ASP I 75 19.15 37.94 12.08
CA ASP I 75 18.64 36.59 11.94
C ASP I 75 18.23 36.05 13.30
N GLY I 76 17.15 35.29 13.34
CA GLY I 76 16.67 34.73 14.60
C GLY I 76 17.55 33.58 15.07
N LEU I 77 17.67 33.47 16.40
CA LEU I 77 18.38 32.37 17.03
C LEU I 77 17.45 31.71 18.02
N LEU I 78 17.80 30.49 18.41
CA LEU I 78 17.03 29.76 19.40
C LEU I 78 17.72 29.89 20.75
N VAL I 79 16.94 29.82 21.82
CA VAL I 79 17.50 29.77 23.17
C VAL I 79 16.81 28.63 23.90
N ASN I 80 17.60 27.66 24.37
CA ASN I 80 17.09 26.41 24.90
C ASN I 80 16.05 25.84 23.95
N GLN I 81 16.34 25.95 22.66
CA GLN I 81 15.58 25.39 21.55
C GLN I 81 14.19 25.97 21.40
N THR I 82 13.91 27.14 21.95
CA THR I 82 12.65 27.78 21.63
C THR I 82 12.94 29.25 21.35
N GLU I 83 11.93 30.09 21.19
CA GLU I 83 12.23 31.45 20.75
C GLU I 83 12.46 32.42 21.90
N LEU I 84 11.85 32.20 23.05
CA LEU I 84 11.93 33.14 24.15
C LEU I 84 12.52 32.46 25.37
N PHE I 85 13.26 33.23 26.16
CA PHE I 85 13.87 32.73 27.39
C PHE I 85 13.30 33.49 28.57
N VAL I 86 12.77 32.76 29.54
CA VAL I 86 12.22 33.42 30.73
C VAL I 86 12.99 32.93 31.94
N PRO I 87 13.81 33.77 32.57
CA PRO I 87 14.54 33.33 33.76
C PRO I 87 13.57 32.87 34.82
N SER I 88 13.92 31.79 35.50
CA SER I 88 13.12 31.24 36.57
C SER I 88 13.90 31.37 37.87
N LEU I 89 13.35 30.84 38.95
CA LEU I 89 14.02 30.93 40.24
C LEU I 89 15.23 30.01 40.28
N ASN I 90 16.36 30.53 40.80
CA ASN I 90 17.56 29.71 40.98
C ASN I 90 17.35 28.74 42.14
N VAL I 91 17.40 27.45 41.84
CA VAL I 91 17.35 26.41 42.87
C VAL I 91 18.74 26.25 43.47
N ASP I 92 18.82 26.33 44.79
CA ASP I 92 20.11 26.41 45.50
C ASP I 92 20.79 27.66 44.97
N GLY I 93 22.05 27.61 44.57
CA GLY I 93 22.70 28.77 44.00
C GLY I 93 23.07 28.53 42.55
N GLN I 94 22.30 27.68 41.87
CA GLN I 94 22.63 27.33 40.50
C GLN I 94 22.07 28.37 39.53
N PRO I 95 22.87 28.89 38.62
CA PRO I 95 22.33 29.79 37.60
C PRO I 95 21.56 29.00 36.54
N ILE I 96 20.66 29.70 35.87
CA ILE I 96 19.89 29.13 34.77
C ILE I 96 20.67 29.33 33.48
N PHE I 97 20.86 28.26 32.72
CA PHE I 97 21.56 28.37 31.45
C PHE I 97 20.60 28.74 30.31
N ALA I 98 20.97 29.74 29.54
CA ALA I 98 20.32 30.09 28.29
C ALA I 98 21.27 29.69 27.15
N ASN I 99 21.05 28.51 26.58
CA ASN I 99 21.91 27.98 25.53
C ASN I 99 21.41 28.49 24.19
N ILE I 100 22.17 29.40 23.57
CA ILE I 100 21.81 30.04 22.32
C ILE I 100 22.39 29.23 21.17
N THR I 101 21.54 28.83 20.22
CA THR I 101 21.97 27.98 19.11
C THR I 101 21.41 28.50 17.79
N LEU I 102 22.03 28.04 16.70
CA LEU I 102 21.43 28.23 15.39
C LEU I 102 20.21 27.34 15.27
N PRO I 103 19.11 27.86 14.72
CA PRO I 103 18.06 26.98 14.26
C PRO I 103 18.53 26.29 12.99
N VAL I 104 17.84 25.23 12.61
CA VAL I 104 17.98 24.72 11.26
C VAL I 104 17.14 25.62 10.38
N TYR I 105 17.76 26.62 9.78
CA TYR I 105 17.03 27.46 8.86
C TYR I 105 16.55 26.65 7.65
N THR I 106 15.42 27.05 7.08
CA THR I 106 15.04 26.53 5.77
C THR I 106 16.12 26.91 4.77
N LEU I 107 16.30 26.05 3.76
CA LEU I 107 17.29 26.36 2.74
C LEU I 107 17.04 27.72 2.13
N LYS I 108 15.77 28.06 1.90
CA LYS I 108 15.45 29.36 1.32
C LYS I 108 15.90 30.50 2.23
N GLU I 109 15.55 30.42 3.52
CA GLU I 109 15.98 31.48 4.43
C GLU I 109 17.50 31.59 4.45
N ARG I 110 18.19 30.45 4.41
CA ARG I 110 19.64 30.49 4.42
C ARG I 110 20.18 31.16 3.15
N CYS I 111 19.58 30.84 1.98
CA CYS I 111 19.99 31.52 0.76
C CYS I 111 19.75 33.02 0.85
N LEU I 112 18.57 33.43 1.37
CA LEU I 112 18.32 34.86 1.54
C LEU I 112 19.39 35.48 2.43
N GLN I 113 19.78 34.80 3.51
CA GLN I 113 20.83 35.34 4.38
C GLN I 113 22.12 35.59 3.60
N VAL I 114 22.53 34.63 2.78
CA VAL I 114 23.81 34.76 2.09
C VAL I 114 23.74 35.87 1.03
N VAL I 115 22.65 35.92 0.27
CA VAL I 115 22.52 36.96 -0.75
C VAL I 115 22.51 38.33 -0.09
N ARG I 116 21.79 38.48 1.03
CA ARG I 116 21.77 39.74 1.76
C ARG I 116 23.18 40.12 2.21
N SER I 117 23.99 39.12 2.61
CA SER I 117 25.35 39.39 3.06
C SER I 117 26.25 39.87 1.93
N LEU I 118 25.90 39.61 0.68
CA LEU I 118 26.77 39.94 -0.45
C LEU I 118 26.32 41.14 -1.27
N VAL I 119 25.04 41.50 -1.26
CA VAL I 119 24.52 42.54 -2.14
C VAL I 119 23.98 43.69 -1.28
N LYS I 120 24.37 44.92 -1.64
CA LYS I 120 23.84 46.07 -0.93
C LYS I 120 22.35 46.20 -1.20
N PRO I 121 21.56 46.64 -0.22
CA PRO I 121 20.10 46.65 -0.40
C PRO I 121 19.64 47.48 -1.59
N GLU I 122 20.37 48.54 -1.94
CA GLU I 122 20.07 49.29 -3.15
C GLU I 122 20.01 48.39 -4.38
N ASN I 123 20.81 47.32 -4.40
CA ASN I 123 21.02 46.51 -5.59
C ASN I 123 20.22 45.22 -5.60
N TYR I 124 19.28 45.04 -4.67
CA TYR I 124 18.42 43.86 -4.74
C TYR I 124 17.70 43.82 -6.09
N ARG I 125 17.27 44.99 -6.57
CA ARG I 125 16.49 45.06 -7.79
C ARG I 125 17.32 44.79 -9.05
N ARG I 126 18.64 44.88 -8.96
CA ARG I 126 19.53 44.59 -10.08
C ARG I 126 19.87 43.11 -10.20
N LEU I 127 19.24 42.26 -9.41
CA LEU I 127 19.46 40.83 -9.51
C LEU I 127 18.40 40.19 -10.40
N ASP I 128 18.82 39.22 -11.20
CA ASP I 128 17.92 38.50 -12.10
C ASP I 128 17.13 37.41 -11.41
N ILE I 129 16.07 37.83 -10.73
CA ILE I 129 15.22 36.88 -10.02
C ILE I 129 13.78 37.37 -10.11
N VAL I 130 12.84 36.46 -9.84
CA VAL I 130 11.42 36.82 -9.89
C VAL I 130 11.12 37.82 -8.78
N ARG I 131 10.10 38.64 -9.00
CA ARG I 131 9.82 39.72 -8.06
C ARG I 131 9.48 39.18 -6.67
N SER I 132 8.83 38.01 -6.58
CA SER I 132 8.48 37.48 -5.26
C SER I 132 9.71 37.14 -4.43
N LEU I 133 10.79 36.66 -5.06
CA LEU I 133 12.02 36.44 -4.31
C LEU I 133 12.70 37.75 -3.99
N TYR I 134 12.51 38.72 -4.88
CA TYR I 134 13.00 40.07 -4.69
C TYR I 134 12.38 40.74 -3.47
N GLU I 135 11.08 40.48 -3.22
CA GLU I 135 10.43 41.01 -2.01
C GLU I 135 10.85 40.23 -0.77
N ASP I 136 11.06 38.92 -0.92
CA ASP I 136 11.61 38.12 0.17
C ASP I 136 12.93 38.69 0.67
N LEU I 137 13.79 39.17 -0.24
CA LEU I 137 15.08 39.72 0.17
C LEU I 137 14.92 40.98 1.02
N GLU I 138 14.02 41.88 0.62
CA GLU I 138 13.86 43.14 1.32
C GLU I 138 13.22 42.97 2.69
N ASP I 139 12.47 41.88 2.89
CA ASP I 139 11.81 41.62 4.17
C ASP I 139 12.86 41.08 5.16
N HIS I 140 13.74 41.99 5.58
CA HIS I 140 14.80 41.65 6.53
C HIS I 140 14.22 41.10 7.84
N PRO I 141 14.92 40.16 8.48
CA PRO I 141 14.52 39.72 9.83
C PRO I 141 14.38 40.93 10.73
N ASN I 142 13.39 40.89 11.62
CA ASN I 142 13.02 42.11 12.35
C ASN I 142 12.40 41.67 13.67
N VAL I 143 12.99 42.13 14.78
CA VAL I 143 12.48 41.71 16.09
C VAL I 143 11.02 42.11 16.22
N GLN I 144 10.69 43.33 15.82
CA GLN I 144 9.33 43.84 16.07
C GLN I 144 8.31 43.03 15.27
N LYS I 145 8.65 42.66 14.03
CA LYS I 145 7.79 41.78 13.25
C LYS I 145 7.62 40.42 13.92
N ASP I 146 8.73 39.83 14.39
CA ASP I 146 8.65 38.53 15.07
C ASP I 146 7.83 38.62 16.34
N LEU I 147 7.96 39.72 17.08
CA LEU I 147 7.15 39.89 18.28
C LEU I 147 5.66 39.95 17.90
N GLU I 148 5.34 40.66 16.82
CA GLU I 148 3.96 40.65 16.32
C GLU I 148 3.53 39.25 15.93
N ARG I 149 4.38 38.52 15.20
CA ARG I 149 4.05 37.17 14.77
C ARG I 149 3.80 36.25 15.95
N LEU I 150 4.76 36.16 16.87
CA LEU I 150 4.57 35.42 18.11
C LEU I 150 3.25 35.79 18.81
N THR I 151 3.00 37.08 18.98
CA THR I 151 1.79 37.53 19.69
C THR I 151 0.53 36.95 19.06
N GLN I 152 0.48 36.89 17.72
CA GLN I 152 -0.75 36.47 17.05
C GLN I 152 -0.92 34.96 17.01
N GLU I 153 0.18 34.20 17.04
CA GLU I 153 0.08 32.74 17.07
C GLU I 153 -0.47 32.26 18.41
N ARG I 154 -0.26 33.01 19.49
CA ARG I 154 -0.92 32.71 20.75
C ARG I 154 -2.41 33.01 20.73
N ILE I 155 -2.96 33.47 19.61
CA ILE I 155 -4.38 33.73 19.48
C ILE I 155 -4.97 32.91 18.33
N MET J 1 9.67 -24.98 40.14
CA MET J 1 9.59 -26.42 39.93
C MET J 1 8.88 -26.70 38.62
N ASP J 2 7.94 -25.85 38.24
CA ASP J 2 7.37 -25.92 36.90
C ASP J 2 8.30 -25.21 35.92
N VAL J 3 8.47 -25.79 34.73
CA VAL J 3 9.18 -25.13 33.65
C VAL J 3 8.24 -25.00 32.47
N PHE J 4 8.31 -23.86 31.77
CA PHE J 4 7.37 -23.53 30.71
C PHE J 4 8.11 -23.48 29.39
N LEU J 5 7.58 -24.20 28.41
CA LEU J 5 8.29 -24.58 27.20
C LEU J 5 7.51 -24.24 25.96
N MET J 6 8.24 -24.07 24.86
CA MET J 6 7.69 -24.11 23.52
C MET J 6 8.40 -25.24 22.81
N ILE J 7 7.66 -26.24 22.36
CA ILE J 7 8.27 -27.35 21.62
C ILE J 7 8.05 -27.05 20.15
N ARG J 8 9.13 -26.87 19.39
CA ARG J 8 9.03 -26.23 18.08
C ARG J 8 9.64 -27.12 17.00
N ARG J 9 8.91 -27.29 15.90
CA ARG J 9 9.33 -28.01 14.70
C ARG J 9 8.72 -27.34 13.48
N HIS J 10 9.56 -26.95 12.52
CA HIS J 10 9.05 -26.30 11.32
C HIS J 10 8.15 -25.11 11.66
N LYS J 11 6.85 -25.15 11.30
CA LYS J 11 5.92 -24.06 11.63
C LYS J 11 4.92 -24.45 12.73
N THR J 12 5.27 -25.44 13.54
CA THR J 12 4.46 -25.92 14.65
C THR J 12 5.12 -25.52 15.98
N THR J 13 4.33 -24.99 16.91
CA THR J 13 4.83 -24.64 18.25
C THR J 13 3.83 -25.13 19.28
N ILE J 14 4.27 -26.02 20.16
CA ILE J 14 3.45 -26.53 21.25
C ILE J 14 3.84 -25.77 22.52
N PHE J 15 2.86 -25.14 23.17
CA PHE J 15 3.09 -24.53 24.49
C PHE J 15 2.72 -25.55 25.56
N THR J 16 3.65 -25.86 26.46
CA THR J 16 3.33 -26.80 27.53
C THR J 16 4.25 -26.51 28.70
N ASP J 17 3.90 -27.06 29.86
CA ASP J 17 4.70 -26.97 31.07
C ASP J 17 5.00 -28.39 31.52
N ALA J 18 6.02 -28.52 32.37
CA ALA J 18 6.44 -29.80 32.91
C ALA J 18 7.24 -29.49 34.16
N LYS J 19 7.58 -30.52 34.93
CA LYS J 19 8.36 -30.27 36.12
C LYS J 19 9.84 -30.33 35.78
N GLU J 20 10.63 -29.58 36.56
CA GLU J 20 12.08 -29.62 36.39
C GLU J 20 12.63 -31.03 36.57
N SER J 21 11.99 -31.85 37.41
CA SER J 21 12.42 -33.22 37.68
C SER J 21 11.89 -34.22 36.66
N SER J 22 11.00 -33.81 35.78
CA SER J 22 10.47 -34.71 34.77
C SER J 22 11.51 -34.96 33.67
N THR J 23 11.28 -36.00 32.88
CA THR J 23 12.32 -36.41 31.94
C THR J 23 12.01 -35.98 30.51
N VAL J 24 13.07 -36.02 29.70
CA VAL J 24 12.95 -35.80 28.28
C VAL J 24 11.98 -36.80 27.66
N PHE J 25 12.06 -38.08 28.07
CA PHE J 25 11.11 -39.05 27.56
C PHE J 25 9.67 -38.62 27.85
N GLU J 26 9.41 -38.12 29.05
CA GLU J 26 8.05 -37.69 29.39
C GLU J 26 7.58 -36.53 28.51
N LEU J 27 8.50 -35.66 28.05
CA LEU J 27 8.10 -34.62 27.10
C LEU J 27 7.74 -35.23 25.75
N LYS J 28 8.45 -36.28 25.33
CA LYS J 28 8.07 -36.95 24.08
C LYS J 28 6.68 -37.55 24.18
N ARG J 29 6.30 -38.04 25.36
CA ARG J 29 4.92 -38.52 25.51
C ARG J 29 3.92 -37.38 25.32
N ILE J 30 4.27 -36.17 25.74
CA ILE J 30 3.37 -35.04 25.51
C ILE J 30 3.23 -34.78 24.02
N VAL J 31 4.35 -34.76 23.29
CA VAL J 31 4.34 -34.57 21.84
C VAL J 31 3.55 -35.68 21.16
N GLU J 32 3.67 -36.91 21.66
CA GLU J 32 2.96 -38.03 21.05
C GLU J 32 1.45 -37.81 21.12
N GLY J 33 0.96 -37.41 22.30
CA GLY J 33 -0.47 -37.16 22.45
C GLY J 33 -1.00 -36.09 21.51
N ILE J 34 -0.16 -35.17 21.10
CA ILE J 34 -0.60 -34.04 20.29
C ILE J 34 -0.37 -34.29 18.81
N LEU J 35 0.85 -34.68 18.44
CA LEU J 35 1.20 -34.82 17.05
C LEU J 35 1.18 -36.27 16.58
N LYS J 36 0.82 -37.21 17.45
CA LYS J 36 0.61 -38.62 17.08
C LYS J 36 1.85 -39.25 16.43
N ARG J 37 3.00 -39.04 17.06
CA ARG J 37 4.21 -39.75 16.66
C ARG J 37 4.84 -40.28 17.94
N PRO J 38 5.17 -41.58 18.00
CA PRO J 38 5.65 -42.16 19.24
C PRO J 38 7.02 -41.59 19.59
N PRO J 39 7.47 -41.74 20.84
CA PRO J 39 8.76 -41.19 21.22
C PRO J 39 9.94 -41.65 20.38
N ASP J 40 9.96 -42.91 19.94
CA ASP J 40 11.10 -43.41 19.18
C ASP J 40 11.19 -42.78 17.80
N GLU J 41 10.18 -42.04 17.36
CA GLU J 41 10.26 -41.32 16.10
C GLU J 41 10.52 -39.82 16.30
N GLN J 42 10.92 -39.42 17.51
CA GLN J 42 11.17 -38.04 17.88
C GLN J 42 12.61 -37.86 18.35
N ARG J 43 13.18 -36.72 18.00
CA ARG J 43 14.40 -36.22 18.61
C ARG J 43 14.09 -34.85 19.17
N LEU J 44 14.46 -34.61 20.44
CA LEU J 44 14.29 -33.32 21.08
C LEU J 44 15.66 -32.69 21.25
N TYR J 45 15.72 -31.36 21.11
CA TYR J 45 16.97 -30.63 21.12
C TYR J 45 16.91 -29.46 22.08
N LYS J 46 18.04 -29.17 22.72
CA LYS J 46 18.25 -27.88 23.38
C LYS J 46 19.26 -27.13 22.53
N ASP J 47 18.81 -26.10 21.82
CA ASP J 47 19.60 -25.54 20.74
C ASP J 47 20.00 -26.67 19.78
N ASP J 48 21.29 -26.91 19.57
CA ASP J 48 21.71 -27.96 18.66
C ASP J 48 22.01 -29.28 19.37
N GLN J 49 21.84 -29.32 20.68
CA GLN J 49 22.23 -30.49 21.47
C GLN J 49 21.07 -31.48 21.57
N LEU J 50 21.32 -32.71 21.13
CA LEU J 50 20.32 -33.75 21.22
C LEU J 50 20.09 -34.11 22.69
N LEU J 51 18.83 -34.21 23.10
CA LEU J 51 18.52 -34.49 24.50
C LEU J 51 18.28 -35.99 24.67
N ASP J 52 18.90 -36.58 25.68
CA ASP J 52 18.73 -38.01 25.96
C ASP J 52 17.47 -38.26 26.78
N ASP J 53 16.75 -39.33 26.45
CA ASP J 53 15.44 -39.60 27.06
C ASP J 53 15.47 -39.65 28.58
N GLY J 54 16.54 -40.20 29.15
CA GLY J 54 16.58 -40.42 30.59
C GLY J 54 16.97 -39.23 31.45
N LYS J 55 17.42 -38.13 30.84
CA LYS J 55 17.82 -36.95 31.58
C LYS J 55 16.61 -36.14 32.00
N THR J 56 16.74 -35.44 33.13
CA THR J 56 15.68 -34.56 33.57
C THR J 56 15.77 -33.21 32.87
N LEU J 57 14.65 -32.50 32.85
CA LEU J 57 14.67 -31.19 32.21
C LEU J 57 15.62 -30.24 32.92
N GLY J 58 15.65 -30.31 34.27
CA GLY J 58 16.57 -29.47 35.01
C GLY J 58 18.03 -29.73 34.66
N GLU J 59 18.40 -31.01 34.52
CA GLU J 59 19.79 -31.35 34.18
C GLU J 59 20.18 -30.80 32.82
N GLY J 61 19.21 -28.16 31.75
CA GLY J 61 19.23 -26.71 31.87
C GLY J 61 17.94 -25.95 31.71
N PHE J 62 16.81 -26.65 31.69
CA PHE J 62 15.50 -25.99 31.72
C PHE J 62 15.14 -25.79 33.18
N THR J 63 15.27 -24.56 33.66
CA THR J 63 15.04 -24.29 35.07
C THR J 63 13.88 -23.32 35.22
N SER J 64 13.22 -23.41 36.36
CA SER J 64 12.03 -22.59 36.57
C SER J 64 12.33 -21.12 36.38
N GLN J 65 13.52 -20.67 36.73
CA GLN J 65 13.71 -19.24 36.60
C GLN J 65 14.18 -18.82 35.21
N THR J 66 14.50 -19.77 34.33
CA THR J 66 14.80 -19.46 32.93
C THR J 66 13.68 -19.85 31.96
N ALA J 67 12.94 -20.92 32.24
CA ALA J 67 11.81 -21.34 31.40
C ALA J 67 10.52 -20.85 32.04
N ARG J 68 10.20 -19.55 31.81
CA ARG J 68 9.18 -18.84 32.54
C ARG J 68 7.87 -18.82 31.78
N PRO J 69 6.73 -18.73 32.49
CA PRO J 69 5.42 -18.70 31.79
C PRO J 69 5.35 -17.62 30.73
N GLN J 70 5.78 -16.43 31.09
CA GLN J 70 5.72 -15.32 30.17
C GLN J 70 6.90 -15.26 29.23
N ALA J 71 7.88 -16.17 29.38
CA ALA J 71 9.08 -16.21 28.53
C ALA J 71 9.60 -17.65 28.47
N PRO J 72 8.86 -18.54 27.81
CA PRO J 72 9.18 -19.98 27.90
C PRO J 72 10.44 -20.33 27.13
N ALA J 73 11.08 -21.43 27.54
CA ALA J 73 12.27 -21.93 26.85
C ALA J 73 11.86 -22.79 25.65
N THR J 74 12.75 -22.86 24.65
CA THR J 74 12.47 -23.53 23.39
C THR J 74 13.13 -24.91 23.37
N VAL J 75 12.36 -25.92 23.01
CA VAL J 75 12.84 -27.29 22.79
C VAL J 75 12.63 -27.58 21.30
N GLY J 76 13.70 -27.94 20.59
CA GLY J 76 13.55 -28.27 19.19
C GLY J 76 13.05 -29.69 19.02
N LEU J 77 12.34 -29.94 17.92
CA LEU J 77 11.77 -31.25 17.65
C LEU J 77 12.01 -31.64 16.20
N ALA J 78 12.46 -32.89 15.99
CA ALA J 78 12.62 -33.46 14.66
C ALA J 78 12.01 -34.87 14.63
N PHE J 79 11.36 -35.21 13.54
CA PHE J 79 10.70 -36.50 13.37
C PHE J 79 11.53 -37.41 12.48
N ARG J 80 11.34 -38.71 12.68
CA ARG J 80 11.86 -39.72 11.77
C ARG J 80 10.97 -39.69 10.51
N ALA J 81 11.60 -39.65 9.33
CA ALA J 81 10.88 -39.68 8.05
C ALA J 81 11.47 -40.80 7.20
N ASP J 82 10.77 -41.93 7.12
CA ASP J 82 11.22 -43.11 6.36
C ASP J 82 12.59 -43.60 6.85
N ASP J 83 12.62 -44.03 8.11
CA ASP J 83 13.76 -44.67 8.73
C ASP J 83 14.94 -43.74 8.96
N THR J 84 14.83 -42.45 8.59
CA THR J 84 15.90 -41.50 8.82
C THR J 84 15.29 -40.24 9.44
N PHE J 85 15.99 -39.64 10.38
CA PHE J 85 15.48 -38.43 11.04
C PHE J 85 15.74 -37.21 10.17
N GLU J 86 14.72 -36.37 10.00
CA GLU J 86 14.92 -35.10 9.35
C GLU J 86 15.87 -34.23 10.18
N ALA J 87 16.45 -33.23 9.55
CA ALA J 87 17.28 -32.31 10.27
C ALA J 87 16.42 -31.41 11.16
N LEU J 88 17.01 -30.92 12.22
CA LEU J 88 16.26 -30.01 13.07
C LEU J 88 15.99 -28.73 12.30
N ILE J 90 13.61 -25.11 12.66
CA ILE J 90 12.56 -24.27 13.27
C ILE J 90 12.37 -22.98 12.47
N GLU J 91 11.17 -22.79 11.93
CA GLU J 91 10.90 -21.58 11.16
C GLU J 91 10.77 -20.39 12.11
N PRO J 92 11.49 -19.30 11.88
CA PRO J 92 11.34 -18.14 12.77
C PRO J 92 9.95 -17.54 12.64
N PHE J 93 9.50 -16.87 13.71
CA PHE J 93 8.27 -16.12 13.64
C PHE J 93 8.46 -14.92 12.71
N SER J 94 7.34 -14.33 12.31
CA SER J 94 7.35 -13.15 11.44
C SER J 94 8.11 -12.01 12.08
N SER J 95 8.53 -11.07 11.24
CA SER J 95 9.27 -9.91 11.74
C SER J 95 8.32 -8.73 11.98
N PRO J 96 8.50 -8.05 13.12
CA PRO J 96 7.68 -6.89 13.40
C PRO J 96 8.01 -5.77 12.46
N PRO J 97 7.05 -4.91 12.12
CA PRO J 97 7.36 -3.77 11.25
C PRO J 97 8.28 -2.80 11.96
N GLU J 98 8.78 -1.83 11.21
CA GLU J 98 9.67 -0.85 11.80
C GLU J 98 8.93 -0.09 12.89
N LEU J 99 9.66 0.36 13.88
CA LEU J 99 9.03 1.06 14.99
C LEU J 99 8.60 2.45 14.50
N PRO J 100 7.33 2.83 14.66
CA PRO J 100 6.91 4.16 14.19
C PRO J 100 7.70 5.26 14.86
N ASP J 101 7.85 6.38 14.13
CA ASP J 101 8.61 7.51 14.66
C ASP J 101 8.03 8.02 15.97
N VAL J 102 6.70 7.90 16.15
CA VAL J 102 6.06 8.37 17.37
C VAL J 102 6.33 7.45 18.54
N MET J 103 6.74 6.20 18.30
CA MET J 103 7.14 5.31 19.36
C MET J 103 8.67 5.34 19.52
N MET K 1 -5.40 -34.53 28.59
CA MET K 1 -5.20 -33.10 28.41
C MET K 1 -5.63 -32.63 27.01
N MET K 2 -6.62 -31.75 26.96
CA MET K 2 -7.13 -31.25 25.68
C MET K 2 -6.35 -30.02 25.23
N TYR K 3 -6.04 -29.96 23.94
CA TYR K 3 -5.29 -28.89 23.32
C TYR K 3 -6.11 -28.31 22.17
N VAL K 4 -5.80 -27.07 21.80
CA VAL K 4 -6.41 -26.44 20.62
C VAL K 4 -5.30 -25.81 19.80
N LYS K 5 -5.59 -25.57 18.53
CA LYS K 5 -4.65 -25.05 17.56
C LYS K 5 -5.08 -23.67 17.11
N LEU K 6 -4.19 -22.69 17.27
CA LEU K 6 -4.38 -21.32 16.83
C LEU K 6 -3.39 -21.04 15.72
N ILE K 7 -3.89 -20.64 14.55
CA ILE K 7 -3.06 -20.49 13.34
C ILE K 7 -2.94 -19.01 12.99
N SER K 8 -1.70 -18.54 12.87
CA SER K 8 -1.43 -17.13 12.58
C SER K 8 -1.60 -16.83 11.11
N SER K 9 -1.56 -15.53 10.77
CA SER K 9 -1.75 -15.12 9.39
C SER K 9 -0.69 -15.71 8.47
N ASP K 10 0.53 -15.86 8.96
CA ASP K 10 1.64 -16.40 8.18
C ASP K 10 1.77 -17.92 8.35
N GLY K 11 0.77 -18.59 8.89
CA GLY K 11 0.71 -20.04 8.85
C GLY K 11 1.42 -20.76 9.97
N HIS K 12 1.91 -20.06 11.00
CA HIS K 12 2.42 -20.77 12.16
C HIS K 12 1.26 -21.36 12.93
N GLU K 13 1.42 -22.60 13.36
CA GLU K 13 0.40 -23.30 14.11
C GLU K 13 0.84 -23.38 15.56
N PHE K 14 0.06 -22.76 16.44
CA PHE K 14 0.34 -22.73 17.87
C PHE K 14 -0.63 -23.67 18.56
N ILE K 15 -0.10 -24.60 19.34
CA ILE K 15 -0.92 -25.59 20.03
C ILE K 15 -0.82 -25.32 21.52
N VAL K 16 -1.95 -24.94 22.14
CA VAL K 16 -1.99 -24.58 23.56
C VAL K 16 -3.07 -25.41 24.24
N LYS K 17 -2.94 -25.55 25.56
CA LYS K 17 -3.97 -26.27 26.31
C LYS K 17 -5.32 -25.58 26.15
N ARG K 18 -6.37 -26.38 26.01
CA ARG K 18 -7.71 -25.81 25.85
C ARG K 18 -8.06 -24.88 27.00
N GLU K 19 -7.73 -25.29 28.23
CA GLU K 19 -8.05 -24.43 29.37
C GLU K 19 -7.39 -23.05 29.24
N HIS K 20 -6.15 -23.01 28.74
CA HIS K 20 -5.43 -21.74 28.60
C HIS K 20 -6.04 -20.90 27.49
N ALA K 21 -6.49 -21.53 26.42
CA ALA K 21 -7.09 -20.78 25.33
C ALA K 21 -8.43 -20.19 25.74
N LEU K 22 -9.15 -20.87 26.63
CA LEU K 22 -10.44 -20.36 27.08
C LEU K 22 -10.31 -19.10 27.94
N THR K 23 -9.07 -18.69 28.21
CA THR K 23 -8.80 -17.36 28.77
C THR K 23 -9.39 -16.27 27.89
N SER K 24 -9.36 -16.46 26.58
CA SER K 24 -9.94 -15.52 25.64
C SER K 24 -11.44 -15.79 25.54
N GLY K 25 -12.25 -14.79 25.88
CA GLY K 25 -13.68 -14.96 25.70
C GLY K 25 -14.05 -15.15 24.25
N THR K 26 -13.34 -14.45 23.36
CA THR K 26 -13.57 -14.60 21.92
C THR K 26 -13.24 -16.01 21.48
N ILE K 27 -12.09 -16.55 21.91
CA ILE K 27 -11.75 -17.90 21.51
C ILE K 27 -12.73 -18.89 22.09
N LYS K 28 -13.11 -18.71 23.36
CA LYS K 28 -14.10 -19.55 24.01
C LYS K 28 -15.38 -19.66 23.18
N ALA K 29 -15.83 -18.53 22.61
CA ALA K 29 -17.00 -18.54 21.74
C ALA K 29 -16.74 -19.26 20.42
N MET K 30 -15.59 -19.03 19.81
CA MET K 30 -15.29 -19.61 18.50
C MET K 30 -15.24 -21.13 18.52
N LEU K 31 -14.87 -21.73 19.64
CA LEU K 31 -14.74 -23.16 19.75
C LEU K 31 -16.10 -23.86 19.94
N THR K 42 -15.06 -27.98 17.68
CA THR K 42 -14.00 -27.24 17.01
C THR K 42 -12.75 -27.16 17.88
N ASN K 43 -11.57 -27.42 17.30
CA ASN K 43 -10.33 -27.30 18.04
C ASN K 43 -9.24 -26.56 17.26
N GLU K 44 -9.62 -25.82 16.22
CA GLU K 44 -8.68 -25.13 15.35
C GLU K 44 -9.26 -23.76 15.04
N VAL K 45 -8.46 -22.72 15.21
CA VAL K 45 -8.89 -21.35 14.91
C VAL K 45 -7.86 -20.69 14.02
N ASN K 46 -8.32 -20.09 12.91
CA ASN K 46 -7.45 -19.38 11.99
C ASN K 46 -7.59 -17.88 12.22
N PHE K 47 -6.46 -17.19 12.36
CA PHE K 47 -6.43 -15.74 12.52
C PHE K 47 -5.71 -15.15 11.31
N ARG K 48 -6.46 -14.83 10.26
CA ARG K 48 -5.90 -14.30 9.02
C ARG K 48 -5.24 -12.95 9.21
N GLU K 49 -5.50 -12.27 10.32
CA GLU K 49 -5.00 -10.93 10.57
C GLU K 49 -3.93 -10.87 11.65
N ILE K 50 -3.65 -11.97 12.36
CA ILE K 50 -2.72 -11.91 13.48
C ILE K 50 -1.44 -12.64 13.08
N PRO K 51 -0.31 -11.96 12.95
CA PRO K 51 0.93 -12.65 12.58
C PRO K 51 1.54 -13.40 13.76
N SER K 52 2.50 -14.26 13.42
CA SER K 52 3.06 -15.18 14.41
C SER K 52 3.80 -14.42 15.51
N HIS K 53 4.47 -13.32 15.19
CA HIS K 53 5.18 -12.62 16.25
C HIS K 53 4.23 -11.97 17.27
N VAL K 54 2.95 -11.84 16.94
CA VAL K 54 1.93 -11.40 17.88
C VAL K 54 1.25 -12.59 18.54
N LEU K 55 0.86 -13.57 17.73
CA LEU K 55 0.09 -14.70 18.26
C LEU K 55 0.91 -15.52 19.24
N SER K 56 2.22 -15.63 19.02
CA SER K 56 3.03 -16.35 19.98
C SER K 56 3.00 -15.64 21.32
N LYS K 57 3.01 -14.30 21.33
CA LYS K 57 2.97 -13.54 22.58
C LYS K 57 1.63 -13.71 23.29
N VAL K 58 0.55 -13.79 22.51
CA VAL K 58 -0.77 -14.03 23.06
C VAL K 58 -0.79 -15.36 23.82
N CYS K 59 -0.18 -16.38 23.23
CA CYS K 59 -0.09 -17.69 23.89
C CYS K 59 0.70 -17.61 25.19
N MET K 60 1.79 -16.86 25.19
CA MET K 60 2.53 -16.69 26.44
C MET K 60 1.69 -15.96 27.48
N TYR K 61 0.85 -15.03 27.04
CA TYR K 61 -0.04 -14.33 27.96
C TYR K 61 -1.02 -15.31 28.61
N PHE K 62 -1.61 -16.21 27.81
CA PHE K 62 -2.47 -17.25 28.38
C PHE K 62 -1.74 -18.00 29.48
N THR K 63 -0.52 -18.45 29.20
CA THR K 63 0.25 -19.21 30.18
C THR K 63 0.47 -18.41 31.45
N TYR K 64 0.86 -17.15 31.28
CA TYR K 64 1.10 -16.25 32.40
C TYR K 64 -0.16 -16.03 33.21
N LYS K 65 -1.25 -15.75 32.51
CA LYS K 65 -2.51 -15.47 33.20
C LYS K 65 -2.96 -16.67 34.01
N VAL K 66 -2.90 -17.87 33.42
CA VAL K 66 -3.31 -19.06 34.17
C VAL K 66 -2.38 -19.29 35.35
N ARG K 67 -1.07 -19.12 35.16
CA ARG K 67 -0.14 -19.37 36.25
C ARG K 67 -0.36 -18.41 37.42
N TYR K 68 -0.61 -17.13 37.14
CA TYR K 68 -0.54 -16.13 38.21
C TYR K 68 -1.90 -15.65 38.69
N THR K 69 -3.00 -16.09 38.10
CA THR K 69 -4.30 -15.74 38.62
C THR K 69 -4.60 -16.53 39.89
N ASN K 70 -5.04 -15.81 40.93
CA ASN K 70 -5.38 -16.42 42.23
C ASN K 70 -4.20 -17.18 42.80
N SER K 71 -3.02 -16.56 42.77
CA SER K 71 -1.83 -17.14 43.37
C SER K 71 -1.03 -16.05 44.07
N SER K 72 0.07 -16.51 44.68
CA SER K 72 1.06 -15.71 45.41
C SER K 72 1.98 -16.68 46.15
N THR K 73 3.25 -16.87 45.77
CA THR K 73 4.07 -16.31 44.65
C THR K 73 3.85 -14.89 44.07
N GLU K 74 4.91 -14.10 44.14
CA GLU K 74 4.88 -12.71 43.67
C GLU K 74 4.76 -12.67 42.16
N ILE K 75 3.87 -11.83 41.65
CA ILE K 75 3.55 -11.79 40.23
C ILE K 75 4.57 -10.90 39.53
N PRO K 76 5.24 -11.39 38.50
CA PRO K 76 6.15 -10.55 37.72
C PRO K 76 5.42 -9.79 36.63
N GLU K 77 6.10 -8.79 36.07
CA GLU K 77 5.53 -8.03 34.97
C GLU K 77 5.42 -8.90 33.73
N PHE K 78 4.34 -8.70 32.96
CA PHE K 78 4.28 -9.31 31.63
C PHE K 78 5.00 -8.42 30.63
N PRO K 79 6.07 -8.90 30.00
CA PRO K 79 6.90 -8.04 29.15
C PRO K 79 6.36 -7.97 27.73
N ILE K 80 6.46 -6.79 27.13
CA ILE K 80 5.99 -6.58 25.76
C ILE K 80 7.03 -5.70 25.07
N ALA K 81 7.71 -6.24 24.06
CA ALA K 81 8.71 -5.44 23.34
C ALA K 81 8.03 -4.26 22.64
N PRO K 82 8.70 -3.11 22.57
CA PRO K 82 8.06 -1.95 21.89
C PRO K 82 7.64 -2.24 20.46
N GLU K 83 8.41 -3.05 19.72
CA GLU K 83 8.12 -3.24 18.30
C GLU K 83 6.84 -4.05 18.06
N ILE K 84 6.34 -4.77 19.05
CA ILE K 84 5.12 -5.56 18.87
C ILE K 84 3.91 -4.98 19.59
N ALA K 85 4.11 -3.96 20.44
CA ALA K 85 3.05 -3.47 21.32
C ALA K 85 1.78 -3.08 20.56
N LEU K 86 1.93 -2.40 19.43
CA LEU K 86 0.76 -1.90 18.70
C LEU K 86 -0.08 -3.04 18.15
N GLU K 87 0.55 -4.00 17.47
CA GLU K 87 -0.21 -5.12 16.92
C GLU K 87 -0.76 -6.02 18.03
N LEU K 88 -0.02 -6.16 19.12
CA LEU K 88 -0.53 -6.94 20.25
C LEU K 88 -1.76 -6.27 20.85
N LEU K 89 -1.75 -4.93 20.93
CA LEU K 89 -2.95 -4.21 21.39
C LEU K 89 -4.15 -4.52 20.51
N MET K 90 -3.95 -4.51 19.18
CA MET K 90 -5.05 -4.83 18.27
C MET K 90 -5.53 -6.28 18.47
N ALA K 91 -4.60 -7.23 18.58
CA ALA K 91 -5.00 -8.61 18.82
C ALA K 91 -5.74 -8.75 20.14
N ALA K 92 -5.23 -8.11 21.19
CA ALA K 92 -5.86 -8.21 22.50
C ALA K 92 -7.27 -7.62 22.47
N ASN K 93 -7.45 -6.51 21.77
CA ASN K 93 -8.77 -5.91 21.64
C ASN K 93 -9.75 -6.92 21.06
N PHE K 94 -9.36 -7.59 19.97
CA PHE K 94 -10.25 -8.53 19.31
C PHE K 94 -10.51 -9.77 20.17
N LEU K 95 -9.47 -10.28 20.84
CA LEU K 95 -9.60 -11.53 21.56
C LEU K 95 -10.32 -11.39 22.90
N ASP K 96 -10.62 -10.15 23.33
CA ASP K 96 -11.19 -9.91 24.66
C ASP K 96 -10.23 -10.51 25.68
N CYS K 97 -8.99 -10.07 25.56
CA CYS K 97 -7.86 -10.67 26.21
C CYS K 97 -7.25 -9.74 27.26
N VAL L 11 -18.89 8.50 50.72
CA VAL L 11 -19.14 7.09 51.02
C VAL L 11 -17.81 6.36 51.26
N LEU L 12 -16.88 6.42 50.30
CA LEU L 12 -15.55 5.85 50.49
C LEU L 12 -14.67 6.92 51.13
N ARG L 13 -14.54 6.86 52.44
CA ARG L 13 -13.82 7.86 53.20
C ARG L 13 -13.26 7.19 54.45
N SER L 14 -12.17 7.72 54.95
CA SER L 14 -11.67 7.27 56.24
C SER L 14 -12.64 7.64 57.36
N VAL L 15 -12.72 6.75 58.34
CA VAL L 15 -13.45 6.99 59.59
C VAL L 15 -12.50 7.64 60.59
N ASN L 16 -12.92 8.75 61.19
CA ASN L 16 -12.07 9.50 62.13
C ASN L 16 -12.11 8.84 63.51
N SER L 17 -11.53 7.64 63.56
CA SER L 17 -11.55 6.83 64.78
C SER L 17 -10.59 7.36 65.83
N ARG L 18 -9.50 8.00 65.43
CA ARG L 18 -8.41 8.39 66.30
C ARG L 18 -7.82 7.21 67.08
N GLU L 19 -7.96 5.98 66.58
CA GLU L 19 -7.38 4.82 67.24
C GLU L 19 -6.17 4.32 66.44
N PRO L 20 -4.95 4.46 66.96
CA PRO L 20 -3.76 4.11 66.17
C PRO L 20 -3.75 2.66 65.71
N SER L 21 -3.13 2.44 64.53
CA SER L 21 -2.92 1.13 63.96
C SER L 21 -1.58 1.14 63.23
N GLN L 22 -0.68 0.25 63.61
CA GLN L 22 0.65 0.16 63.01
C GLN L 22 0.59 -0.75 61.78
N VAL L 23 1.16 -0.28 60.69
CA VAL L 23 1.02 -0.91 59.38
C VAL L 23 2.38 -0.95 58.71
N ILE L 24 2.62 -2.00 57.95
CA ILE L 24 3.78 -2.05 57.08
C ILE L 24 3.27 -2.04 55.65
N PHE L 25 3.65 -1.02 54.89
CA PHE L 25 3.46 -1.00 53.43
C PHE L 25 4.61 -1.82 52.86
N ASN L 27 6.03 -3.22 49.33
CA ASN L 27 5.91 -3.17 47.88
C ASN L 27 6.46 -4.45 47.24
N ARG L 28 5.58 -5.42 47.02
CA ARG L 28 5.95 -6.67 46.37
C ARG L 28 5.67 -6.62 44.88
N SER L 29 5.89 -5.49 44.25
CA SER L 29 5.63 -5.27 42.84
C SER L 29 6.90 -4.70 42.24
N PRO L 30 7.04 -4.73 40.91
CA PRO L 30 8.18 -4.08 40.27
C PRO L 30 7.96 -2.60 39.98
N ARG L 31 6.87 -1.99 40.45
CA ARG L 31 6.59 -0.57 40.19
C ARG L 31 6.98 0.32 41.38
N VAL L 32 7.23 1.59 41.09
CA VAL L 32 7.25 2.58 42.16
C VAL L 32 5.82 2.82 42.61
N VAL L 33 5.57 2.70 43.92
CA VAL L 33 4.21 2.70 44.44
C VAL L 33 3.88 4.03 45.10
N LEU L 34 2.72 4.58 44.74
CA LEU L 34 2.16 5.75 45.38
C LEU L 34 1.07 5.28 46.33
N PRO L 35 1.25 5.36 47.65
CA PRO L 35 0.13 5.12 48.57
C PRO L 35 -0.77 6.34 48.60
N VAL L 36 -2.06 6.09 48.69
CA VAL L 36 -3.07 7.13 48.65
C VAL L 36 -4.01 6.92 49.83
N TRP L 37 -4.07 7.90 50.72
CA TRP L 37 -5.00 7.86 51.84
C TRP L 37 -6.26 8.59 51.43
N LEU L 38 -7.41 7.98 51.68
CA LEU L 38 -8.68 8.68 51.45
C LEU L 38 -9.02 9.47 52.70
N ASN L 39 -9.07 10.80 52.60
CA ASN L 39 -9.25 11.58 53.83
C ASN L 39 -10.70 11.54 54.30
N PHE L 40 -11.01 12.30 55.36
CA PHE L 40 -12.34 12.22 55.97
C PHE L 40 -13.45 12.74 55.08
N ASP L 41 -13.12 13.51 54.05
CA ASP L 41 -14.06 13.93 53.01
C ASP L 41 -14.06 13.01 51.81
N GLY L 42 -13.27 11.93 51.81
CA GLY L 42 -13.17 11.08 50.64
C GLY L 42 -12.21 11.57 49.58
N GLU L 43 -11.43 12.62 49.87
CA GLU L 43 -10.47 13.14 48.90
C GLU L 43 -9.17 12.33 48.98
N PRO L 44 -8.62 11.89 47.84
CA PRO L 44 -7.36 11.13 47.87
C PRO L 44 -6.17 12.01 48.23
N GLN L 45 -5.35 11.54 49.16
CA GLN L 45 -4.17 12.28 49.59
C GLN L 45 -2.93 11.43 49.33
N PRO L 46 -2.01 11.86 48.48
CA PRO L 46 -0.81 11.06 48.23
C PRO L 46 0.15 11.15 49.41
N TYR L 47 0.88 10.03 49.62
CA TYR L 47 1.92 9.89 50.65
C TYR L 47 3.21 9.53 49.93
N PRO L 48 4.39 9.59 50.57
CA PRO L 48 5.65 9.34 49.85
C PRO L 48 5.70 7.97 49.17
N THR L 49 6.32 7.93 47.99
CA THR L 49 6.36 6.72 47.17
C THR L 49 7.31 5.69 47.76
N LEU L 50 7.08 4.44 47.35
CA LEU L 50 7.89 3.29 47.78
C LEU L 50 8.56 2.71 46.56
N PRO L 51 9.90 2.64 46.52
CA PRO L 51 10.58 1.95 45.43
C PRO L 51 10.22 0.47 45.42
N PRO L 52 10.36 -0.19 44.27
CA PRO L 52 10.06 -1.62 44.17
C PRO L 52 10.85 -2.45 45.18
N GLY L 53 10.21 -3.48 45.71
CA GLY L 53 10.89 -4.37 46.64
C GLY L 53 11.23 -3.76 47.99
N THR L 54 10.65 -2.62 48.35
CA THR L 54 10.95 -1.98 49.63
C THR L 54 9.71 -1.96 50.52
N GLY L 55 9.94 -1.78 51.82
CA GLY L 55 8.88 -1.72 52.79
C GLY L 55 8.99 -0.45 53.62
N ARG L 56 7.90 -0.12 54.32
CA ARG L 56 7.88 1.08 55.13
C ARG L 56 6.88 0.92 56.27
N ARG L 57 7.31 1.26 57.48
CA ARG L 57 6.43 1.20 58.63
C ARG L 57 5.64 2.50 58.72
N ILE L 58 4.33 2.39 58.94
CA ILE L 58 3.38 3.50 58.80
C ILE L 58 2.53 3.56 60.05
N HIS L 59 2.31 4.79 60.57
CA HIS L 59 1.37 5.01 61.68
C HIS L 59 0.02 5.42 61.08
N SER L 60 -0.94 4.51 61.12
CA SER L 60 -2.24 4.87 60.55
C SER L 60 -3.28 4.70 61.66
N TYR L 61 -4.54 4.54 61.31
CA TYR L 61 -5.62 4.54 62.29
C TYR L 61 -6.65 3.50 61.86
N ARG L 62 -7.32 2.91 62.84
CA ARG L 62 -8.38 1.95 62.53
C ARG L 62 -9.47 2.61 61.68
N GLY L 63 -9.90 1.90 60.65
CA GLY L 63 -10.96 2.42 59.80
C GLY L 63 -10.52 3.44 58.78
N HIS L 64 -9.23 3.76 58.71
CA HIS L 64 -8.76 4.61 57.63
C HIS L 64 -8.74 3.78 56.33
N LEU L 65 -8.73 4.45 55.17
CA LEU L 65 -8.80 3.77 53.87
C LEU L 65 -7.59 4.14 53.01
N TRP L 66 -6.94 3.14 52.38
CA TRP L 66 -5.75 3.36 51.57
C TRP L 66 -5.91 2.64 50.26
N LEU L 67 -5.38 3.21 49.19
CA LEU L 67 -5.23 2.46 47.95
C LEU L 67 -3.84 2.74 47.41
N PHE L 68 -3.44 1.96 46.40
CA PHE L 68 -2.05 2.00 45.98
C PHE L 68 -2.02 2.00 44.46
N ARG L 69 -1.13 2.84 43.91
N ARG L 69 -1.16 2.84 43.89
CA ARG L 69 -1.04 3.09 42.48
CA ARG L 69 -1.10 2.97 42.44
C ARG L 69 0.41 3.03 42.04
C ARG L 69 0.35 3.11 42.02
N ASP L 70 0.60 2.85 40.73
CA ASP L 70 1.88 3.16 40.13
C ASP L 70 2.10 4.67 40.18
N ALA L 71 3.23 5.09 40.75
CA ALA L 71 3.46 6.52 41.00
C ALA L 71 3.57 7.34 39.72
N GLY L 72 4.04 6.71 38.65
CA GLY L 72 4.30 7.40 37.39
C GLY L 72 3.12 7.44 36.44
N THR L 73 2.35 6.35 36.40
CA THR L 73 1.28 6.18 35.45
C THR L 73 -0.10 6.10 36.09
N HIS L 74 -0.16 5.92 37.42
CA HIS L 74 -1.40 5.69 38.15
C HIS L 74 -2.08 4.38 37.77
N ASP L 75 -1.36 3.40 37.19
CA ASP L 75 -1.94 2.06 37.03
C ASP L 75 -2.40 1.55 38.38
N GLY L 76 -3.52 0.82 38.38
CA GLY L 76 -4.04 0.29 39.64
C GLY L 76 -3.17 -0.86 40.14
N LEU L 77 -3.01 -0.94 41.47
CA LEU L 77 -2.28 -2.03 42.10
C LEU L 77 -3.18 -2.68 43.15
N LEU L 78 -2.83 -3.89 43.56
CA LEU L 78 -3.59 -4.61 44.57
C LEU L 78 -2.88 -4.49 45.91
N VAL L 79 -3.67 -4.57 46.98
CA VAL L 79 -3.13 -4.61 48.33
C VAL L 79 -3.84 -5.73 49.09
N ASN L 80 -3.06 -6.69 49.58
CA ASN L 80 -3.65 -7.91 50.17
C ASN L 80 -4.72 -8.48 49.25
N GLN L 81 -4.41 -8.47 47.96
CA GLN L 81 -5.21 -9.04 46.88
C GLN L 81 -6.54 -8.33 46.61
N THR L 82 -6.76 -7.11 47.12
CA THR L 82 -7.99 -6.40 46.79
C THR L 82 -7.64 -4.92 46.52
N GLU L 83 -8.67 -4.09 46.38
CA GLU L 83 -8.43 -2.72 45.95
C GLU L 83 -8.18 -1.75 47.11
N LEU L 84 -8.78 -1.98 48.26
CA LEU L 84 -8.65 -1.04 49.38
C LEU L 84 -8.04 -1.73 50.59
N PHE L 85 -7.27 -0.99 51.36
CA PHE L 85 -6.66 -1.51 52.57
C PHE L 85 -7.18 -0.70 53.75
N VAL L 86 -7.72 -1.40 54.76
CA VAL L 86 -8.24 -0.72 55.94
C VAL L 86 -7.46 -1.18 57.17
N PRO L 87 -6.65 -0.33 57.81
CA PRO L 87 -5.94 -0.76 59.02
C PRO L 87 -6.93 -1.18 60.10
N SER L 88 -6.58 -2.24 60.80
CA SER L 88 -7.41 -2.78 61.86
C SER L 88 -6.66 -2.71 63.18
N LEU L 89 -7.27 -3.25 64.23
CA LEU L 89 -6.66 -3.25 65.55
C LEU L 89 -5.46 -4.20 65.54
N ASN L 90 -4.33 -3.76 66.10
CA ASN L 90 -3.14 -4.62 66.18
C ASN L 90 -3.36 -5.69 67.23
N VAL L 91 -4.31 -6.60 66.98
CA VAL L 91 -4.69 -7.60 67.96
C VAL L 91 -3.70 -8.76 67.94
N ASP L 92 -2.43 -8.47 68.25
CA ASP L 92 -1.40 -9.51 68.35
C ASP L 92 -0.10 -8.97 68.91
N GLY L 93 0.00 -7.66 69.09
CA GLY L 93 1.30 -7.06 69.33
C GLY L 93 2.14 -6.96 68.08
N GLN L 94 1.52 -7.02 66.91
CA GLN L 94 2.10 -7.18 65.58
C GLN L 94 1.55 -6.13 64.65
N PRO L 95 2.38 -5.51 63.80
CA PRO L 95 1.85 -4.60 62.78
C PRO L 95 1.10 -5.38 61.71
N ILE L 96 0.18 -4.67 61.03
CA ILE L 96 -0.57 -5.24 59.91
C ILE L 96 0.19 -4.97 58.62
N PHE L 97 0.43 -6.01 57.84
CA PHE L 97 1.10 -5.89 56.55
C PHE L 97 0.09 -5.54 55.45
N ALA L 98 0.44 -4.53 54.66
CA ALA L 98 -0.28 -4.17 53.45
C ALA L 98 0.63 -4.63 52.31
N ASN L 99 0.36 -5.81 51.77
CA ASN L 99 1.19 -6.40 50.74
C ASN L 99 0.69 -5.89 49.39
N ILE L 100 1.49 -5.04 48.75
CA ILE L 100 1.13 -4.39 47.49
C ILE L 100 1.71 -5.22 46.34
N THR L 101 0.87 -5.64 45.39
CA THR L 101 1.31 -6.49 44.30
C THR L 101 0.80 -5.97 42.97
N LEU L 102 1.42 -6.45 41.89
CA LEU L 102 0.83 -6.27 40.57
C LEU L 102 -0.42 -7.13 40.43
N PRO L 103 -1.49 -6.59 39.86
CA PRO L 103 -2.57 -7.45 39.39
C PRO L 103 -2.09 -8.19 38.16
N VAL L 104 -2.84 -9.23 37.81
CA VAL L 104 -2.75 -9.81 36.47
C VAL L 104 -3.61 -8.91 35.58
N TYR L 105 -2.99 -7.93 34.96
CA TYR L 105 -3.72 -7.07 34.06
C TYR L 105 -4.24 -7.86 32.87
N THR L 106 -5.37 -7.44 32.30
CA THR L 106 -5.75 -7.99 31.01
C THR L 106 -4.65 -7.68 30.00
N LEU L 107 -4.51 -8.55 28.99
CA LEU L 107 -3.52 -8.28 27.96
C LEU L 107 -3.76 -6.92 27.31
N LYS L 108 -5.02 -6.57 27.04
CA LYS L 108 -5.32 -5.27 26.44
C LYS L 108 -4.83 -4.12 27.33
N GLU L 109 -5.14 -4.17 28.62
CA GLU L 109 -4.68 -3.11 29.51
C GLU L 109 -3.16 -3.04 29.57
N ARG L 110 -2.50 -4.20 29.56
CA ARG L 110 -1.04 -4.20 29.57
C ARG L 110 -0.48 -3.55 28.31
N CYS L 111 -1.09 -3.85 27.14
CA CYS L 111 -0.64 -3.23 25.89
C CYS L 111 -0.83 -1.71 25.93
N LEU L 112 -1.98 -1.27 26.43
CA LEU L 112 -2.23 0.16 26.60
C LEU L 112 -1.16 0.79 27.48
N GLN L 113 -0.77 0.10 28.58
CA GLN L 113 0.27 0.61 29.46
C GLN L 113 1.56 0.82 28.69
N VAL L 114 1.94 -0.18 27.89
CA VAL L 114 3.20 -0.09 27.18
C VAL L 114 3.14 0.98 26.10
N VAL L 115 2.02 1.06 25.38
CA VAL L 115 1.93 2.07 24.33
C VAL L 115 1.98 3.47 24.93
N ARG L 116 1.24 3.69 26.04
CA ARG L 116 1.28 4.99 26.72
C ARG L 116 2.68 5.32 27.20
N SER L 117 3.43 4.31 27.65
CA SER L 117 4.79 4.54 28.12
C SER L 117 5.72 4.95 26.98
N LEU L 118 5.34 4.68 25.72
CA LEU L 118 6.21 4.94 24.58
C LEU L 118 5.82 6.14 23.74
N VAL L 119 4.57 6.60 23.81
CA VAL L 119 4.05 7.62 22.91
C VAL L 119 3.57 8.82 23.72
N LYS L 120 4.01 10.00 23.33
CA LYS L 120 3.53 11.18 24.04
C LYS L 120 2.04 11.37 23.77
N PRO L 121 1.27 11.83 24.75
CA PRO L 121 -0.17 11.94 24.53
C PRO L 121 -0.50 12.80 23.32
N GLU L 122 0.38 13.75 23.00
CA GLU L 122 0.26 14.55 21.78
C GLU L 122 0.12 13.67 20.54
N ASN L 123 0.78 12.51 20.53
CA ASN L 123 0.95 11.69 19.34
C ASN L 123 0.04 10.47 19.28
N TYR L 124 -0.90 10.32 20.23
CA TYR L 124 -1.80 9.17 20.18
C TYR L 124 -2.57 9.13 18.86
N ARG L 125 -3.00 10.31 18.37
CA ARG L 125 -3.80 10.39 17.16
C ARG L 125 -3.01 10.11 15.89
N ARG L 126 -1.68 10.12 15.97
CA ARG L 126 -0.81 9.78 14.86
C ARG L 126 -0.50 8.28 14.78
N LEU L 127 -1.16 7.45 15.60
CA LEU L 127 -0.97 6.00 15.55
C LEU L 127 -2.03 5.40 14.63
N ASP L 128 -1.64 4.40 13.86
CA ASP L 128 -2.54 3.81 12.86
C ASP L 128 -3.34 2.71 13.54
N ILE L 129 -4.41 3.12 14.23
CA ILE L 129 -5.29 2.21 14.95
C ILE L 129 -6.70 2.75 14.86
N VAL L 130 -7.67 1.89 15.14
CA VAL L 130 -9.07 2.30 15.10
C VAL L 130 -9.31 3.33 16.20
N ARG L 131 -10.32 4.19 15.97
CA ARG L 131 -10.53 5.32 16.87
C ARG L 131 -10.82 4.87 18.29
N SER L 132 -11.52 3.73 18.45
CA SER L 132 -11.85 3.27 19.79
C SER L 132 -10.61 2.92 20.58
N LEU L 133 -9.55 2.46 19.91
CA LEU L 133 -8.28 2.23 20.61
C LEU L 133 -7.59 3.54 20.93
N TYR L 134 -7.81 4.57 20.11
CA TYR L 134 -7.30 5.90 20.43
C TYR L 134 -7.97 6.45 21.69
N GLU L 135 -9.27 6.17 21.87
CA GLU L 135 -9.95 6.62 23.08
C GLU L 135 -9.54 5.80 24.29
N ASP L 136 -9.33 4.49 24.11
CA ASP L 136 -8.78 3.68 25.20
C ASP L 136 -7.42 4.22 25.66
N LEU L 137 -6.56 4.60 24.72
CA LEU L 137 -5.25 5.14 25.09
C LEU L 137 -5.41 6.41 25.92
N GLU L 138 -6.36 7.26 25.53
CA GLU L 138 -6.56 8.54 26.19
C GLU L 138 -7.18 8.40 27.57
N ASP L 139 -7.93 7.32 27.80
CA ASP L 139 -8.58 7.10 29.09
C ASP L 139 -7.55 6.55 30.11
N HIS L 140 -6.66 7.45 30.57
CA HIS L 140 -5.60 7.10 31.51
C HIS L 140 -6.18 6.62 32.84
N PRO L 141 -5.53 5.64 33.50
CA PRO L 141 -5.93 5.26 34.85
C PRO L 141 -6.01 6.50 35.74
N ASN L 142 -7.01 6.53 36.61
CA ASN L 142 -7.37 7.78 37.28
C ASN L 142 -8.04 7.41 38.61
N VAL L 143 -7.44 7.86 39.71
CA VAL L 143 -7.93 7.46 41.04
C VAL L 143 -9.37 7.91 41.21
N GLN L 144 -9.68 9.14 40.81
CA GLN L 144 -11.00 9.69 41.06
C GLN L 144 -12.06 8.91 40.29
N LYS L 145 -11.76 8.52 39.05
CA LYS L 145 -12.68 7.63 38.30
C LYS L 145 -12.83 6.29 39.00
N ASP L 146 -11.73 5.68 39.43
CA ASP L 146 -11.84 4.40 40.13
C ASP L 146 -12.65 4.53 41.41
N LEU L 147 -12.45 5.63 42.12
CA LEU L 147 -13.24 5.84 43.34
C LEU L 147 -14.72 5.95 43.00
N GLU L 148 -15.05 6.63 41.89
CA GLU L 148 -16.44 6.66 41.42
C GLU L 148 -16.93 5.26 41.10
N ARG L 149 -16.11 4.46 40.42
CA ARG L 149 -16.49 3.10 40.06
C ARG L 149 -16.73 2.27 41.33
N LEU L 150 -15.72 2.18 42.20
CA LEU L 150 -15.87 1.55 43.51
C LEU L 150 -17.13 1.97 44.24
N THR L 151 -17.47 3.26 44.22
CA THR L 151 -18.64 3.72 44.96
C THR L 151 -19.93 3.15 44.37
N GLN L 152 -20.02 3.05 43.03
CA GLN L 152 -21.23 2.50 42.42
C GLN L 152 -21.51 1.09 42.90
N GLU L 153 -20.47 0.31 43.18
CA GLU L 153 -20.63 -1.00 43.79
C GLU L 153 -21.16 -0.85 45.22
N ARG L 154 -22.48 -0.81 45.34
CA ARG L 154 -23.19 -0.61 46.61
C ARG L 154 -24.69 -0.58 46.33
#